data_9P1M
#
_entry.id   9P1M
#
_cell.length_a   1.00
_cell.length_b   1.00
_cell.length_c   1.00
_cell.angle_alpha   90.00
_cell.angle_beta   90.00
_cell.angle_gamma   90.00
#
_symmetry.space_group_name_H-M   'P 1'
#
loop_
_entity.id
_entity.type
_entity.pdbx_description
1 polymer "5'-nucleotidase"
2 polymer 'Antibody Light Chain'
3 polymer 'Antibody Heavy Chain'
4 non-polymer 2-acetamido-2-deoxy-beta-D-glucopyranose
5 non-polymer 'ZINC ION'
#
loop_
_entity_poly.entity_id
_entity_poly.type
_entity_poly.pdbx_seq_one_letter_code
_entity_poly.pdbx_strand_id
1 'polypeptide(L)'
;AWELTILHTNDVHSRLEQTSEDSSKCVNASRCMGGVARLFTKVQQIRRAEPNVLLLDAGDQYQGTIWFTVYKGAEVAHFM
NALRYDAMALGNHEFDNGVEGLIEPLLKEAKFPILSANIKAKGPLASQISGLYLPYKVLPVGDEVVGIVGYTSKETPFLS
NPGTNLVFEDEITALQPEVDKLKTLNVNKIIALGHSGFEMDKLIAQKVRGVDVVVGGHSNTFLYTGNPPSKEVPAGKYPF
IVTSDDGRKVPVVQAYAFGKYLGYLKIEFDERGNVISSHGNPILLNSSIPEDPSIKADINKWRIKLDNYSTQELGKTIVY
LDGSSQSCRFRECNMGNLICDAMINNNLRHTDEMFWNHVSMCILNGGGIRSPIDERNNGTITWENLAAVLPFGGTFDLVQ
LKGSTLKKAFEHSVHRYGQSTGEFLQVGGIHVVYDLSRKPGDRVVKLDVLCTKCRVPSYDPLKMDEVYKVILPNFLANGG
DGFQMIKDELLRHDSGDQDINVVSTYISKMKVIYPAVEGRIKFSLEGSGSHHHHHH
;
A,B
2 'polypeptide(L)'
;DIQMTQSPSSVSASVGDRVTITCRATQGISRRLAWYQQKPGKAPKLLIYAASSLQSGVPSRFSGSGSGTDFTLTISSLQP
EDFATYYCQQANSFPLTFGGGTKVEIKRTVAAPSVFIFPPSDEQLKSGTASVVCLLNNFYPREAKVQWKVDNALQSGNSQ
ESVTEQDSKDSTYSLSSTLTLSKADYEKHKVYACEVTHQGLSSPVTKSFNRGEC
;
C,E
3 'polypeptide(L)'
;EVQLVESGGGLVQPGRSLRLSCAASGFTFDDFAMHWVRQAPGKGLEWVSGISWNSGNIGYADSVKGRFTISRDNAKNSLY
LQMNSLRAEDTALYYCAKDKSGSPYYYYGMDVWGQGTMVTVSSASTKGPSVFPLAPSSKSTSGGTAALGCLVKDYFPEPV
TVSWNSGALTSGVHTFPAVLQSSGLYSLSSVVTVPSSSLGTQTYICNVNHKPSNTKVDKRVEPKSCDKTHTCPPCPAPEA
AGGPSVFLFPPKPKDTLMISRTPEVTCVVVDVSHEDPEVKFNWYVDGVEVHNAKTKPREEQYNSTYRVVSVLTVLHQDWL
NGKEYKCKVSNKALPAPIEKTISKAKGQPREPQVYTLPPSREEMTKNQVSLTCLVKGFYPSDIAVEWESNGQPENNYKTT
PPVLDSDGSFFLYSKLTVDKSRWQQGNVFSCSVMHEALHNHYTQKSLSLSPGK
;
D,F
#
# COMPACT_ATOMS: atom_id res chain seq x y z
N TRP A 2 -52.17 -18.90 2.32
CA TRP A 2 -50.95 -18.22 1.89
C TRP A 2 -50.19 -19.10 0.90
N GLU A 3 -49.41 -18.46 0.02
CA GLU A 3 -48.68 -19.16 -1.02
C GLU A 3 -47.26 -18.61 -1.08
N LEU A 4 -46.28 -19.49 -0.96
CA LEU A 4 -44.88 -19.10 -0.92
C LEU A 4 -44.13 -19.80 -2.04
N THR A 5 -43.25 -19.07 -2.71
CA THR A 5 -42.43 -19.62 -3.79
C THR A 5 -40.98 -19.63 -3.33
N ILE A 6 -40.48 -20.80 -2.98
CA ILE A 6 -39.08 -20.96 -2.62
C ILE A 6 -38.28 -21.20 -3.89
N LEU A 7 -37.44 -20.23 -4.24
CA LEU A 7 -36.39 -20.42 -5.22
C LEU A 7 -35.11 -20.74 -4.47
N HIS A 8 -34.42 -21.80 -4.88
CA HIS A 8 -33.23 -22.17 -4.13
C HIS A 8 -32.15 -22.71 -5.06
N THR A 9 -30.90 -22.51 -4.63
CA THR A 9 -29.73 -23.03 -5.30
C THR A 9 -28.80 -23.61 -4.25
N ASN A 10 -27.99 -24.59 -4.65
CA ASN A 10 -27.07 -25.22 -3.73
C ASN A 10 -25.88 -25.76 -4.52
N ASP A 11 -24.72 -25.75 -3.86
CA ASP A 11 -23.50 -26.33 -4.42
C ASP A 11 -23.15 -25.70 -5.76
N VAL A 12 -23.34 -24.38 -5.85
CA VAL A 12 -23.01 -23.66 -7.07
C VAL A 12 -21.53 -23.75 -7.36
N HIS A 13 -20.69 -23.62 -6.33
CA HIS A 13 -19.24 -23.75 -6.46
C HIS A 13 -18.68 -22.70 -7.42
N SER A 14 -18.99 -21.44 -7.13
CA SER A 14 -18.48 -20.28 -7.86
C SER A 14 -18.62 -20.45 -9.38
N ARG A 15 -19.75 -21.02 -9.82
CA ARG A 15 -20.04 -21.13 -11.23
C ARG A 15 -20.72 -19.85 -11.72
N LEU A 16 -19.97 -18.75 -11.74
CA LEU A 16 -20.55 -17.46 -12.10
C LEU A 16 -20.89 -17.38 -13.58
N GLU A 17 -20.05 -17.93 -14.44
CA GLU A 17 -20.33 -17.90 -15.86
C GLU A 17 -21.16 -19.10 -16.27
N GLN A 18 -21.71 -19.01 -17.48
CA GLN A 18 -22.40 -20.16 -18.05
C GLN A 18 -21.40 -21.28 -18.33
N THR A 19 -21.86 -22.51 -18.10
CA THR A 19 -21.04 -23.69 -18.25
C THR A 19 -21.66 -24.58 -19.33
N SER A 20 -20.99 -25.69 -19.61
CA SER A 20 -21.52 -26.64 -20.58
C SER A 20 -22.62 -27.48 -19.95
N GLU A 21 -23.06 -28.50 -20.69
CA GLU A 21 -24.04 -29.43 -20.15
C GLU A 21 -23.48 -30.21 -18.97
N ASP A 22 -22.21 -30.57 -19.02
CA ASP A 22 -21.53 -31.27 -17.94
C ASP A 22 -20.88 -30.31 -16.94
N SER A 23 -21.33 -29.06 -16.89
CA SER A 23 -20.85 -28.04 -15.96
C SER A 23 -19.37 -27.74 -16.12
N SER A 24 -18.78 -28.02 -17.28
CA SER A 24 -17.39 -27.67 -17.54
C SER A 24 -17.32 -26.29 -18.19
N LYS A 25 -16.14 -25.96 -18.73
CA LYS A 25 -15.98 -24.68 -19.41
C LYS A 25 -16.90 -24.62 -20.62
N CYS A 26 -17.47 -23.43 -20.85
CA CYS A 26 -18.43 -23.23 -21.92
C CYS A 26 -17.69 -23.06 -23.24
N VAL A 27 -17.86 -24.02 -24.15
CA VAL A 27 -17.23 -23.96 -25.46
C VAL A 27 -18.22 -23.38 -26.46
N ASN A 28 -19.36 -24.05 -26.61
CA ASN A 28 -20.42 -23.60 -27.51
C ASN A 28 -21.41 -22.76 -26.71
N ALA A 29 -21.35 -21.44 -26.89
CA ALA A 29 -22.19 -20.53 -26.12
C ALA A 29 -23.67 -20.67 -26.46
N SER A 30 -24.01 -21.32 -27.56
CA SER A 30 -25.41 -21.52 -27.93
C SER A 30 -26.04 -22.73 -27.24
N ARG A 31 -25.24 -23.53 -26.54
CA ARG A 31 -25.73 -24.72 -25.85
C ARG A 31 -25.14 -24.79 -24.44
N CYS A 32 -25.18 -23.68 -23.71
CA CYS A 32 -24.57 -23.59 -22.40
C CYS A 32 -25.61 -23.24 -21.34
N MET A 33 -25.45 -23.84 -20.17
CA MET A 33 -26.38 -23.72 -19.06
C MET A 33 -25.80 -22.85 -17.96
N GLY A 34 -26.63 -22.54 -16.98
CA GLY A 34 -26.16 -21.93 -15.74
C GLY A 34 -25.75 -20.47 -15.91
N GLY A 35 -25.02 -19.98 -14.92
CA GLY A 35 -24.58 -18.60 -14.89
C GLY A 35 -25.41 -17.77 -13.93
N VAL A 36 -24.77 -16.72 -13.39
CA VAL A 36 -25.49 -15.85 -12.46
C VAL A 36 -26.31 -14.81 -13.21
N ALA A 37 -25.93 -14.51 -14.47
CA ALA A 37 -26.76 -13.61 -15.27
C ALA A 37 -28.05 -14.29 -15.69
N ARG A 38 -27.96 -15.54 -16.16
CA ARG A 38 -29.14 -16.33 -16.51
C ARG A 38 -30.01 -16.59 -15.29
N LEU A 39 -29.39 -16.94 -14.16
CA LEU A 39 -30.13 -17.11 -12.93
C LEU A 39 -30.80 -15.81 -12.50
N PHE A 40 -30.12 -14.68 -12.68
CA PHE A 40 -30.71 -13.38 -12.40
C PHE A 40 -31.94 -13.15 -13.26
N THR A 41 -31.85 -13.48 -14.55
CA THR A 41 -32.99 -13.33 -15.44
C THR A 41 -34.19 -14.15 -14.97
N LYS A 42 -33.94 -15.43 -14.67
CA LYS A 42 -35.03 -16.30 -14.24
C LYS A 42 -35.64 -15.85 -12.91
N VAL A 43 -34.79 -15.47 -11.95
CA VAL A 43 -35.27 -15.03 -10.64
C VAL A 43 -36.04 -13.72 -10.78
N GLN A 44 -35.58 -12.83 -11.66
CA GLN A 44 -36.29 -11.59 -11.92
C GLN A 44 -37.67 -11.86 -12.50
N GLN A 45 -37.76 -12.78 -13.45
CA GLN A 45 -39.06 -13.15 -14.01
C GLN A 45 -39.98 -13.70 -12.93
N ILE A 46 -39.47 -14.61 -12.09
CA ILE A 46 -40.31 -15.23 -11.07
C ILE A 46 -40.77 -14.18 -10.06
N ARG A 47 -39.86 -13.30 -9.63
CA ARG A 47 -40.23 -12.27 -8.66
C ARG A 47 -41.21 -11.26 -9.23
N ARG A 48 -41.12 -10.95 -10.53
CA ARG A 48 -42.09 -10.07 -11.14
C ARG A 48 -43.44 -10.76 -11.30
N ALA A 49 -43.43 -12.08 -11.42
CA ALA A 49 -44.68 -12.81 -11.67
C ALA A 49 -45.39 -13.21 -10.38
N GLU A 50 -44.66 -13.43 -9.28
CA GLU A 50 -45.25 -13.99 -8.09
C GLU A 50 -45.03 -13.08 -6.89
N PRO A 51 -46.03 -12.96 -6.01
CA PRO A 51 -45.92 -11.98 -4.92
C PRO A 51 -44.96 -12.38 -3.81
N ASN A 52 -45.00 -13.63 -3.37
CA ASN A 52 -44.21 -14.09 -2.24
C ASN A 52 -43.12 -15.04 -2.75
N VAL A 53 -41.91 -14.52 -2.87
CA VAL A 53 -40.75 -15.27 -3.34
C VAL A 53 -39.67 -15.21 -2.28
N LEU A 54 -38.93 -16.30 -2.15
CA LEU A 54 -37.87 -16.43 -1.15
C LEU A 54 -36.71 -17.18 -1.78
N LEU A 55 -35.71 -16.43 -2.26
CA LEU A 55 -34.52 -17.02 -2.88
C LEU A 55 -33.54 -17.41 -1.78
N LEU A 56 -33.28 -18.71 -1.65
CA LEU A 56 -32.46 -19.24 -0.58
C LEU A 56 -31.24 -19.94 -1.15
N ASP A 57 -30.16 -19.95 -0.37
CA ASP A 57 -28.91 -20.60 -0.74
C ASP A 57 -28.57 -21.62 0.34
N ALA A 58 -28.24 -22.84 -0.07
CA ALA A 58 -27.93 -23.91 0.85
C ALA A 58 -26.43 -24.11 1.04
N GLY A 59 -25.61 -23.22 0.51
CA GLY A 59 -24.18 -23.28 0.76
C GLY A 59 -23.37 -23.84 -0.41
N ASP A 60 -22.08 -24.00 -0.13
CA ASP A 60 -21.09 -24.43 -1.13
C ASP A 60 -21.08 -23.51 -2.33
N GLN A 61 -21.10 -22.23 -2.03
CA GLN A 61 -21.03 -21.18 -3.04
C GLN A 61 -19.58 -20.80 -3.17
N TYR A 62 -18.78 -21.19 -2.19
CA TYR A 62 -17.32 -20.94 -2.19
C TYR A 62 -16.63 -22.08 -2.80
N GLN A 63 -15.89 -21.87 -3.85
CA GLN A 63 -14.92 -22.83 -4.36
C GLN A 63 -15.38 -23.60 -5.55
N GLY A 64 -14.52 -23.74 -6.54
CA GLY A 64 -14.87 -24.61 -7.61
C GLY A 64 -14.26 -24.05 -8.81
N THR A 65 -14.19 -22.72 -8.88
CA THR A 65 -13.51 -22.36 -10.11
C THR A 65 -12.43 -21.32 -9.84
N ILE A 66 -11.87 -20.80 -10.93
CA ILE A 66 -10.81 -19.78 -10.85
C ILE A 66 -11.34 -18.49 -10.24
N TRP A 67 -12.65 -18.27 -10.29
CA TRP A 67 -13.25 -17.12 -9.64
C TRP A 67 -12.90 -17.08 -8.16
N PHE A 68 -13.03 -18.23 -7.49
CA PHE A 68 -12.66 -18.30 -6.09
C PHE A 68 -11.15 -18.23 -5.89
N THR A 69 -10.37 -18.71 -6.87
CA THR A 69 -8.93 -18.63 -6.76
C THR A 69 -8.47 -17.18 -6.74
N VAL A 70 -9.10 -16.34 -7.56
CA VAL A 70 -8.65 -14.95 -7.68
C VAL A 70 -9.31 -14.06 -6.64
N TYR A 71 -10.63 -14.16 -6.48
CA TYR A 71 -11.36 -13.25 -5.62
C TYR A 71 -11.63 -13.81 -4.23
N LYS A 72 -11.54 -15.12 -4.04
CA LYS A 72 -11.56 -15.75 -2.72
C LYS A 72 -12.83 -15.42 -1.93
N GLY A 73 -13.98 -15.41 -2.60
CA GLY A 73 -15.25 -15.16 -1.94
C GLY A 73 -15.81 -13.77 -2.14
N ALA A 74 -15.01 -12.81 -2.59
CA ALA A 74 -15.54 -11.48 -2.88
C ALA A 74 -16.54 -11.52 -4.03
N GLU A 75 -16.23 -12.30 -5.08
CA GLU A 75 -17.15 -12.44 -6.20
C GLU A 75 -18.46 -13.09 -5.76
N VAL A 76 -18.37 -14.05 -4.84
CA VAL A 76 -19.57 -14.77 -4.40
C VAL A 76 -20.51 -13.81 -3.67
N ALA A 77 -19.96 -13.06 -2.70
CA ALA A 77 -20.78 -12.10 -1.96
C ALA A 77 -21.32 -11.02 -2.88
N HIS A 78 -20.48 -10.52 -3.79
CA HIS A 78 -20.89 -9.47 -4.71
C HIS A 78 -22.08 -9.91 -5.56
N PHE A 79 -22.01 -11.10 -6.14
CA PHE A 79 -23.06 -11.52 -7.04
C PHE A 79 -24.27 -12.12 -6.33
N MET A 80 -24.14 -12.55 -5.08
CA MET A 80 -25.35 -12.85 -4.32
C MET A 80 -26.05 -11.59 -3.82
N ASN A 81 -25.29 -10.52 -3.58
CA ASN A 81 -25.93 -9.24 -3.33
C ASN A 81 -26.60 -8.70 -4.58
N ALA A 82 -25.98 -8.92 -5.75
CA ALA A 82 -26.61 -8.53 -7.01
C ALA A 82 -27.88 -9.34 -7.26
N LEU A 83 -27.83 -10.64 -6.99
CA LEU A 83 -29.01 -11.49 -7.17
C LEU A 83 -30.00 -11.36 -6.03
N ARG A 84 -29.63 -10.69 -4.94
CA ARG A 84 -30.50 -10.43 -3.81
C ARG A 84 -31.04 -11.73 -3.20
N TYR A 85 -30.13 -12.54 -2.71
CA TYR A 85 -30.51 -13.71 -1.95
C TYR A 85 -31.14 -13.28 -0.63
N ASP A 86 -32.13 -14.06 -0.19
CA ASP A 86 -32.83 -13.76 1.06
C ASP A 86 -32.14 -14.34 2.27
N ALA A 87 -31.47 -15.48 2.11
CA ALA A 87 -30.72 -16.10 3.20
C ALA A 87 -29.72 -17.07 2.60
N MET A 88 -28.73 -17.44 3.40
CA MET A 88 -27.75 -18.44 3.03
C MET A 88 -27.43 -19.32 4.23
N ALA A 89 -27.06 -20.56 3.96
CA ALA A 89 -26.55 -21.44 4.99
C ALA A 89 -25.09 -21.76 4.70
N LEU A 90 -24.28 -21.80 5.76
CA LEU A 90 -22.87 -22.07 5.59
C LEU A 90 -22.65 -23.50 5.12
N GLY A 91 -21.92 -23.66 4.03
CA GLY A 91 -21.47 -24.97 3.61
C GLY A 91 -20.10 -25.28 4.19
N ASN A 92 -19.65 -26.51 3.95
CA ASN A 92 -18.30 -26.87 4.37
C ASN A 92 -17.26 -26.05 3.62
N HIS A 93 -17.46 -25.86 2.31
CA HIS A 93 -16.49 -25.14 1.50
C HIS A 93 -16.36 -23.68 1.90
N GLU A 94 -17.31 -23.15 2.67
CA GLU A 94 -17.15 -21.79 3.18
C GLU A 94 -16.01 -21.66 4.17
N PHE A 95 -15.48 -22.77 4.68
CA PHE A 95 -14.37 -22.75 5.61
C PHE A 95 -13.07 -23.21 4.97
N ASP A 96 -13.02 -23.30 3.64
CA ASP A 96 -11.83 -23.80 2.97
C ASP A 96 -10.64 -22.88 3.16
N ASN A 97 -10.86 -21.56 3.13
CA ASN A 97 -9.81 -20.58 3.38
C ASN A 97 -9.67 -20.23 4.85
N GLY A 98 -10.11 -21.11 5.74
CA GLY A 98 -10.11 -20.82 7.15
C GLY A 98 -11.33 -20.02 7.57
N VAL A 99 -11.37 -19.67 8.85
CA VAL A 99 -12.45 -18.84 9.34
C VAL A 99 -12.17 -17.36 9.01
N GLU A 100 -10.90 -17.00 8.86
CA GLU A 100 -10.57 -15.64 8.45
C GLU A 100 -10.92 -15.41 6.98
N GLY A 101 -10.77 -16.44 6.15
CA GLY A 101 -11.15 -16.36 4.75
C GLY A 101 -12.63 -16.40 4.50
N LEU A 102 -13.43 -16.62 5.55
CA LEU A 102 -14.88 -16.57 5.48
C LEU A 102 -15.42 -15.28 6.06
N ILE A 103 -14.81 -14.80 7.15
CA ILE A 103 -15.29 -13.61 7.84
C ILE A 103 -15.16 -12.38 6.94
N GLU A 104 -14.01 -12.23 6.30
CA GLU A 104 -13.73 -10.99 5.57
C GLU A 104 -14.44 -10.94 4.22
N PRO A 105 -14.26 -11.94 3.34
CA PRO A 105 -14.86 -11.79 2.00
C PRO A 105 -16.37 -11.92 1.97
N LEU A 106 -16.94 -12.82 2.79
CA LEU A 106 -18.36 -13.15 2.68
C LEU A 106 -19.19 -12.66 3.86
N LEU A 107 -18.81 -13.00 5.09
CA LEU A 107 -19.65 -12.67 6.24
C LEU A 107 -19.80 -11.15 6.40
N LYS A 108 -18.70 -10.41 6.23
CA LYS A 108 -18.74 -8.96 6.41
C LYS A 108 -19.24 -8.23 5.16
N GLU A 109 -19.35 -8.90 4.02
CA GLU A 109 -19.76 -8.26 2.79
C GLU A 109 -21.15 -8.67 2.29
N ALA A 110 -21.75 -9.71 2.87
CA ALA A 110 -23.06 -10.15 2.42
C ALA A 110 -24.15 -9.26 2.98
N LYS A 111 -25.15 -8.95 2.15
CA LYS A 111 -26.30 -8.16 2.55
C LYS A 111 -27.50 -9.02 2.90
N PHE A 112 -27.28 -10.30 3.19
CA PHE A 112 -28.33 -11.24 3.55
C PHE A 112 -27.84 -12.06 4.75
N PRO A 113 -28.77 -12.56 5.57
CA PRO A 113 -28.35 -13.36 6.72
C PRO A 113 -27.72 -14.68 6.29
N ILE A 114 -26.59 -14.97 6.87
CA ILE A 114 -25.87 -16.24 6.61
C ILE A 114 -26.12 -17.04 7.88
N LEU A 115 -26.72 -18.22 7.78
CA LEU A 115 -27.20 -18.94 8.98
C LEU A 115 -26.57 -20.30 9.26
N SER A 116 -26.45 -20.69 10.52
CA SER A 116 -26.03 -22.06 10.93
C SER A 116 -26.32 -22.14 12.42
N ALA A 117 -27.15 -23.07 12.82
CA ALA A 117 -27.54 -23.17 14.22
C ALA A 117 -26.67 -24.18 14.90
N ASN A 118 -25.82 -24.84 14.13
CA ASN A 118 -25.10 -25.84 14.91
C ASN A 118 -23.60 -25.55 14.98
N ILE A 119 -23.17 -24.36 14.58
CA ILE A 119 -21.78 -23.95 14.68
C ILE A 119 -21.63 -23.09 15.92
N LYS A 120 -20.74 -23.48 16.82
CA LYS A 120 -20.50 -22.76 18.06
C LYS A 120 -19.05 -22.31 18.10
N ALA A 121 -18.84 -21.01 18.32
CA ALA A 121 -17.51 -20.45 18.39
C ALA A 121 -16.95 -20.53 19.80
N LYS A 122 -15.62 -20.47 19.89
CA LYS A 122 -14.92 -20.65 21.16
C LYS A 122 -13.78 -19.64 21.27
N GLY A 123 -13.53 -19.21 22.51
CA GLY A 123 -12.36 -18.43 22.83
C GLY A 123 -12.22 -17.14 22.05
N PRO A 124 -11.03 -16.91 21.50
CA PRO A 124 -10.78 -15.66 20.76
C PRO A 124 -11.69 -15.47 19.57
N LEU A 125 -12.08 -16.56 18.89
CA LEU A 125 -12.92 -16.45 17.71
C LEU A 125 -14.36 -16.11 18.07
N ALA A 126 -14.78 -16.37 19.31
CA ALA A 126 -16.17 -16.16 19.70
C ALA A 126 -16.56 -14.70 19.55
N SER A 127 -15.70 -13.78 19.99
CA SER A 127 -16.01 -12.36 19.89
C SER A 127 -15.88 -11.84 18.47
N GLN A 128 -14.93 -12.36 17.69
CA GLN A 128 -14.71 -11.87 16.34
C GLN A 128 -15.84 -12.26 15.40
N ILE A 129 -16.35 -13.49 15.53
CA ILE A 129 -17.38 -13.99 14.62
C ILE A 129 -18.79 -13.79 15.17
N SER A 130 -18.95 -13.23 16.37
CA SER A 130 -20.26 -13.08 16.97
C SER A 130 -21.10 -12.08 16.17
N GLY A 131 -22.32 -12.49 15.82
CA GLY A 131 -23.20 -11.64 15.05
C GLY A 131 -23.00 -11.68 13.56
N LEU A 132 -21.90 -12.26 13.08
CA LEU A 132 -21.68 -12.37 11.65
C LEU A 132 -22.53 -13.47 11.03
N TYR A 133 -22.70 -14.59 11.73
CA TYR A 133 -23.62 -15.63 11.33
C TYR A 133 -24.58 -15.90 12.48
N LEU A 134 -25.85 -16.08 12.13
CA LEU A 134 -26.94 -16.23 13.08
C LEU A 134 -27.41 -17.68 13.10
N PRO A 135 -28.05 -18.12 14.19
CA PRO A 135 -28.68 -19.45 14.17
C PRO A 135 -29.93 -19.49 13.31
N TYR A 136 -30.69 -18.41 13.27
CA TYR A 136 -31.90 -18.33 12.46
C TYR A 136 -32.15 -16.88 12.08
N LYS A 137 -33.19 -16.67 11.28
CA LYS A 137 -33.61 -15.33 10.89
C LYS A 137 -35.09 -15.34 10.55
N VAL A 138 -35.81 -14.32 11.02
CA VAL A 138 -37.22 -14.17 10.71
C VAL A 138 -37.35 -13.16 9.57
N LEU A 139 -37.55 -13.67 8.36
CA LEU A 139 -37.67 -12.83 7.18
C LEU A 139 -39.13 -12.53 6.89
N PRO A 140 -39.51 -11.26 6.79
CA PRO A 140 -40.89 -10.96 6.38
C PRO A 140 -41.07 -11.13 4.89
N VAL A 141 -41.96 -12.06 4.52
CA VAL A 141 -42.31 -12.31 3.13
C VAL A 141 -43.77 -11.89 2.97
N GLY A 142 -44.01 -10.91 2.11
CA GLY A 142 -45.36 -10.40 1.95
C GLY A 142 -45.88 -9.83 3.26
N ASP A 143 -47.07 -10.26 3.63
CA ASP A 143 -47.65 -9.87 4.91
C ASP A 143 -47.33 -10.85 6.02
N GLU A 144 -46.60 -11.92 5.73
CA GLU A 144 -46.30 -12.94 6.72
C GLU A 144 -44.81 -12.89 7.10
N VAL A 145 -44.46 -13.69 8.10
CA VAL A 145 -43.08 -13.85 8.53
C VAL A 145 -42.70 -15.32 8.44
N VAL A 146 -41.55 -15.60 7.85
CA VAL A 146 -41.04 -16.96 7.70
C VAL A 146 -39.74 -17.07 8.48
N GLY A 147 -39.69 -18.04 9.38
CA GLY A 147 -38.47 -18.28 10.15
C GLY A 147 -37.58 -19.30 9.48
N ILE A 148 -36.39 -18.87 9.05
CA ILE A 148 -35.44 -19.73 8.37
C ILE A 148 -34.33 -20.05 9.35
N VAL A 149 -34.18 -21.33 9.68
CA VAL A 149 -33.11 -21.80 10.55
C VAL A 149 -32.19 -22.69 9.71
N GLY A 150 -30.88 -22.44 9.81
CA GLY A 150 -29.92 -23.10 8.97
C GLY A 150 -29.04 -24.07 9.75
N TYR A 151 -28.33 -24.90 8.99
CA TYR A 151 -27.47 -25.92 9.60
C TYR A 151 -26.33 -26.25 8.65
N THR A 152 -25.27 -26.85 9.23
CA THR A 152 -24.07 -27.22 8.50
C THR A 152 -23.67 -28.63 8.93
N SER A 153 -22.91 -29.31 8.07
CA SER A 153 -22.51 -30.68 8.35
C SER A 153 -21.62 -30.75 9.59
N LYS A 154 -21.78 -31.86 10.33
CA LYS A 154 -20.84 -32.16 11.41
C LYS A 154 -19.47 -32.53 10.85
N GLU A 155 -19.40 -32.87 9.56
CA GLU A 155 -18.16 -33.29 8.93
C GLU A 155 -17.34 -32.13 8.41
N THR A 156 -17.78 -30.89 8.65
CA THR A 156 -17.01 -29.73 8.19
C THR A 156 -15.58 -29.71 8.72
N PRO A 157 -15.29 -30.05 9.98
CA PRO A 157 -13.88 -30.11 10.41
C PRO A 157 -13.04 -31.06 9.58
N PHE A 158 -13.63 -32.14 9.06
CA PHE A 158 -12.89 -33.10 8.25
C PHE A 158 -12.92 -32.77 6.76
N LEU A 159 -13.92 -32.04 6.30
CA LEU A 159 -14.03 -31.68 4.89
C LEU A 159 -13.46 -30.30 4.58
N SER A 160 -12.98 -29.57 5.59
CA SER A 160 -12.66 -28.17 5.40
C SER A 160 -11.65 -27.75 6.47
N ASN A 161 -11.47 -26.45 6.63
CA ASN A 161 -10.55 -25.87 7.62
C ASN A 161 -11.28 -24.84 8.47
N PRO A 162 -12.21 -25.27 9.32
CA PRO A 162 -12.92 -24.31 10.18
C PRO A 162 -12.06 -23.77 11.32
N GLY A 163 -11.02 -24.48 11.72
CA GLY A 163 -10.21 -24.09 12.85
C GLY A 163 -10.49 -24.93 14.06
N THR A 164 -9.77 -24.60 15.14
CA THR A 164 -9.97 -25.27 16.42
C THR A 164 -10.99 -24.58 17.29
N ASN A 165 -11.47 -23.41 16.90
CA ASN A 165 -12.40 -22.63 17.70
C ASN A 165 -13.85 -22.76 17.26
N LEU A 166 -14.16 -23.73 16.40
CA LEU A 166 -15.51 -23.96 15.93
C LEU A 166 -15.92 -25.39 16.24
N VAL A 167 -17.12 -25.56 16.78
CA VAL A 167 -17.68 -26.88 17.07
C VAL A 167 -18.94 -27.05 16.23
N PHE A 168 -19.01 -28.17 15.52
CA PHE A 168 -20.14 -28.51 14.65
C PHE A 168 -20.90 -29.65 15.32
N GLU A 169 -21.90 -29.30 16.12
CA GLU A 169 -22.65 -30.29 16.87
C GLU A 169 -23.75 -30.90 16.01
N ASP A 170 -24.51 -31.80 16.63
CA ASP A 170 -25.57 -32.52 15.92
C ASP A 170 -26.61 -31.54 15.38
N GLU A 171 -27.09 -31.81 14.18
CA GLU A 171 -28.04 -30.91 13.54
C GLU A 171 -29.41 -30.96 14.23
N ILE A 172 -29.85 -32.15 14.62
CA ILE A 172 -31.17 -32.28 15.23
C ILE A 172 -31.23 -31.53 16.57
N THR A 173 -30.25 -31.79 17.44
CA THR A 173 -30.28 -31.25 18.79
C THR A 173 -29.90 -29.78 18.83
N ALA A 174 -29.42 -29.22 17.72
CA ALA A 174 -29.16 -27.79 17.65
C ALA A 174 -30.28 -27.06 16.92
N LEU A 175 -30.96 -27.74 16.00
CA LEU A 175 -32.08 -27.12 15.29
C LEU A 175 -33.32 -27.09 16.16
N GLN A 176 -33.54 -28.12 16.98
CA GLN A 176 -34.75 -28.16 17.80
C GLN A 176 -34.88 -26.96 18.74
N PRO A 177 -33.85 -26.58 19.52
CA PRO A 177 -34.00 -25.37 20.34
C PRO A 177 -34.29 -24.12 19.54
N GLU A 178 -33.66 -23.95 18.37
CA GLU A 178 -33.92 -22.77 17.55
C GLU A 178 -35.32 -22.78 16.96
N VAL A 179 -35.82 -23.94 16.54
CA VAL A 179 -37.18 -24.04 16.05
C VAL A 179 -38.18 -23.72 17.16
N ASP A 180 -37.91 -24.21 18.37
CA ASP A 180 -38.78 -23.87 19.50
C ASP A 180 -38.72 -22.37 19.80
N LYS A 181 -37.54 -21.78 19.73
CA LYS A 181 -37.41 -20.34 19.96
C LYS A 181 -38.20 -19.55 18.92
N LEU A 182 -38.16 -20.01 17.67
CA LEU A 182 -39.00 -19.41 16.63
C LEU A 182 -40.48 -19.58 16.96
N LYS A 183 -40.85 -20.74 17.50
CA LYS A 183 -42.24 -20.99 17.86
C LYS A 183 -42.73 -20.03 18.92
N THR A 184 -41.90 -19.76 19.94
CA THR A 184 -42.29 -18.78 20.95
C THR A 184 -42.27 -17.36 20.43
N LEU A 185 -41.68 -17.13 19.25
CA LEU A 185 -41.68 -15.82 18.62
C LEU A 185 -42.82 -15.64 17.62
N ASN A 186 -43.89 -16.42 17.77
CA ASN A 186 -45.07 -16.35 16.90
C ASN A 186 -44.72 -16.58 15.42
N VAL A 187 -43.78 -17.48 15.15
CA VAL A 187 -43.43 -17.86 13.78
C VAL A 187 -43.84 -19.32 13.62
N ASN A 188 -44.82 -19.56 12.76
CA ASN A 188 -45.35 -20.91 12.55
C ASN A 188 -44.93 -21.51 11.21
N LYS A 189 -44.34 -20.72 10.31
CA LYS A 189 -43.82 -21.22 9.05
C LYS A 189 -42.29 -21.19 9.12
N ILE A 190 -41.69 -22.38 9.20
CA ILE A 190 -40.26 -22.50 9.44
C ILE A 190 -39.64 -23.30 8.30
N ILE A 191 -38.55 -22.77 7.75
CA ILE A 191 -37.77 -23.44 6.71
C ILE A 191 -36.42 -23.84 7.29
N ALA A 192 -36.10 -25.13 7.22
CA ALA A 192 -34.79 -25.63 7.62
C ALA A 192 -33.88 -25.59 6.40
N LEU A 193 -33.08 -24.53 6.31
CA LEU A 193 -32.10 -24.35 5.25
C LEU A 193 -30.75 -24.83 5.77
N GLY A 194 -30.03 -25.58 4.96
CA GLY A 194 -28.78 -26.09 5.50
C GLY A 194 -27.99 -26.87 4.48
N HIS A 195 -26.82 -27.30 4.92
CA HIS A 195 -25.84 -27.98 4.10
C HIS A 195 -25.35 -29.22 4.85
N SER A 196 -26.09 -30.33 4.72
CA SER A 196 -25.67 -31.56 5.39
C SER A 196 -25.93 -32.82 4.58
N GLY A 197 -26.43 -32.71 3.35
CA GLY A 197 -26.75 -33.89 2.57
C GLY A 197 -28.21 -34.26 2.65
N PHE A 198 -28.67 -34.97 1.61
CA PHE A 198 -30.08 -35.30 1.49
C PHE A 198 -30.56 -36.18 2.63
N GLU A 199 -29.72 -37.13 3.05
CA GLU A 199 -30.10 -38.02 4.15
C GLU A 199 -30.32 -37.26 5.45
N MET A 200 -29.42 -36.32 5.78
CA MET A 200 -29.63 -35.53 6.99
C MET A 200 -30.78 -34.57 6.83
N ASP A 201 -31.07 -34.12 5.60
CA ASP A 201 -32.26 -33.31 5.37
C ASP A 201 -33.53 -34.09 5.69
N LYS A 202 -33.59 -35.34 5.24
CA LYS A 202 -34.73 -36.19 5.58
C LYS A 202 -34.81 -36.46 7.08
N LEU A 203 -33.65 -36.66 7.72
CA LEU A 203 -33.64 -36.86 9.17
C LEU A 203 -34.14 -35.62 9.89
N ILE A 204 -33.77 -34.43 9.43
CA ILE A 204 -34.25 -33.19 10.03
C ILE A 204 -35.76 -33.05 9.83
N ALA A 205 -36.23 -33.40 8.63
CA ALA A 205 -37.65 -33.34 8.35
C ALA A 205 -38.45 -34.26 9.26
N GLN A 206 -37.93 -35.47 9.50
CA GLN A 206 -38.64 -36.42 10.34
C GLN A 206 -38.55 -36.07 11.83
N LYS A 207 -37.38 -35.63 12.29
CA LYS A 207 -37.10 -35.51 13.72
C LYS A 207 -37.43 -34.15 14.30
N VAL A 208 -36.98 -33.07 13.69
CA VAL A 208 -37.19 -31.73 14.23
C VAL A 208 -38.67 -31.40 14.13
N ARG A 209 -39.29 -31.05 15.26
CA ARG A 209 -40.72 -30.75 15.31
C ARG A 209 -40.92 -29.26 15.08
N GLY A 210 -41.74 -28.92 14.09
CA GLY A 210 -41.99 -27.54 13.74
C GLY A 210 -41.41 -27.12 12.41
N VAL A 211 -40.58 -27.96 11.78
CA VAL A 211 -40.03 -27.63 10.48
C VAL A 211 -41.05 -27.94 9.40
N ASP A 212 -41.34 -26.95 8.56
CA ASP A 212 -42.32 -27.09 7.48
C ASP A 212 -41.70 -27.47 6.15
N VAL A 213 -40.61 -26.83 5.75
CA VAL A 213 -39.90 -27.14 4.51
C VAL A 213 -38.43 -27.32 4.84
N VAL A 214 -37.77 -28.24 4.15
CA VAL A 214 -36.34 -28.47 4.30
C VAL A 214 -35.68 -28.21 2.94
N VAL A 215 -34.75 -27.26 2.92
CA VAL A 215 -33.95 -26.95 1.73
C VAL A 215 -32.50 -27.28 2.08
N GLY A 216 -31.91 -28.21 1.32
CA GLY A 216 -30.59 -28.72 1.63
C GLY A 216 -29.63 -28.69 0.45
N GLY A 217 -28.40 -29.12 0.74
CA GLY A 217 -27.35 -29.24 -0.26
C GLY A 217 -26.36 -30.31 0.11
N HIS A 218 -25.11 -30.15 -0.32
CA HIS A 218 -23.98 -31.01 0.07
C HIS A 218 -24.04 -32.40 -0.56
N SER A 219 -25.14 -32.72 -1.23
CA SER A 219 -25.29 -34.06 -1.78
C SER A 219 -25.36 -34.08 -3.29
N ASN A 220 -25.49 -32.91 -3.94
CA ASN A 220 -25.68 -32.83 -5.39
C ASN A 220 -26.85 -33.70 -5.82
N THR A 221 -27.86 -33.78 -4.96
CA THR A 221 -29.02 -34.63 -5.21
C THR A 221 -29.97 -33.93 -6.16
N PHE A 222 -30.39 -34.63 -7.20
CA PHE A 222 -31.35 -34.13 -8.17
C PHE A 222 -32.70 -34.78 -7.92
N LEU A 223 -33.70 -33.95 -7.61
CA LEU A 223 -35.07 -34.40 -7.44
C LEU A 223 -35.92 -33.83 -8.55
N TYR A 224 -36.64 -34.70 -9.26
CA TYR A 224 -37.49 -34.24 -10.35
C TYR A 224 -38.78 -35.05 -10.36
N THR A 225 -39.88 -34.36 -10.65
CA THR A 225 -41.18 -34.99 -10.87
C THR A 225 -41.45 -35.04 -12.36
N GLY A 226 -41.51 -36.24 -12.92
CA GLY A 226 -41.70 -36.40 -14.35
C GLY A 226 -40.40 -36.71 -15.06
N ASN A 227 -40.37 -36.35 -16.35
CA ASN A 227 -39.19 -36.60 -17.17
C ASN A 227 -38.18 -35.48 -16.99
N PRO A 228 -36.97 -35.79 -16.52
CA PRO A 228 -35.98 -34.73 -16.30
C PRO A 228 -35.61 -34.06 -17.61
N PRO A 229 -35.26 -32.77 -17.58
CA PRO A 229 -34.94 -32.05 -18.82
C PRO A 229 -33.51 -32.19 -19.30
N SER A 230 -32.66 -32.91 -18.60
CA SER A 230 -31.25 -33.02 -18.99
C SER A 230 -30.75 -34.40 -18.59
N LYS A 231 -29.42 -34.55 -18.54
CA LYS A 231 -28.81 -35.86 -18.32
C LYS A 231 -28.89 -36.32 -16.86
N GLU A 232 -29.29 -35.45 -15.95
CA GLU A 232 -29.37 -35.84 -14.54
C GLU A 232 -30.46 -36.88 -14.32
N VAL A 233 -30.16 -37.87 -13.52
CA VAL A 233 -31.12 -38.93 -13.17
C VAL A 233 -31.67 -38.63 -11.79
N PRO A 234 -32.98 -38.45 -11.64
CA PRO A 234 -33.52 -38.08 -10.32
C PRO A 234 -33.33 -39.19 -9.29
N ALA A 235 -33.07 -38.77 -8.05
CA ALA A 235 -33.01 -39.70 -6.93
C ALA A 235 -34.35 -39.81 -6.22
N GLY A 236 -35.34 -39.02 -6.63
CA GLY A 236 -36.65 -39.06 -6.01
C GLY A 236 -37.52 -37.96 -6.59
N LYS A 237 -38.77 -37.96 -6.15
CA LYS A 237 -39.71 -36.95 -6.62
C LYS A 237 -39.42 -35.60 -5.97
N TYR A 238 -39.83 -34.54 -6.65
CA TYR A 238 -39.63 -33.19 -6.18
C TYR A 238 -40.97 -32.56 -5.84
N PRO A 239 -41.20 -32.19 -4.58
CA PRO A 239 -40.33 -32.36 -3.41
C PRO A 239 -40.40 -33.77 -2.83
N PHE A 240 -39.38 -34.21 -2.11
CA PHE A 240 -39.43 -35.50 -1.45
C PHE A 240 -40.21 -35.35 -0.15
N ILE A 241 -41.30 -36.11 -0.03
CA ILE A 241 -42.23 -35.95 1.08
C ILE A 241 -41.84 -36.89 2.20
N VAL A 242 -41.53 -36.34 3.36
CA VAL A 242 -41.14 -37.12 4.54
C VAL A 242 -42.26 -37.05 5.55
N THR A 243 -42.72 -38.20 6.03
CA THR A 243 -43.75 -38.25 7.06
C THR A 243 -43.07 -38.12 8.42
N SER A 244 -43.15 -36.94 9.02
CA SER A 244 -42.49 -36.69 10.30
C SER A 244 -43.20 -37.44 11.42
N ASP A 245 -42.52 -37.51 12.56
CA ASP A 245 -43.07 -38.20 13.72
C ASP A 245 -44.31 -37.50 14.27
N ASP A 246 -44.48 -36.22 13.99
CA ASP A 246 -45.66 -35.48 14.44
C ASP A 246 -46.86 -35.70 13.54
N GLY A 247 -46.70 -36.39 12.41
CA GLY A 247 -47.80 -36.66 11.51
C GLY A 247 -47.88 -35.75 10.31
N ARG A 248 -46.92 -34.85 10.12
CA ARG A 248 -46.97 -33.90 9.03
C ARG A 248 -46.09 -34.35 7.87
N LYS A 249 -46.45 -33.91 6.67
CA LYS A 249 -45.69 -34.20 5.47
C LYS A 249 -44.77 -33.03 5.17
N VAL A 250 -43.47 -33.23 5.33
CA VAL A 250 -42.45 -32.19 5.17
C VAL A 250 -41.83 -32.36 3.79
N PRO A 251 -41.87 -31.33 2.93
CA PRO A 251 -41.14 -31.40 1.67
C PRO A 251 -39.65 -31.16 1.87
N VAL A 252 -38.83 -31.92 1.15
CA VAL A 252 -37.38 -31.76 1.13
C VAL A 252 -36.97 -31.54 -0.32
N VAL A 253 -36.18 -30.51 -0.57
CA VAL A 253 -35.86 -30.09 -1.93
C VAL A 253 -34.35 -29.88 -2.07
N GLN A 254 -33.81 -30.30 -3.22
CA GLN A 254 -32.45 -29.99 -3.63
C GLN A 254 -32.47 -29.61 -5.10
N ALA A 255 -31.46 -28.85 -5.52
CA ALA A 255 -31.40 -28.35 -6.89
C ALA A 255 -30.09 -28.73 -7.58
N TYR A 256 -29.65 -29.97 -7.39
CA TYR A 256 -28.45 -30.51 -8.03
C TYR A 256 -27.25 -29.66 -7.62
N ALA A 257 -26.51 -29.07 -8.55
CA ALA A 257 -25.31 -28.32 -8.21
C ALA A 257 -24.90 -27.47 -9.42
N PHE A 258 -23.88 -26.65 -9.21
CA PHE A 258 -23.19 -25.88 -10.25
C PHE A 258 -24.07 -24.83 -10.90
N GLY A 259 -25.19 -24.46 -10.27
CA GLY A 259 -26.05 -23.44 -10.83
C GLY A 259 -26.75 -23.85 -12.10
N LYS A 260 -26.73 -25.14 -12.44
CA LYS A 260 -27.40 -25.60 -13.64
C LYS A 260 -28.92 -25.52 -13.50
N TYR A 261 -29.43 -25.74 -12.29
CA TYR A 261 -30.86 -25.73 -12.01
C TYR A 261 -31.18 -24.66 -10.97
N LEU A 262 -32.42 -24.20 -11.00
CA LEU A 262 -32.97 -23.34 -9.96
C LEU A 262 -34.19 -24.03 -9.37
N GLY A 263 -34.07 -24.55 -8.15
CA GLY A 263 -35.21 -25.21 -7.53
C GLY A 263 -36.36 -24.24 -7.32
N TYR A 264 -37.56 -24.66 -7.70
CA TYR A 264 -38.76 -23.83 -7.66
C TYR A 264 -39.86 -24.62 -6.99
N LEU A 265 -40.23 -24.22 -5.78
CA LEU A 265 -41.23 -24.96 -5.01
C LEU A 265 -42.32 -24.01 -4.52
N LYS A 266 -43.55 -24.28 -4.91
CA LYS A 266 -44.72 -23.56 -4.42
C LYS A 266 -45.32 -24.34 -3.26
N ILE A 267 -45.45 -23.67 -2.11
CA ILE A 267 -46.04 -24.25 -0.91
C ILE A 267 -47.24 -23.40 -0.53
N GLU A 268 -48.40 -24.04 -0.39
CA GLU A 268 -49.59 -23.35 0.11
C GLU A 268 -49.79 -23.69 1.57
N PHE A 269 -49.74 -22.67 2.42
CA PHE A 269 -49.92 -22.77 3.86
C PHE A 269 -51.36 -22.46 4.22
N ASP A 270 -51.77 -22.86 5.42
CA ASP A 270 -53.02 -22.36 5.97
C ASP A 270 -52.75 -21.21 6.93
N GLU A 271 -53.79 -20.81 7.66
CA GLU A 271 -53.64 -19.72 8.63
C GLU A 271 -52.74 -20.09 9.79
N ARG A 272 -52.67 -21.38 10.14
CA ARG A 272 -51.87 -21.83 11.29
C ARG A 272 -50.43 -22.15 10.93
N GLY A 273 -50.05 -22.02 9.66
CA GLY A 273 -48.68 -22.27 9.24
C GLY A 273 -48.40 -23.69 8.77
N ASN A 274 -49.41 -24.55 8.69
CA ASN A 274 -49.20 -25.91 8.23
C ASN A 274 -49.21 -25.97 6.71
N VAL A 275 -48.33 -26.81 6.15
CA VAL A 275 -48.24 -26.98 4.71
C VAL A 275 -49.45 -27.79 4.25
N ILE A 276 -50.41 -27.13 3.61
CA ILE A 276 -51.53 -27.85 2.99
C ILE A 276 -51.03 -28.73 1.86
N SER A 277 -50.17 -28.18 1.00
CA SER A 277 -49.55 -28.95 -0.06
C SER A 277 -48.39 -28.16 -0.65
N SER A 278 -47.63 -28.82 -1.54
CA SER A 278 -46.48 -28.24 -2.19
C SER A 278 -46.23 -28.96 -3.51
N HIS A 279 -45.69 -28.22 -4.48
CA HIS A 279 -45.37 -28.79 -5.77
C HIS A 279 -44.37 -27.89 -6.47
N GLY A 280 -43.63 -28.46 -7.42
CA GLY A 280 -42.69 -27.67 -8.17
C GLY A 280 -41.71 -28.55 -8.92
N ASN A 281 -40.60 -27.92 -9.32
CA ASN A 281 -39.56 -28.61 -10.06
C ASN A 281 -38.31 -27.73 -10.07
N PRO A 282 -37.15 -28.29 -10.39
CA PRO A 282 -35.99 -27.44 -10.68
C PRO A 282 -36.03 -26.97 -12.13
N ILE A 283 -35.97 -25.66 -12.33
CA ILE A 283 -35.97 -25.06 -13.65
C ILE A 283 -34.58 -25.21 -14.24
N LEU A 284 -34.50 -25.79 -15.43
CA LEU A 284 -33.23 -25.91 -16.14
C LEU A 284 -32.91 -24.60 -16.84
N LEU A 285 -31.75 -24.03 -16.52
CA LEU A 285 -31.32 -22.75 -17.05
C LEU A 285 -30.46 -22.93 -18.31
N ASN A 286 -31.11 -23.26 -19.44
CA ASN A 286 -30.32 -23.43 -20.64
C ASN A 286 -30.26 -22.11 -21.41
N SER A 287 -29.82 -22.19 -22.66
CA SER A 287 -29.73 -21.01 -23.50
C SER A 287 -31.09 -20.39 -23.81
N SER A 288 -32.18 -21.11 -23.54
CA SER A 288 -33.51 -20.53 -23.78
C SER A 288 -33.80 -19.37 -22.85
N ILE A 289 -33.07 -19.25 -21.75
CA ILE A 289 -33.19 -18.13 -20.81
C ILE A 289 -32.05 -17.16 -21.12
N PRO A 290 -32.33 -15.95 -21.55
CA PRO A 290 -31.25 -15.01 -21.86
C PRO A 290 -30.48 -14.61 -20.62
N GLU A 291 -29.19 -14.32 -20.82
CA GLU A 291 -28.37 -13.79 -19.75
C GLU A 291 -28.66 -12.32 -19.56
N ASP A 292 -28.76 -11.89 -18.31
CA ASP A 292 -29.04 -10.49 -18.01
C ASP A 292 -27.88 -9.63 -18.48
N PRO A 293 -28.12 -8.62 -19.33
CA PRO A 293 -27.00 -7.82 -19.85
C PRO A 293 -26.17 -7.12 -18.79
N SER A 294 -26.79 -6.64 -17.72
CA SER A 294 -26.03 -5.94 -16.68
C SER A 294 -25.14 -6.91 -15.89
N ILE A 295 -25.70 -8.04 -15.47
CA ILE A 295 -24.90 -9.03 -14.75
C ILE A 295 -23.82 -9.60 -15.66
N LYS A 296 -24.15 -9.79 -16.94
CA LYS A 296 -23.15 -10.28 -17.89
C LYS A 296 -22.03 -9.28 -18.08
N ALA A 297 -22.36 -7.99 -18.13
CA ALA A 297 -21.32 -6.96 -18.23
C ALA A 297 -20.45 -6.93 -16.98
N ASP A 298 -21.06 -7.11 -15.81
CA ASP A 298 -20.29 -7.18 -14.58
C ASP A 298 -19.35 -8.39 -14.57
N ILE A 299 -19.85 -9.54 -15.03
CA ILE A 299 -19.02 -10.73 -15.15
C ILE A 299 -17.86 -10.47 -16.10
N ASN A 300 -18.13 -9.80 -17.22
CA ASN A 300 -17.07 -9.47 -18.17
C ASN A 300 -16.04 -8.55 -17.56
N LYS A 301 -16.48 -7.56 -16.78
CA LYS A 301 -15.55 -6.66 -16.12
C LYS A 301 -14.66 -7.41 -15.13
N TRP A 302 -15.27 -8.26 -14.31
CA TRP A 302 -14.54 -9.04 -13.29
C TRP A 302 -13.74 -10.12 -13.96
N ARG A 303 -14.06 -10.51 -15.18
CA ARG A 303 -13.36 -11.62 -15.83
C ARG A 303 -12.17 -11.06 -16.56
N ILE A 304 -11.76 -9.87 -16.21
CA ILE A 304 -10.52 -9.39 -16.86
C ILE A 304 -9.43 -9.72 -15.84
N LYS A 305 -9.58 -9.26 -14.60
CA LYS A 305 -8.63 -9.66 -13.57
C LYS A 305 -8.35 -11.16 -13.64
N LEU A 306 -9.37 -11.97 -13.94
CA LEU A 306 -9.17 -13.41 -14.08
C LEU A 306 -8.16 -13.73 -15.17
N ASP A 307 -8.34 -13.12 -16.35
CA ASP A 307 -7.45 -13.43 -17.47
C ASP A 307 -6.10 -12.76 -17.29
N ASN A 308 -6.03 -11.71 -16.46
CA ASN A 308 -4.73 -11.12 -16.14
C ASN A 308 -3.94 -12.03 -15.21
N TYR A 309 -4.61 -12.59 -14.21
CA TYR A 309 -3.94 -13.50 -13.27
C TYR A 309 -3.56 -14.81 -13.95
N SER A 310 -4.40 -15.29 -14.86
CA SER A 310 -4.16 -16.59 -15.48
C SER A 310 -2.86 -16.58 -16.30
N THR A 311 -2.62 -15.50 -17.02
CA THR A 311 -1.45 -15.40 -17.90
C THR A 311 -0.14 -15.24 -17.13
N GLN A 312 -0.18 -14.64 -15.94
CA GLN A 312 1.03 -14.30 -15.21
C GLN A 312 1.88 -15.54 -14.92
N GLU A 313 3.18 -15.30 -14.72
CA GLU A 313 4.14 -16.38 -14.50
C GLU A 313 4.09 -16.84 -13.05
N LEU A 314 3.96 -18.15 -12.86
CA LEU A 314 4.02 -18.72 -11.52
C LEU A 314 5.44 -19.15 -11.16
N GLY A 315 6.22 -19.54 -12.15
CA GLY A 315 7.58 -19.95 -11.92
C GLY A 315 8.24 -20.35 -13.21
N LYS A 316 9.52 -20.71 -13.09
CA LYS A 316 10.34 -21.14 -14.22
C LYS A 316 10.54 -22.65 -14.15
N THR A 317 10.61 -23.28 -15.32
CA THR A 317 10.91 -24.70 -15.41
C THR A 317 12.14 -24.90 -16.30
N ILE A 318 13.12 -25.64 -15.79
CA ILE A 318 14.30 -25.96 -16.58
C ILE A 318 14.03 -27.08 -17.56
N VAL A 319 13.11 -27.98 -17.26
CA VAL A 319 12.97 -29.24 -17.96
C VAL A 319 11.60 -29.30 -18.64
N TYR A 320 11.47 -30.26 -19.55
CA TYR A 320 10.18 -30.56 -20.16
C TYR A 320 9.35 -31.40 -19.20
N LEU A 321 8.15 -30.92 -18.88
CA LEU A 321 7.34 -31.54 -17.84
C LEU A 321 6.64 -32.82 -18.28
N ASP A 322 6.51 -33.05 -19.58
CA ASP A 322 6.08 -34.34 -20.12
C ASP A 322 4.73 -34.80 -19.53
N GLY A 323 3.69 -34.04 -19.84
CA GLY A 323 2.35 -34.42 -19.44
C GLY A 323 1.63 -35.20 -20.52
N SER A 324 2.39 -35.74 -21.47
CA SER A 324 1.81 -36.47 -22.59
C SER A 324 1.18 -37.78 -22.11
N SER A 325 0.05 -38.13 -22.73
CA SER A 325 -0.68 -39.32 -22.34
C SER A 325 0.16 -40.58 -22.53
N GLN A 326 1.03 -40.59 -23.54
CA GLN A 326 1.88 -41.75 -23.81
C GLN A 326 2.91 -41.99 -22.71
N SER A 327 3.15 -41.02 -21.84
CA SER A 327 4.14 -41.16 -20.76
C SER A 327 3.47 -41.32 -19.40
N CYS A 328 2.48 -40.48 -19.08
CA CYS A 328 1.87 -40.54 -17.76
C CYS A 328 1.00 -41.78 -17.58
N ARG A 329 0.63 -42.44 -18.67
CA ARG A 329 -0.18 -43.65 -18.60
C ARG A 329 0.62 -44.91 -18.90
N PHE A 330 1.92 -44.80 -19.14
CA PHE A 330 2.75 -45.97 -19.42
C PHE A 330 3.99 -46.08 -18.55
N ARG A 331 4.56 -44.98 -18.07
CA ARG A 331 5.80 -45.02 -17.32
C ARG A 331 5.81 -43.86 -16.33
N GLU A 332 6.88 -43.79 -15.55
CA GLU A 332 7.08 -42.64 -14.68
C GLU A 332 7.28 -41.38 -15.51
N CYS A 333 6.65 -40.30 -15.09
CA CYS A 333 6.73 -39.04 -15.81
C CYS A 333 7.13 -37.92 -14.86
N ASN A 334 7.68 -36.86 -15.44
CA ASN A 334 8.07 -35.69 -14.67
C ASN A 334 6.86 -35.08 -13.96
N MET A 335 5.74 -35.01 -14.67
CA MET A 335 4.58 -34.29 -14.16
C MET A 335 3.97 -34.99 -12.95
N GLY A 336 3.90 -36.33 -12.99
CA GLY A 336 3.38 -37.06 -11.84
C GLY A 336 4.25 -36.87 -10.60
N ASN A 337 5.57 -36.90 -10.77
CA ASN A 337 6.47 -36.65 -9.66
C ASN A 337 6.30 -35.24 -9.11
N LEU A 338 6.18 -34.26 -10.00
CA LEU A 338 5.98 -32.88 -9.56
C LEU A 338 4.66 -32.74 -8.79
N ILE A 339 3.61 -33.39 -9.27
CA ILE A 339 2.30 -33.29 -8.61
C ILE A 339 2.35 -33.95 -7.24
N CYS A 340 2.97 -35.14 -7.15
CA CYS A 340 3.11 -35.80 -5.86
C CYS A 340 3.93 -34.97 -4.89
N ASP A 341 5.00 -34.35 -5.37
CA ASP A 341 5.80 -33.48 -4.52
C ASP A 341 4.98 -32.28 -4.06
N ALA A 342 4.15 -31.72 -4.93
CA ALA A 342 3.29 -30.61 -4.54
C ALA A 342 2.33 -31.02 -3.44
N MET A 343 1.68 -32.18 -3.59
CA MET A 343 0.79 -32.68 -2.54
C MET A 343 1.53 -32.85 -1.22
N ILE A 344 2.67 -33.52 -1.26
CA ILE A 344 3.40 -33.84 -0.02
C ILE A 344 3.87 -32.56 0.67
N ASN A 345 4.42 -31.62 -0.12
CA ASN A 345 4.90 -30.37 0.46
C ASN A 345 3.75 -29.54 1.02
N ASN A 346 2.61 -29.51 0.31
CA ASN A 346 1.46 -28.76 0.79
C ASN A 346 0.94 -29.33 2.11
N ASN A 347 0.90 -30.66 2.22
CA ASN A 347 0.44 -31.26 3.48
C ASN A 347 1.45 -31.00 4.59
N LEU A 348 2.73 -31.26 4.35
CA LEU A 348 3.73 -31.17 5.41
C LEU A 348 3.93 -29.73 5.88
N ARG A 349 3.95 -28.77 4.96
CA ARG A 349 4.14 -27.37 5.33
C ARG A 349 2.86 -26.79 5.92
N TRP A 356 -1.70 -36.10 10.40
CA TRP A 356 -1.31 -36.12 9.00
C TRP A 356 -0.14 -35.18 8.74
N ASN A 357 0.54 -34.78 9.81
CA ASN A 357 1.68 -33.87 9.67
C ASN A 357 2.95 -34.58 9.23
N HIS A 358 2.93 -35.91 9.12
CA HIS A 358 4.09 -36.68 8.68
C HIS A 358 3.76 -37.55 7.46
N VAL A 359 2.74 -37.18 6.69
CA VAL A 359 2.34 -37.97 5.53
C VAL A 359 3.40 -37.81 4.44
N SER A 360 3.85 -38.92 3.87
CA SER A 360 4.89 -38.89 2.86
C SER A 360 4.58 -39.76 1.65
N MET A 361 3.34 -40.20 1.49
CA MET A 361 2.95 -41.08 0.40
C MET A 361 1.93 -40.39 -0.49
N CYS A 362 1.98 -40.74 -1.78
CA CYS A 362 1.16 -40.11 -2.81
C CYS A 362 0.95 -41.08 -3.95
N ILE A 363 -0.30 -41.27 -4.36
CA ILE A 363 -0.62 -41.93 -5.60
C ILE A 363 -1.57 -41.04 -6.39
N LEU A 364 -1.47 -41.11 -7.70
CA LEU A 364 -2.26 -40.24 -8.57
C LEU A 364 -2.50 -40.95 -9.89
N ASN A 365 -3.76 -41.00 -10.32
CA ASN A 365 -4.07 -41.65 -11.59
C ASN A 365 -3.48 -40.84 -12.74
N GLY A 366 -2.91 -41.56 -13.72
CA GLY A 366 -2.33 -40.91 -14.88
C GLY A 366 -3.35 -40.31 -15.81
N GLY A 367 -4.62 -40.65 -15.64
CA GLY A 367 -5.67 -40.01 -16.41
C GLY A 367 -5.97 -38.60 -15.94
N GLY A 368 -5.46 -38.20 -14.77
CA GLY A 368 -5.60 -36.84 -14.31
C GLY A 368 -4.64 -35.86 -14.94
N ILE A 369 -3.59 -36.35 -15.59
CA ILE A 369 -2.62 -35.51 -16.27
C ILE A 369 -3.02 -35.48 -17.74
N ARG A 370 -3.39 -34.31 -18.23
CA ARG A 370 -3.96 -34.18 -19.57
C ARG A 370 -3.04 -33.50 -20.57
N SER A 371 -2.33 -32.44 -20.18
CA SER A 371 -1.53 -31.68 -21.13
C SER A 371 -0.12 -31.52 -20.59
N PRO A 372 0.88 -31.44 -21.46
CA PRO A 372 2.24 -31.13 -21.00
C PRO A 372 2.44 -29.63 -20.88
N ILE A 373 3.58 -29.27 -20.30
CA ILE A 373 4.01 -27.88 -20.21
C ILE A 373 5.36 -27.76 -20.91
N ASP A 374 5.46 -26.80 -21.82
CA ASP A 374 6.63 -26.64 -22.67
C ASP A 374 7.62 -25.67 -22.03
N GLU A 375 8.87 -26.12 -21.86
CA GLU A 375 9.93 -25.25 -21.37
C GLU A 375 10.61 -24.47 -22.48
N ARG A 376 10.31 -24.79 -23.74
CA ARG A 376 10.91 -24.05 -24.85
C ARG A 376 10.37 -22.62 -24.94
N ASN A 377 9.25 -22.33 -24.29
CA ASN A 377 8.71 -20.98 -24.28
C ASN A 377 9.32 -20.16 -23.14
N ASN A 378 10.66 -20.05 -23.16
CA ASN A 378 11.41 -19.32 -22.14
C ASN A 378 11.22 -19.92 -20.75
N GLY A 379 10.86 -21.19 -20.70
CA GLY A 379 10.64 -21.89 -19.45
C GLY A 379 9.55 -21.33 -18.57
N THR A 380 8.48 -20.82 -19.16
CA THR A 380 7.45 -20.13 -18.38
C THR A 380 6.30 -21.08 -18.05
N ILE A 381 5.94 -21.14 -16.77
CA ILE A 381 4.75 -21.85 -16.32
C ILE A 381 3.72 -20.81 -15.92
N THR A 382 2.50 -20.96 -16.42
CA THR A 382 1.40 -20.08 -16.08
C THR A 382 0.28 -20.88 -15.42
N TRP A 383 -0.71 -20.17 -14.90
CA TRP A 383 -1.88 -20.85 -14.36
C TRP A 383 -2.64 -21.57 -15.46
N GLU A 384 -2.59 -21.05 -16.69
CA GLU A 384 -3.28 -21.70 -17.79
C GLU A 384 -2.70 -23.09 -18.07
N ASN A 385 -1.39 -23.23 -18.03
CA ASN A 385 -0.77 -24.54 -18.28
C ASN A 385 -1.20 -25.55 -17.23
N LEU A 386 -1.11 -25.17 -15.95
CA LEU A 386 -1.50 -26.09 -14.88
C LEU A 386 -2.98 -26.43 -14.95
N ALA A 387 -3.82 -25.44 -15.29
CA ALA A 387 -5.23 -25.72 -15.49
C ALA A 387 -5.47 -26.68 -16.65
N ALA A 388 -4.66 -26.59 -17.70
CA ALA A 388 -4.74 -27.58 -18.78
C ALA A 388 -4.32 -28.96 -18.30
N VAL A 389 -3.33 -29.03 -17.41
CA VAL A 389 -2.88 -30.33 -16.89
C VAL A 389 -3.99 -31.00 -16.09
N LEU A 390 -4.65 -30.24 -15.21
CA LEU A 390 -5.66 -30.76 -14.30
C LEU A 390 -6.94 -29.93 -14.45
N PRO A 391 -7.68 -30.12 -15.54
CA PRO A 391 -8.88 -29.30 -15.78
C PRO A 391 -10.13 -29.79 -15.09
N PHE A 392 -10.05 -30.85 -14.28
CA PHE A 392 -11.24 -31.42 -13.67
C PHE A 392 -11.68 -30.70 -12.41
N GLY A 393 -10.89 -29.77 -11.89
CA GLY A 393 -11.28 -29.00 -10.73
C GLY A 393 -11.48 -29.81 -9.47
N GLY A 394 -10.64 -30.81 -9.23
CA GLY A 394 -10.73 -31.61 -8.04
C GLY A 394 -9.88 -31.10 -6.89
N THR A 395 -9.89 -31.85 -5.80
CA THR A 395 -9.08 -31.55 -4.62
C THR A 395 -8.27 -32.78 -4.26
N PHE A 396 -7.18 -32.58 -3.56
CA PHE A 396 -6.36 -33.68 -3.08
C PHE A 396 -6.69 -33.95 -1.62
N ASP A 397 -7.13 -35.16 -1.33
CA ASP A 397 -7.67 -35.52 -0.03
C ASP A 397 -6.78 -36.54 0.67
N LEU A 398 -6.71 -36.42 1.99
CA LEU A 398 -6.00 -37.38 2.81
C LEU A 398 -6.90 -38.56 3.12
N VAL A 399 -6.36 -39.77 2.99
CA VAL A 399 -7.09 -40.98 3.32
C VAL A 399 -6.19 -41.90 4.12
N GLN A 400 -6.82 -42.82 4.85
CA GLN A 400 -6.14 -43.84 5.63
C GLN A 400 -6.45 -45.19 5.00
N LEU A 401 -5.40 -45.91 4.63
CA LEU A 401 -5.55 -47.16 3.89
C LEU A 401 -4.79 -48.27 4.61
N LYS A 402 -5.05 -49.50 4.20
CA LYS A 402 -4.27 -50.62 4.68
C LYS A 402 -3.21 -50.99 3.64
N GLY A 403 -2.21 -51.76 4.08
CA GLY A 403 -1.19 -52.21 3.15
C GLY A 403 -1.76 -53.07 2.05
N SER A 404 -2.68 -53.97 2.40
CA SER A 404 -3.32 -54.81 1.39
C SER A 404 -4.11 -53.97 0.39
N THR A 405 -4.79 -52.92 0.87
CA THR A 405 -5.59 -52.09 -0.02
C THR A 405 -4.70 -51.35 -1.01
N LEU A 406 -3.59 -50.77 -0.53
CA LEU A 406 -2.66 -50.10 -1.43
C LEU A 406 -2.04 -51.09 -2.41
N LYS A 407 -1.71 -52.28 -1.94
CA LYS A 407 -1.14 -53.30 -2.81
C LYS A 407 -2.11 -53.67 -3.92
N LYS A 408 -3.39 -53.86 -3.57
CA LYS A 408 -4.40 -54.19 -4.56
C LYS A 408 -4.64 -53.03 -5.53
N ALA A 409 -4.59 -51.79 -5.02
CA ALA A 409 -4.70 -50.64 -5.89
C ALA A 409 -3.56 -50.59 -6.90
N PHE A 410 -2.35 -50.93 -6.46
CA PHE A 410 -1.23 -50.96 -7.39
C PHE A 410 -1.33 -52.11 -8.38
N GLU A 411 -1.92 -53.25 -7.98
CA GLU A 411 -2.22 -54.29 -8.96
C GLU A 411 -3.22 -53.80 -10.00
N HIS A 412 -4.27 -53.11 -9.55
CA HIS A 412 -5.26 -52.59 -10.48
C HIS A 412 -4.65 -51.55 -11.41
N SER A 413 -3.64 -50.82 -10.92
CA SER A 413 -2.95 -49.84 -11.73
C SER A 413 -2.33 -50.45 -12.99
N VAL A 414 -1.94 -51.73 -12.94
CA VAL A 414 -1.30 -52.37 -14.08
C VAL A 414 -2.02 -53.66 -14.41
N HIS A 415 -3.29 -53.79 -13.98
CA HIS A 415 -4.04 -55.00 -14.27
C HIS A 415 -4.44 -55.08 -15.74
N ARG A 416 -4.49 -53.95 -16.44
CA ARG A 416 -4.81 -53.91 -17.86
C ARG A 416 -3.81 -53.04 -18.61
N TYR A 417 -2.52 -53.25 -18.36
CA TYR A 417 -1.49 -52.43 -18.98
C TYR A 417 -1.47 -52.65 -20.49
N GLY A 418 -1.18 -51.58 -21.23
CA GLY A 418 -1.14 -51.62 -22.68
C GLY A 418 -2.35 -51.04 -23.37
N GLN A 419 -3.43 -50.76 -22.64
CA GLN A 419 -4.64 -50.20 -23.22
C GLN A 419 -4.65 -48.68 -23.18
N SER A 420 -3.58 -48.04 -22.72
CA SER A 420 -3.46 -46.60 -22.62
C SER A 420 -4.54 -45.97 -21.75
N THR A 421 -5.01 -46.70 -20.74
CA THR A 421 -6.01 -46.18 -19.83
C THR A 421 -5.34 -45.35 -18.74
N GLY A 422 -6.18 -44.63 -17.99
CA GLY A 422 -5.68 -43.69 -16.99
C GLY A 422 -5.48 -44.27 -15.61
N GLU A 423 -5.59 -45.59 -15.43
CA GLU A 423 -5.44 -46.16 -14.10
C GLU A 423 -3.99 -46.34 -13.68
N PHE A 424 -3.03 -46.13 -14.58
CA PHE A 424 -1.62 -46.21 -14.20
C PHE A 424 -1.30 -45.11 -13.19
N LEU A 425 -0.58 -45.46 -12.13
CA LEU A 425 -0.41 -44.59 -10.99
C LEU A 425 0.97 -43.96 -10.98
N GLN A 426 1.00 -42.63 -10.96
CA GLN A 426 2.20 -41.90 -10.59
C GLN A 426 2.29 -41.84 -9.07
N VAL A 427 3.50 -42.01 -8.55
CA VAL A 427 3.70 -42.23 -7.13
C VAL A 427 4.70 -41.20 -6.59
N GLY A 428 4.62 -40.99 -5.28
CA GLY A 428 5.54 -40.11 -4.60
C GLY A 428 5.73 -40.61 -3.18
N GLY A 429 6.97 -40.78 -2.78
CA GLY A 429 7.24 -41.40 -1.50
C GLY A 429 6.92 -42.87 -1.52
N ILE A 430 6.81 -43.42 -2.72
CA ILE A 430 6.55 -44.83 -2.94
C ILE A 430 7.46 -45.32 -4.07
N HIS A 431 8.14 -46.43 -3.85
CA HIS A 431 8.95 -47.08 -4.87
C HIS A 431 8.29 -48.39 -5.27
N VAL A 432 7.73 -48.44 -6.46
CA VAL A 432 7.01 -49.61 -6.94
C VAL A 432 7.73 -50.17 -8.16
N VAL A 433 7.97 -51.47 -8.15
CA VAL A 433 8.61 -52.19 -9.25
C VAL A 433 7.63 -53.25 -9.74
N TYR A 434 7.21 -53.14 -10.99
CA TYR A 434 6.26 -54.04 -11.61
C TYR A 434 6.98 -55.14 -12.37
N ASP A 435 6.19 -56.11 -12.84
CA ASP A 435 6.64 -57.16 -13.74
C ASP A 435 5.46 -57.57 -14.60
N LEU A 436 5.38 -56.99 -15.80
CA LEU A 436 4.23 -57.19 -16.67
C LEU A 436 4.15 -58.60 -17.25
N SER A 437 5.19 -59.41 -17.11
CA SER A 437 5.16 -60.77 -17.64
C SER A 437 4.16 -61.64 -16.90
N ARG A 438 4.07 -61.50 -15.58
CA ARG A 438 3.20 -62.37 -14.79
C ARG A 438 1.74 -61.93 -14.92
N LYS A 439 0.85 -62.79 -14.42
CA LYS A 439 -0.58 -62.57 -14.58
C LYS A 439 -1.04 -61.36 -13.75
N PRO A 440 -2.14 -60.72 -14.15
CA PRO A 440 -2.66 -59.59 -13.37
C PRO A 440 -3.06 -60.02 -11.97
N GLY A 441 -2.95 -59.08 -11.03
CA GLY A 441 -3.18 -59.36 -9.63
C GLY A 441 -1.94 -59.73 -8.85
N ASP A 442 -0.81 -59.95 -9.53
CA ASP A 442 0.45 -60.24 -8.86
C ASP A 442 1.61 -59.52 -9.54
N ARG A 443 1.32 -58.56 -10.43
CA ARG A 443 2.37 -57.92 -11.21
C ARG A 443 3.18 -56.91 -10.40
N VAL A 444 2.74 -56.56 -9.20
CA VAL A 444 3.51 -55.65 -8.35
C VAL A 444 4.56 -56.48 -7.62
N VAL A 445 5.75 -56.58 -8.19
CA VAL A 445 6.81 -57.39 -7.60
C VAL A 445 7.34 -56.76 -6.32
N LYS A 446 7.62 -55.45 -6.34
CA LYS A 446 8.20 -54.80 -5.18
C LYS A 446 7.43 -53.52 -4.87
N LEU A 447 7.26 -53.22 -3.60
CA LEU A 447 6.50 -52.05 -3.19
C LEU A 447 7.05 -51.57 -1.84
N ASP A 448 7.78 -50.46 -1.87
CA ASP A 448 8.36 -49.85 -0.68
C ASP A 448 7.73 -48.49 -0.47
N VAL A 449 7.57 -48.09 0.80
CA VAL A 449 6.96 -46.81 1.14
C VAL A 449 7.85 -46.10 2.16
N LEU A 450 7.71 -44.78 2.21
CA LEU A 450 8.44 -44.00 3.19
C LEU A 450 7.88 -44.27 4.59
N CYS A 451 8.76 -44.56 5.53
CA CYS A 451 8.33 -44.85 6.89
C CYS A 451 7.97 -43.57 7.62
N THR A 452 6.83 -43.59 8.29
CA THR A 452 6.39 -42.48 9.13
C THR A 452 6.60 -42.86 10.58
N LYS A 453 6.47 -41.86 11.45
CA LYS A 453 6.71 -42.03 12.89
C LYS A 453 8.10 -42.59 13.16
N CYS A 454 9.08 -42.16 12.37
CA CYS A 454 10.46 -42.58 12.52
C CYS A 454 11.36 -41.36 12.48
N ARG A 455 12.52 -41.46 13.15
CA ARG A 455 13.43 -40.32 13.23
C ARG A 455 13.94 -39.93 11.84
N VAL A 456 14.49 -40.90 11.11
CA VAL A 456 15.04 -40.67 9.78
C VAL A 456 14.19 -41.45 8.78
N PRO A 457 13.54 -40.78 7.82
CA PRO A 457 12.70 -41.52 6.87
C PRO A 457 13.54 -42.40 5.96
N SER A 458 12.94 -43.53 5.57
CA SER A 458 13.57 -44.46 4.64
C SER A 458 12.47 -45.28 3.98
N TYR A 459 12.81 -45.88 2.85
CA TYR A 459 11.85 -46.67 2.09
C TYR A 459 11.90 -48.12 2.57
N ASP A 460 10.86 -48.54 3.27
CA ASP A 460 10.75 -49.89 3.82
C ASP A 460 9.64 -50.65 3.10
N PRO A 461 9.75 -51.97 3.02
CA PRO A 461 8.71 -52.75 2.32
C PRO A 461 7.35 -52.54 2.95
N LEU A 462 6.32 -52.49 2.10
CA LEU A 462 4.95 -52.24 2.54
C LEU A 462 4.44 -53.42 3.36
N LYS A 463 3.87 -53.12 4.53
CA LYS A 463 3.30 -54.16 5.38
C LYS A 463 1.81 -54.25 5.14
N MET A 464 1.32 -55.45 4.82
CA MET A 464 -0.09 -55.62 4.49
C MET A 464 -0.98 -55.33 5.70
N ASP A 465 -0.55 -55.74 6.89
CA ASP A 465 -1.34 -55.54 8.10
C ASP A 465 -1.21 -54.14 8.69
N GLU A 466 -0.27 -53.34 8.18
CA GLU A 466 -0.09 -51.99 8.72
C GLU A 466 -1.12 -51.04 8.13
N VAL A 467 -1.09 -49.80 8.63
CA VAL A 467 -2.02 -48.76 8.20
C VAL A 467 -1.20 -47.54 7.79
N TYR A 468 -1.58 -46.93 6.68
CA TYR A 468 -0.82 -45.85 6.06
C TYR A 468 -1.73 -44.67 5.74
N LYS A 469 -1.13 -43.50 5.61
CA LYS A 469 -1.85 -42.28 5.25
C LYS A 469 -1.36 -41.81 3.89
N VAL A 470 -2.29 -41.69 2.94
CA VAL A 470 -1.94 -41.40 1.54
C VAL A 470 -2.78 -40.22 1.06
N ILE A 471 -2.17 -39.37 0.25
CA ILE A 471 -2.87 -38.26 -0.39
C ILE A 471 -3.30 -38.71 -1.78
N LEU A 472 -4.61 -38.84 -1.97
CA LEU A 472 -5.19 -39.20 -3.25
C LEU A 472 -5.85 -37.99 -3.90
N PRO A 473 -6.26 -38.10 -5.15
CA PRO A 473 -7.28 -37.19 -5.66
C PRO A 473 -8.68 -37.69 -5.30
N ASN A 474 -9.68 -36.83 -5.52
CA ASN A 474 -11.05 -37.25 -5.28
C ASN A 474 -11.45 -38.39 -6.18
N PHE A 475 -10.94 -38.40 -7.42
CA PHE A 475 -11.26 -39.46 -8.36
C PHE A 475 -10.83 -40.82 -7.81
N LEU A 476 -9.63 -40.92 -7.25
CA LEU A 476 -9.16 -42.19 -6.71
C LEU A 476 -9.92 -42.57 -5.44
N ALA A 477 -10.23 -41.60 -4.59
CA ALA A 477 -10.87 -41.90 -3.32
C ALA A 477 -12.34 -42.25 -3.49
N ASN A 478 -12.90 -42.01 -4.68
CA ASN A 478 -14.31 -42.27 -4.95
C ASN A 478 -14.52 -43.29 -6.07
N GLY A 479 -13.61 -44.24 -6.23
CA GLY A 479 -13.78 -45.30 -7.21
C GLY A 479 -13.76 -44.85 -8.65
N GLY A 480 -12.87 -43.94 -9.00
CA GLY A 480 -12.72 -43.50 -10.38
C GLY A 480 -11.57 -44.19 -11.07
N ASP A 481 -11.70 -44.37 -12.38
CA ASP A 481 -10.76 -45.15 -13.17
C ASP A 481 -10.55 -46.54 -12.56
N GLY A 482 -11.63 -47.14 -12.10
CA GLY A 482 -11.56 -48.36 -11.31
C GLY A 482 -11.29 -48.05 -9.83
N PHE A 483 -10.34 -48.76 -9.24
CA PHE A 483 -9.93 -48.52 -7.85
C PHE A 483 -11.12 -48.57 -6.90
N GLN A 484 -11.99 -49.57 -7.09
CA GLN A 484 -13.14 -49.71 -6.21
C GLN A 484 -12.73 -50.13 -4.81
N MET A 485 -11.64 -50.89 -4.69
CA MET A 485 -11.19 -51.32 -3.37
C MET A 485 -10.70 -50.18 -2.51
N ILE A 486 -10.42 -49.01 -3.10
CA ILE A 486 -9.99 -47.86 -2.31
C ILE A 486 -11.19 -47.20 -1.65
N LYS A 487 -12.23 -46.91 -2.43
CA LYS A 487 -13.35 -46.13 -1.93
C LYS A 487 -14.08 -46.78 -0.77
N ASP A 488 -14.21 -48.11 -0.77
CA ASP A 488 -14.97 -48.82 0.26
C ASP A 488 -14.10 -49.33 1.40
N GLU A 489 -12.81 -49.00 1.42
CA GLU A 489 -11.92 -49.49 2.47
C GLU A 489 -11.13 -48.37 3.16
N LEU A 490 -11.46 -47.11 2.93
CA LEU A 490 -10.81 -46.03 3.64
C LEU A 490 -11.24 -46.02 5.11
N LEU A 491 -10.27 -46.03 6.01
CA LEU A 491 -10.58 -45.88 7.43
C LEU A 491 -10.94 -44.44 7.77
N ARG A 492 -10.20 -43.47 7.22
CA ARG A 492 -10.51 -42.06 7.38
C ARG A 492 -10.34 -41.38 6.04
N HIS A 493 -11.15 -40.35 5.79
CA HIS A 493 -11.14 -39.65 4.51
C HIS A 493 -11.46 -38.18 4.79
N ASP A 494 -10.48 -37.30 4.60
CA ASP A 494 -10.63 -35.87 4.84
C ASP A 494 -10.25 -35.11 3.57
N SER A 495 -11.16 -34.26 3.09
CA SER A 495 -10.88 -33.47 1.91
C SER A 495 -9.78 -32.45 2.19
N GLY A 496 -9.04 -32.09 1.15
CA GLY A 496 -7.95 -31.14 1.25
C GLY A 496 -8.09 -29.98 0.29
N ASP A 497 -6.95 -29.42 -0.11
CA ASP A 497 -6.92 -28.23 -0.94
C ASP A 497 -7.12 -28.58 -2.41
N GLN A 498 -7.30 -27.53 -3.23
CA GLN A 498 -7.51 -27.72 -4.65
C GLN A 498 -6.27 -28.28 -5.33
N ASP A 499 -6.47 -28.93 -6.47
CA ASP A 499 -5.36 -29.50 -7.23
C ASP A 499 -4.48 -28.41 -7.83
N ILE A 500 -5.06 -27.59 -8.70
CA ILE A 500 -4.30 -26.53 -9.36
C ILE A 500 -3.74 -25.55 -8.33
N ASN A 501 -4.50 -25.27 -7.27
CA ASN A 501 -4.00 -24.38 -6.24
C ASN A 501 -2.76 -24.96 -5.56
N VAL A 502 -2.79 -26.24 -5.23
CA VAL A 502 -1.64 -26.86 -4.57
C VAL A 502 -0.42 -26.84 -5.50
N VAL A 503 -0.63 -27.22 -6.76
CA VAL A 503 0.49 -27.27 -7.70
C VAL A 503 1.07 -25.88 -7.93
N SER A 504 0.20 -24.87 -8.07
CA SER A 504 0.67 -23.50 -8.26
C SER A 504 1.39 -22.97 -7.03
N THR A 505 0.91 -23.31 -5.83
CA THR A 505 1.58 -22.90 -4.61
C THR A 505 2.97 -23.52 -4.54
N TYR A 506 3.08 -24.81 -4.87
CA TYR A 506 4.38 -25.47 -4.87
C TYR A 506 5.32 -24.83 -5.90
N ILE A 507 4.80 -24.51 -7.08
CA ILE A 507 5.64 -23.94 -8.13
C ILE A 507 6.08 -22.52 -7.78
N SER A 508 5.18 -21.73 -7.19
CA SER A 508 5.55 -20.40 -6.77
C SER A 508 6.53 -20.42 -5.60
N LYS A 509 6.40 -21.39 -4.70
CA LYS A 509 7.36 -21.54 -3.62
C LYS A 509 8.74 -21.89 -4.17
N MET A 510 8.80 -22.87 -5.07
CA MET A 510 10.04 -23.26 -5.76
C MET A 510 10.12 -22.51 -7.09
N LYS A 511 10.76 -21.35 -7.04
CA LYS A 511 10.78 -20.44 -8.19
C LYS A 511 11.29 -21.11 -9.46
N VAL A 512 12.27 -22.01 -9.32
CA VAL A 512 12.76 -22.80 -10.44
C VAL A 512 12.57 -24.26 -10.11
N ILE A 513 11.78 -24.96 -10.92
CA ILE A 513 11.51 -26.37 -10.71
C ILE A 513 12.26 -27.18 -11.76
N TYR A 514 12.66 -28.38 -11.38
CA TYR A 514 13.41 -29.26 -12.25
C TYR A 514 13.07 -30.71 -11.96
N PRO A 515 11.82 -31.13 -12.15
CA PRO A 515 11.46 -32.52 -11.86
C PRO A 515 12.18 -33.47 -12.80
N ALA A 516 12.43 -34.68 -12.32
CA ALA A 516 13.11 -35.70 -13.08
C ALA A 516 12.45 -37.05 -12.84
N VAL A 517 12.65 -37.97 -13.79
CA VAL A 517 12.21 -39.35 -13.62
C VAL A 517 13.19 -40.00 -12.65
N GLU A 518 12.79 -40.10 -11.39
CA GLU A 518 13.70 -40.50 -10.33
C GLU A 518 13.77 -42.01 -10.13
N GLY A 519 13.00 -42.78 -10.88
CA GLY A 519 13.00 -44.22 -10.70
C GLY A 519 12.04 -44.70 -9.63
N ARG A 520 11.05 -43.88 -9.30
CA ARG A 520 10.01 -44.31 -8.36
C ARG A 520 9.23 -45.49 -8.92
N ILE A 521 8.90 -45.47 -10.20
CA ILE A 521 8.22 -46.57 -10.87
C ILE A 521 9.22 -47.25 -11.78
N LYS A 522 9.34 -48.57 -11.64
CA LYS A 522 10.26 -49.37 -12.43
C LYS A 522 9.56 -50.58 -12.99
N PHE A 523 10.10 -51.11 -14.08
CA PHE A 523 9.61 -52.33 -14.70
C PHE A 523 10.76 -53.33 -14.79
N SER A 524 10.45 -54.61 -14.61
CA SER A 524 11.46 -55.66 -14.66
C SER A 524 12.03 -55.81 -16.06
N TRP B 2 46.30 13.67 -21.08
CA TRP B 2 45.43 13.39 -19.95
C TRP B 2 45.45 11.90 -19.61
N GLU B 3 45.87 11.58 -18.40
CA GLU B 3 46.03 10.20 -17.96
C GLU B 3 44.94 9.87 -16.95
N LEU B 4 44.23 8.77 -17.20
CA LEU B 4 43.15 8.32 -16.35
C LEU B 4 43.51 6.97 -15.72
N THR B 5 43.24 6.86 -14.41
CA THR B 5 43.48 5.64 -13.66
C THR B 5 42.13 5.03 -13.30
N ILE B 6 41.77 3.97 -14.02
CA ILE B 6 40.53 3.25 -13.75
C ILE B 6 40.80 2.15 -12.73
N LEU B 7 40.16 2.26 -11.57
CA LEU B 7 40.11 1.18 -10.60
C LEU B 7 38.75 0.50 -10.71
N HIS B 8 38.74 -0.82 -10.68
CA HIS B 8 37.48 -1.52 -10.85
C HIS B 8 37.49 -2.84 -10.10
N THR B 9 36.29 -3.26 -9.69
CA THR B 9 36.07 -4.56 -9.08
C THR B 9 34.83 -5.17 -9.72
N ASN B 10 34.78 -6.50 -9.76
CA ASN B 10 33.65 -7.18 -10.36
C ASN B 10 33.41 -8.50 -9.64
N ASP B 11 32.13 -8.86 -9.55
CA ASP B 11 31.72 -10.12 -8.94
C ASP B 11 32.25 -10.26 -7.51
N VAL B 12 32.06 -9.19 -6.71
CA VAL B 12 32.49 -9.23 -5.33
C VAL B 12 31.74 -10.30 -4.55
N HIS B 13 30.43 -10.42 -4.78
CA HIS B 13 29.61 -11.48 -4.20
C HIS B 13 29.60 -11.43 -2.66
N SER B 14 29.34 -10.23 -2.14
CA SER B 14 29.13 -10.00 -0.71
C SER B 14 30.32 -10.45 0.14
N ARG B 15 31.53 -10.41 -0.42
CA ARG B 15 32.74 -10.71 0.35
C ARG B 15 33.22 -9.46 1.10
N LEU B 16 32.40 -9.05 2.08
CA LEU B 16 32.70 -7.85 2.84
C LEU B 16 33.91 -8.05 3.73
N GLU B 17 33.95 -9.14 4.48
CA GLU B 17 35.09 -9.44 5.32
C GLU B 17 36.20 -10.10 4.50
N GLN B 18 37.42 -10.00 5.01
CA GLN B 18 38.55 -10.64 4.33
C GLN B 18 38.34 -12.14 4.27
N THR B 19 38.63 -12.72 3.10
CA THR B 19 38.48 -14.13 2.85
C THR B 19 39.85 -14.77 2.68
N SER B 20 39.85 -16.08 2.45
CA SER B 20 41.09 -16.81 2.22
C SER B 20 41.54 -16.65 0.77
N GLU B 21 42.51 -17.44 0.34
CA GLU B 21 43.02 -17.34 -1.03
C GLU B 21 42.00 -17.84 -2.05
N ASP B 22 40.97 -18.56 -1.63
CA ASP B 22 39.96 -19.10 -2.52
C ASP B 22 38.54 -18.72 -2.10
N SER B 23 38.37 -17.48 -1.61
CA SER B 23 37.09 -16.89 -1.21
C SER B 23 36.43 -17.60 -0.03
N SER B 24 37.09 -18.58 0.58
CA SER B 24 36.55 -19.26 1.74
C SER B 24 36.70 -18.38 2.98
N LYS B 25 36.11 -18.82 4.08
CA LYS B 25 36.16 -18.05 5.32
C LYS B 25 37.60 -17.87 5.78
N CYS B 26 37.89 -16.69 6.33
CA CYS B 26 39.25 -16.39 6.79
C CYS B 26 39.59 -17.20 8.03
N VAL B 27 40.76 -17.83 8.01
CA VAL B 27 41.24 -18.62 9.13
C VAL B 27 42.53 -18.02 9.66
N ASN B 28 43.54 -17.95 8.79
CA ASN B 28 44.84 -17.36 9.14
C ASN B 28 44.84 -15.91 8.69
N ALA B 29 44.76 -14.99 9.65
CA ALA B 29 44.68 -13.57 9.31
C ALA B 29 45.92 -13.09 8.57
N SER B 30 47.07 -13.71 8.82
CA SER B 30 48.30 -13.30 8.15
C SER B 30 48.31 -13.72 6.68
N ARG B 31 47.38 -14.57 6.24
CA ARG B 31 47.32 -15.03 4.87
C ARG B 31 45.98 -14.76 4.20
N CYS B 32 45.14 -13.89 4.78
CA CYS B 32 43.84 -13.63 4.21
C CYS B 32 43.89 -12.42 3.27
N MET B 33 43.01 -12.46 2.27
CA MET B 33 42.98 -11.48 1.20
C MET B 33 41.61 -10.84 1.13
N GLY B 34 41.47 -9.87 0.23
CA GLY B 34 40.19 -9.26 -0.04
C GLY B 34 39.70 -8.41 1.11
N GLY B 35 38.39 -8.16 1.12
CA GLY B 35 37.76 -7.36 2.15
C GLY B 35 37.47 -5.94 1.73
N VAL B 36 36.39 -5.37 2.28
CA VAL B 36 36.04 -3.99 1.98
C VAL B 36 37.04 -3.04 2.64
N ALA B 37 37.49 -3.36 3.85
CA ALA B 37 38.43 -2.50 4.55
C ALA B 37 39.77 -2.42 3.83
N ARG B 38 40.31 -3.54 3.38
CA ARG B 38 41.58 -3.55 2.66
C ARG B 38 41.48 -2.81 1.32
N LEU B 39 40.37 -3.04 0.60
CA LEU B 39 40.13 -2.31 -0.64
C LEU B 39 40.03 -0.82 -0.37
N PHE B 40 39.45 -0.44 0.78
CA PHE B 40 39.36 0.97 1.14
C PHE B 40 40.74 1.58 1.29
N THR B 41 41.65 0.86 1.97
CA THR B 41 43.01 1.36 2.15
C THR B 41 43.71 1.51 0.80
N LYS B 42 43.59 0.50 -0.06
CA LYS B 42 44.27 0.57 -1.36
C LYS B 42 43.71 1.70 -2.22
N VAL B 43 42.39 1.86 -2.25
CA VAL B 43 41.77 2.91 -3.06
C VAL B 43 42.14 4.27 -2.50
N GLN B 44 42.21 4.40 -1.17
CA GLN B 44 42.63 5.66 -0.56
C GLN B 44 44.06 6.00 -0.94
N GLN B 45 44.95 5.02 -0.90
CA GLN B 45 46.34 5.26 -1.31
C GLN B 45 46.41 5.70 -2.76
N ILE B 46 45.67 5.01 -3.65
CA ILE B 46 45.71 5.35 -5.07
C ILE B 46 45.14 6.75 -5.30
N ARG B 47 44.06 7.10 -4.61
CA ARG B 47 43.47 8.42 -4.77
C ARG B 47 44.40 9.51 -4.25
N ARG B 48 45.05 9.28 -3.12
CA ARG B 48 45.97 10.29 -2.59
C ARG B 48 47.19 10.44 -3.48
N ALA B 49 47.64 9.37 -4.12
CA ALA B 49 48.87 9.41 -4.89
C ALA B 49 48.66 9.74 -6.36
N GLU B 50 47.46 9.56 -6.88
CA GLU B 50 47.27 9.76 -8.33
C GLU B 50 46.01 10.55 -8.63
N PRO B 51 46.10 11.59 -9.52
CA PRO B 51 45.01 12.58 -9.79
C PRO B 51 43.68 12.10 -10.36
N ASN B 52 43.66 11.50 -11.55
CA ASN B 52 42.39 11.10 -12.21
C ASN B 52 42.07 9.66 -11.84
N VAL B 53 41.28 9.46 -10.80
CA VAL B 53 41.01 8.10 -10.37
C VAL B 53 39.51 7.87 -10.45
N LEU B 54 39.12 6.75 -11.07
CA LEU B 54 37.71 6.44 -11.30
C LEU B 54 37.46 5.00 -10.86
N LEU B 55 36.81 4.85 -9.70
CA LEU B 55 36.51 3.54 -9.14
C LEU B 55 35.15 3.09 -9.64
N LEU B 56 35.09 1.88 -10.22
CA LEU B 56 33.88 1.37 -10.85
C LEU B 56 33.63 -0.05 -10.40
N ASP B 57 32.37 -0.48 -10.46
CA ASP B 57 31.97 -1.86 -10.18
C ASP B 57 31.21 -2.39 -11.38
N ALA B 58 31.54 -3.60 -11.79
CA ALA B 58 30.90 -4.21 -12.97
C ALA B 58 29.67 -5.03 -12.62
N GLY B 59 29.35 -5.20 -11.34
CA GLY B 59 28.14 -5.89 -10.94
C GLY B 59 28.42 -7.10 -10.06
N ASP B 60 27.34 -7.82 -9.78
CA ASP B 60 27.36 -9.02 -8.94
C ASP B 60 27.94 -8.74 -7.56
N GLN B 61 27.54 -7.60 -6.97
CA GLN B 61 27.81 -7.36 -5.58
C GLN B 61 26.80 -8.07 -4.69
N TYR B 62 25.71 -8.53 -5.28
CA TYR B 62 24.66 -9.22 -4.53
C TYR B 62 24.99 -10.71 -4.39
N GLN B 63 24.50 -11.30 -3.30
CA GLN B 63 24.46 -12.74 -3.10
C GLN B 63 25.83 -13.34 -2.82
N GLY B 64 25.87 -14.32 -1.91
CA GLY B 64 27.09 -15.07 -1.69
C GLY B 64 27.45 -15.40 -0.26
N THR B 65 27.10 -14.53 0.69
CA THR B 65 27.48 -14.73 2.08
C THR B 65 26.30 -14.45 2.99
N ILE B 66 26.56 -14.57 4.30
CA ILE B 66 25.56 -14.29 5.33
C ILE B 66 25.12 -12.84 5.28
N TRP B 67 26.00 -11.95 4.81
CA TRP B 67 25.69 -10.53 4.77
C TRP B 67 24.47 -10.27 3.89
N PHE B 68 24.37 -10.96 2.76
CA PHE B 68 23.25 -10.74 1.85
C PHE B 68 21.96 -11.34 2.40
N THR B 69 22.07 -12.40 3.21
CA THR B 69 20.86 -12.98 3.79
C THR B 69 20.33 -12.13 4.94
N VAL B 70 21.22 -11.54 5.72
CA VAL B 70 20.78 -10.76 6.87
C VAL B 70 20.39 -9.35 6.45
N TYR B 71 21.18 -8.72 5.58
CA TYR B 71 20.98 -7.32 5.23
C TYR B 71 20.32 -7.11 3.88
N LYS B 72 20.29 -8.14 3.03
CA LYS B 72 19.58 -8.11 1.75
C LYS B 72 20.04 -6.96 0.86
N GLY B 73 21.35 -6.72 0.81
CA GLY B 73 21.93 -5.72 -0.05
C GLY B 73 22.12 -4.36 0.58
N ALA B 74 21.62 -4.15 1.80
CA ALA B 74 21.86 -2.88 2.48
C ALA B 74 23.34 -2.69 2.79
N GLU B 75 24.02 -3.76 3.22
CA GLU B 75 25.45 -3.68 3.49
C GLU B 75 26.24 -3.34 2.24
N VAL B 76 25.83 -3.86 1.08
CA VAL B 76 26.53 -3.58 -0.16
C VAL B 76 26.45 -2.09 -0.48
N ALA B 77 25.25 -1.52 -0.44
CA ALA B 77 25.08 -0.10 -0.73
C ALA B 77 25.84 0.74 0.29
N HIS B 78 25.75 0.39 1.56
CA HIS B 78 26.41 1.18 2.61
C HIS B 78 27.92 1.20 2.41
N PHE B 79 28.53 0.03 2.22
CA PHE B 79 29.98 0.01 2.13
C PHE B 79 30.50 0.45 0.77
N MET B 80 29.67 0.39 -0.28
CA MET B 80 30.11 0.96 -1.55
C MET B 80 29.91 2.47 -1.56
N ASN B 81 29.05 2.99 -0.69
CA ASN B 81 29.02 4.44 -0.46
C ASN B 81 30.22 4.87 0.38
N ALA B 82 30.59 4.05 1.37
CA ALA B 82 31.78 4.34 2.17
C ALA B 82 33.04 4.33 1.30
N LEU B 83 33.14 3.37 0.38
CA LEU B 83 34.25 3.33 -0.55
C LEU B 83 34.14 4.40 -1.63
N ARG B 84 32.97 5.01 -1.79
CA ARG B 84 32.73 6.06 -2.76
C ARG B 84 33.01 5.59 -4.19
N TYR B 85 32.25 4.58 -4.59
CA TYR B 85 32.26 4.17 -5.99
C TYR B 85 31.74 5.29 -6.87
N ASP B 86 32.29 5.39 -8.07
CA ASP B 86 31.86 6.43 -9.00
C ASP B 86 30.73 5.96 -9.90
N ALA B 87 30.70 4.68 -10.27
CA ALA B 87 29.61 4.12 -11.05
C ALA B 87 29.58 2.63 -10.82
N MET B 88 28.42 2.04 -11.10
CA MET B 88 28.23 0.60 -10.97
C MET B 88 27.29 0.13 -12.07
N ALA B 89 27.61 -1.02 -12.67
CA ALA B 89 26.76 -1.63 -13.68
C ALA B 89 25.95 -2.76 -13.05
N LEU B 90 24.68 -2.86 -13.45
CA LEU B 90 23.82 -3.90 -12.93
C LEU B 90 24.29 -5.27 -13.39
N GLY B 91 24.27 -6.24 -12.48
CA GLY B 91 24.61 -7.60 -12.80
C GLY B 91 23.41 -8.51 -12.72
N ASN B 92 23.64 -9.78 -13.07
CA ASN B 92 22.57 -10.76 -13.00
C ASN B 92 22.14 -11.00 -11.55
N HIS B 93 23.09 -11.01 -10.62
CA HIS B 93 22.76 -11.28 -9.23
C HIS B 93 22.07 -10.10 -8.56
N GLU B 94 22.13 -8.91 -9.15
CA GLU B 94 21.42 -7.77 -8.58
C GLU B 94 19.92 -7.97 -8.61
N PHE B 95 19.42 -8.87 -9.47
CA PHE B 95 18.01 -9.18 -9.54
C PHE B 95 17.63 -10.38 -8.69
N ASP B 96 18.56 -10.93 -7.92
CA ASP B 96 18.20 -11.84 -6.85
C ASP B 96 17.32 -11.11 -5.85
N ASN B 97 16.35 -11.84 -5.29
CA ASN B 97 15.27 -11.29 -4.46
C ASN B 97 14.32 -10.42 -5.26
N GLY B 98 14.52 -10.30 -6.57
CA GLY B 98 13.60 -9.61 -7.43
C GLY B 98 13.87 -8.12 -7.56
N VAL B 99 13.09 -7.50 -8.44
CA VAL B 99 13.17 -6.06 -8.65
C VAL B 99 12.80 -5.32 -7.37
N GLU B 100 11.85 -5.86 -6.60
CA GLU B 100 11.53 -5.26 -5.30
C GLU B 100 12.73 -5.30 -4.37
N GLY B 101 13.48 -6.40 -4.37
CA GLY B 101 14.69 -6.50 -3.59
C GLY B 101 15.88 -5.76 -4.16
N LEU B 102 15.78 -5.26 -5.38
CA LEU B 102 16.82 -4.43 -5.97
C LEU B 102 16.56 -2.94 -5.75
N ILE B 103 15.31 -2.50 -5.89
CA ILE B 103 15.00 -1.08 -5.87
C ILE B 103 15.23 -0.49 -4.49
N GLU B 104 14.70 -1.14 -3.46
CA GLU B 104 14.70 -0.53 -2.13
C GLU B 104 16.08 -0.58 -1.47
N PRO B 105 16.74 -1.75 -1.38
CA PRO B 105 18.03 -1.76 -0.68
C PRO B 105 19.14 -1.02 -1.42
N LEU B 106 19.24 -1.19 -2.73
CA LEU B 106 20.39 -0.70 -3.48
C LEU B 106 20.07 0.55 -4.29
N LEU B 107 19.07 0.49 -5.18
CA LEU B 107 18.82 1.59 -6.09
C LEU B 107 18.45 2.87 -5.36
N LYS B 108 17.86 2.77 -4.17
CA LYS B 108 17.47 3.96 -3.43
C LYS B 108 18.59 4.46 -2.51
N GLU B 109 19.31 3.56 -1.87
CA GLU B 109 20.33 3.94 -0.90
C GLU B 109 21.67 4.31 -1.52
N ALA B 110 21.98 3.79 -2.71
CA ALA B 110 23.27 4.09 -3.34
C ALA B 110 23.33 5.55 -3.76
N LYS B 111 24.51 6.15 -3.56
CA LYS B 111 24.73 7.54 -3.96
C LYS B 111 25.38 7.65 -5.34
N PHE B 112 26.08 6.60 -5.78
CA PHE B 112 26.67 6.54 -7.09
C PHE B 112 25.63 6.16 -8.14
N PRO B 113 25.83 6.59 -9.38
CA PRO B 113 24.94 6.14 -10.46
C PRO B 113 25.04 4.63 -10.66
N ILE B 114 23.91 4.03 -11.00
CA ILE B 114 23.84 2.61 -11.37
C ILE B 114 23.33 2.53 -12.79
N LEU B 115 24.09 1.86 -13.65
CA LEU B 115 23.94 1.98 -15.10
C LEU B 115 23.57 0.64 -15.73
N SER B 116 22.58 0.68 -16.61
CA SER B 116 22.29 -0.42 -17.52
C SER B 116 21.50 0.09 -18.72
N ALA B 117 22.14 0.16 -19.87
CA ALA B 117 21.50 0.74 -21.05
C ALA B 117 20.50 -0.22 -21.68
N ASN B 118 20.80 -1.51 -21.66
CA ASN B 118 19.98 -2.50 -22.36
C ASN B 118 18.92 -3.14 -21.49
N ILE B 119 18.47 -2.45 -20.43
CA ILE B 119 17.35 -2.90 -19.62
C ILE B 119 16.20 -1.92 -19.82
N LYS B 120 15.05 -2.43 -20.26
CA LYS B 120 13.88 -1.62 -20.52
C LYS B 120 12.73 -2.08 -19.62
N ALA B 121 12.09 -1.14 -18.95
CA ALA B 121 11.00 -1.45 -18.06
C ALA B 121 9.66 -1.24 -18.76
N LYS B 122 8.75 -2.20 -18.56
CA LYS B 122 7.43 -2.17 -19.16
C LYS B 122 6.39 -2.48 -18.11
N GLY B 123 5.17 -2.00 -18.34
CA GLY B 123 4.07 -2.24 -17.44
C GLY B 123 4.10 -1.32 -16.24
N PRO B 124 3.51 -1.76 -15.13
CA PRO B 124 3.49 -0.92 -13.93
C PRO B 124 4.86 -0.62 -13.36
N LEU B 125 5.86 -1.46 -13.65
CA LEU B 125 7.19 -1.25 -13.09
C LEU B 125 7.88 -0.03 -13.69
N ALA B 126 7.56 0.30 -14.94
CA ALA B 126 8.24 1.39 -15.62
C ALA B 126 8.08 2.71 -14.88
N SER B 127 6.99 2.88 -14.14
CA SER B 127 6.81 4.10 -13.36
C SER B 127 7.65 4.10 -12.09
N GLN B 128 7.84 2.93 -11.47
CA GLN B 128 8.50 2.83 -10.17
C GLN B 128 10.01 2.68 -10.26
N ILE B 129 10.54 2.38 -11.45
CA ILE B 129 11.98 2.16 -11.59
C ILE B 129 12.65 3.17 -12.53
N SER B 130 11.88 3.99 -13.23
CA SER B 130 12.47 4.96 -14.15
C SER B 130 13.25 6.02 -13.37
N GLY B 131 14.50 6.24 -13.78
CA GLY B 131 15.36 7.19 -13.11
C GLY B 131 16.24 6.60 -12.03
N LEU B 132 15.90 5.43 -11.50
CA LEU B 132 16.74 4.78 -10.50
C LEU B 132 17.98 4.16 -11.11
N TYR B 133 17.90 3.70 -12.36
CA TYR B 133 19.05 3.23 -13.11
C TYR B 133 19.07 3.94 -14.46
N LEU B 134 20.25 4.35 -14.86
CA LEU B 134 20.45 5.19 -16.04
C LEU B 134 21.07 4.39 -17.17
N PRO B 135 20.79 4.75 -18.42
CA PRO B 135 21.51 4.10 -19.53
C PRO B 135 22.99 4.46 -19.55
N TYR B 136 23.35 5.65 -19.06
CA TYR B 136 24.72 6.10 -19.04
C TYR B 136 24.86 7.18 -17.98
N LYS B 137 26.11 7.54 -17.68
CA LYS B 137 26.40 8.63 -16.76
C LYS B 137 27.61 9.41 -17.24
N VAL B 138 27.52 10.73 -17.16
CA VAL B 138 28.58 11.63 -17.58
C VAL B 138 29.25 12.18 -16.33
N LEU B 139 30.42 11.63 -15.98
CA LEU B 139 31.11 11.98 -14.76
C LEU B 139 32.30 12.88 -15.06
N PRO B 140 32.43 14.02 -14.39
CA PRO B 140 33.64 14.83 -14.56
C PRO B 140 34.78 14.31 -13.71
N VAL B 141 35.85 13.90 -14.38
CA VAL B 141 37.04 13.40 -13.71
C VAL B 141 38.18 14.37 -13.94
N GLY B 142 38.66 15.00 -12.88
CA GLY B 142 39.65 16.05 -13.03
C GLY B 142 39.05 17.20 -13.82
N ASP B 143 39.84 17.73 -14.77
CA ASP B 143 39.35 18.79 -15.63
C ASP B 143 38.63 18.26 -16.86
N GLU B 144 38.62 16.95 -17.06
CA GLU B 144 37.98 16.35 -18.22
C GLU B 144 36.66 15.69 -17.82
N VAL B 145 35.96 15.16 -18.83
CA VAL B 145 34.64 14.56 -18.64
C VAL B 145 34.65 13.20 -19.32
N VAL B 146 34.19 12.17 -18.61
CA VAL B 146 34.17 10.80 -19.11
C VAL B 146 32.75 10.27 -19.03
N GLY B 147 32.27 9.69 -20.13
CA GLY B 147 30.98 9.05 -20.16
C GLY B 147 31.12 7.56 -19.96
N ILE B 148 30.19 6.98 -19.20
CA ILE B 148 30.21 5.56 -18.87
C ILE B 148 28.85 4.98 -19.23
N VAL B 149 28.85 3.96 -20.08
CA VAL B 149 27.64 3.29 -20.54
C VAL B 149 27.57 1.92 -19.87
N GLY B 150 26.45 1.64 -19.22
CA GLY B 150 26.26 0.36 -18.57
C GLY B 150 25.57 -0.66 -19.45
N TYR B 151 25.76 -1.93 -19.12
CA TYR B 151 25.02 -3.00 -19.77
C TYR B 151 25.00 -4.22 -18.86
N THR B 152 24.06 -5.11 -19.13
CA THR B 152 23.90 -6.35 -18.39
C THR B 152 23.67 -7.47 -19.40
N SER B 153 24.05 -8.68 -19.03
CA SER B 153 23.90 -9.83 -19.92
C SER B 153 22.44 -10.05 -20.26
N LYS B 154 22.19 -10.46 -21.50
CA LYS B 154 20.84 -10.83 -21.90
C LYS B 154 20.37 -12.10 -21.22
N GLU B 155 21.29 -12.82 -20.55
CA GLU B 155 20.93 -14.08 -19.91
C GLU B 155 20.39 -13.87 -18.50
N THR B 156 20.24 -12.62 -18.07
CA THR B 156 19.75 -12.34 -16.71
C THR B 156 18.41 -13.00 -16.39
N PRO B 157 17.41 -13.03 -17.29
CA PRO B 157 16.18 -13.77 -16.97
C PRO B 157 16.42 -15.24 -16.68
N PHE B 158 17.41 -15.87 -17.31
CA PHE B 158 17.71 -17.28 -17.06
C PHE B 158 18.68 -17.49 -15.91
N LEU B 159 19.46 -16.48 -15.55
CA LEU B 159 20.41 -16.59 -14.45
C LEU B 159 19.88 -16.03 -13.14
N SER B 160 18.74 -15.36 -13.17
CA SER B 160 18.16 -14.75 -11.98
C SER B 160 16.65 -14.74 -12.14
N ASN B 161 15.97 -13.95 -11.31
CA ASN B 161 14.52 -13.77 -11.38
C ASN B 161 14.20 -12.28 -11.42
N PRO B 162 14.47 -11.61 -12.55
CA PRO B 162 14.09 -10.20 -12.66
C PRO B 162 12.61 -9.97 -12.79
N GLY B 163 11.85 -10.98 -13.22
CA GLY B 163 10.44 -10.81 -13.46
C GLY B 163 10.14 -10.64 -14.94
N THR B 164 8.87 -10.35 -15.22
CA THR B 164 8.41 -10.18 -16.59
C THR B 164 8.48 -8.73 -17.06
N ASN B 165 8.38 -7.77 -16.14
CA ASN B 165 8.30 -6.36 -16.49
C ASN B 165 9.63 -5.76 -16.94
N LEU B 166 10.66 -6.58 -17.13
CA LEU B 166 11.96 -6.10 -17.57
C LEU B 166 12.40 -6.86 -18.82
N VAL B 167 12.84 -6.12 -19.83
CA VAL B 167 13.32 -6.69 -21.09
C VAL B 167 14.81 -6.39 -21.21
N PHE B 168 15.60 -7.41 -21.49
CA PHE B 168 17.05 -7.29 -21.60
C PHE B 168 17.41 -7.35 -23.09
N GLU B 169 17.49 -6.17 -23.71
CA GLU B 169 17.78 -6.09 -25.13
C GLU B 169 19.22 -6.49 -25.42
N ASP B 170 19.55 -6.59 -26.71
CA ASP B 170 20.91 -6.91 -27.12
C ASP B 170 21.86 -5.81 -26.66
N GLU B 171 23.06 -6.22 -26.25
CA GLU B 171 24.01 -5.27 -25.68
C GLU B 171 24.48 -4.26 -26.73
N ILE B 172 24.83 -4.74 -27.92
CA ILE B 172 25.39 -3.83 -28.94
C ILE B 172 24.32 -2.90 -29.48
N THR B 173 23.13 -3.45 -29.78
CA THR B 173 22.08 -2.64 -30.39
C THR B 173 21.53 -1.60 -29.45
N ALA B 174 21.70 -1.79 -28.13
CA ALA B 174 21.27 -0.79 -27.17
C ALA B 174 22.42 0.14 -26.77
N LEU B 175 23.66 -0.35 -26.85
CA LEU B 175 24.80 0.47 -26.49
C LEU B 175 25.14 1.47 -27.58
N GLN B 176 24.93 1.11 -28.85
CA GLN B 176 25.24 2.02 -29.95
C GLN B 176 24.49 3.34 -29.88
N PRO B 177 23.16 3.37 -29.70
CA PRO B 177 22.51 4.69 -29.55
C PRO B 177 23.01 5.47 -28.35
N GLU B 178 23.33 4.79 -27.24
CA GLU B 178 23.84 5.51 -26.07
C GLU B 178 25.21 6.12 -26.35
N VAL B 179 26.10 5.39 -27.02
CA VAL B 179 27.41 5.93 -27.34
C VAL B 179 27.29 7.07 -28.34
N ASP B 180 26.39 6.94 -29.32
CA ASP B 180 26.16 8.02 -30.27
C ASP B 180 25.63 9.27 -29.56
N LYS B 181 24.71 9.09 -28.61
CA LYS B 181 24.21 10.23 -27.84
C LYS B 181 25.30 10.85 -27.00
N LEU B 182 26.18 10.03 -26.43
CA LEU B 182 27.29 10.55 -25.64
C LEU B 182 28.23 11.38 -26.50
N LYS B 183 28.57 10.88 -27.70
CA LYS B 183 29.44 11.64 -28.58
C LYS B 183 28.73 12.87 -29.12
N THR B 184 27.39 12.86 -29.14
CA THR B 184 26.64 14.07 -29.45
C THR B 184 26.84 15.12 -28.36
N LEU B 185 26.87 14.70 -27.10
CA LEU B 185 27.09 15.56 -25.94
C LEU B 185 28.53 16.02 -25.78
N ASN B 186 29.36 15.81 -26.80
CA ASN B 186 30.78 16.17 -26.78
C ASN B 186 31.53 15.43 -25.68
N VAL B 187 31.27 14.12 -25.55
CA VAL B 187 32.00 13.26 -24.63
C VAL B 187 32.83 12.31 -25.48
N ASN B 188 34.14 12.55 -25.55
CA ASN B 188 35.03 11.76 -26.39
C ASN B 188 35.70 10.62 -25.65
N LYS B 189 35.54 10.54 -24.33
CA LYS B 189 36.09 9.46 -23.52
C LYS B 189 34.93 8.62 -23.00
N ILE B 190 34.80 7.40 -23.53
CA ILE B 190 33.64 6.55 -23.25
C ILE B 190 34.13 5.22 -22.69
N ILE B 191 33.55 4.79 -21.58
CA ILE B 191 33.89 3.52 -20.94
C ILE B 191 32.64 2.65 -20.91
N ALA B 192 32.77 1.41 -21.39
CA ALA B 192 31.67 0.46 -21.38
C ALA B 192 31.79 -0.42 -20.13
N LEU B 193 31.14 0.01 -19.05
CA LEU B 193 31.14 -0.73 -17.79
C LEU B 193 29.89 -1.60 -17.74
N GLY B 194 30.08 -2.91 -17.78
CA GLY B 194 28.93 -3.80 -17.89
C GLY B 194 29.21 -5.16 -17.32
N HIS B 195 28.17 -6.00 -17.36
CA HIS B 195 28.21 -7.31 -16.74
C HIS B 195 27.75 -8.41 -17.69
N SER B 196 28.32 -8.47 -18.89
CA SER B 196 27.90 -9.44 -19.87
C SER B 196 28.93 -10.50 -20.23
N GLY B 197 30.08 -10.53 -19.54
CA GLY B 197 31.08 -11.53 -19.81
C GLY B 197 32.21 -11.02 -20.70
N PHE B 198 33.36 -11.69 -20.58
CA PHE B 198 34.56 -11.25 -21.29
C PHE B 198 34.37 -11.30 -22.80
N GLU B 199 33.74 -12.37 -23.30
CA GLU B 199 33.51 -12.50 -24.74
C GLU B 199 32.61 -11.37 -25.26
N MET B 200 31.55 -11.04 -24.52
CA MET B 200 30.69 -9.96 -24.95
C MET B 200 31.38 -8.61 -24.78
N ASP B 201 32.29 -8.49 -23.82
CA ASP B 201 33.10 -7.27 -23.73
C ASP B 201 33.96 -7.08 -24.96
N LYS B 202 34.59 -8.17 -25.43
CA LYS B 202 35.38 -8.09 -26.65
C LYS B 202 34.49 -7.77 -27.85
N LEU B 203 33.29 -8.36 -27.91
CA LEU B 203 32.37 -8.06 -28.99
C LEU B 203 31.95 -6.59 -28.97
N ILE B 204 31.70 -6.04 -27.78
CA ILE B 204 31.34 -4.62 -27.66
C ILE B 204 32.50 -3.74 -28.09
N ALA B 205 33.72 -4.10 -27.71
CA ALA B 205 34.90 -3.34 -28.12
C ALA B 205 35.06 -3.36 -29.64
N GLN B 206 34.81 -4.51 -30.26
CA GLN B 206 35.01 -4.64 -31.70
C GLN B 206 33.89 -3.93 -32.48
N LYS B 207 32.65 -4.07 -32.03
CA LYS B 207 31.50 -3.63 -32.81
C LYS B 207 31.08 -2.19 -32.51
N VAL B 208 30.93 -1.83 -31.24
CA VAL B 208 30.43 -0.51 -30.88
C VAL B 208 31.49 0.54 -31.21
N ARG B 209 31.11 1.50 -32.05
CA ARG B 209 32.02 2.57 -32.44
C ARG B 209 32.06 3.64 -31.35
N GLY B 210 33.25 4.16 -31.08
CA GLY B 210 33.40 5.23 -30.11
C GLY B 210 33.70 4.78 -28.70
N VAL B 211 33.65 3.49 -28.41
CA VAL B 211 33.98 3.01 -27.07
C VAL B 211 35.49 2.93 -26.92
N ASP B 212 36.02 3.60 -25.90
CA ASP B 212 37.47 3.66 -25.68
C ASP B 212 37.99 2.55 -24.78
N VAL B 213 37.36 2.33 -23.63
CA VAL B 213 37.76 1.27 -22.71
C VAL B 213 36.51 0.46 -22.38
N VAL B 214 36.72 -0.82 -22.09
CA VAL B 214 35.65 -1.72 -21.67
C VAL B 214 36.02 -2.30 -20.32
N VAL B 215 35.21 -2.03 -19.31
CA VAL B 215 35.37 -2.60 -17.98
C VAL B 215 34.23 -3.61 -17.80
N GLY B 216 34.59 -4.88 -17.65
CA GLY B 216 33.60 -5.94 -17.67
C GLY B 216 33.59 -6.79 -16.40
N GLY B 217 32.71 -7.78 -16.43
CA GLY B 217 32.58 -8.72 -15.35
C GLY B 217 31.88 -9.98 -15.82
N HIS B 218 31.19 -10.62 -14.87
CA HIS B 218 30.29 -11.74 -15.13
C HIS B 218 31.02 -13.03 -15.50
N SER B 219 32.33 -12.96 -15.69
CA SER B 219 33.06 -14.16 -16.09
C SER B 219 34.16 -14.55 -15.12
N ASN B 220 34.49 -13.68 -14.16
CA ASN B 220 35.61 -13.90 -13.25
C ASN B 220 36.89 -14.13 -14.02
N THR B 221 37.02 -13.47 -15.17
CA THR B 221 38.19 -13.63 -16.01
C THR B 221 39.36 -12.87 -15.41
N PHE B 222 40.50 -13.55 -15.27
CA PHE B 222 41.71 -12.95 -14.75
C PHE B 222 42.62 -12.56 -15.91
N LEU B 223 43.01 -11.28 -15.94
CA LEU B 223 43.96 -10.78 -16.93
C LEU B 223 45.19 -10.26 -16.20
N TYR B 224 46.37 -10.69 -16.66
CA TYR B 224 47.61 -10.27 -16.04
C TYR B 224 48.71 -10.26 -17.09
N THR B 225 49.64 -9.32 -16.93
CA THR B 225 50.80 -9.21 -17.81
C THR B 225 52.06 -9.40 -16.96
N GLY B 226 52.56 -10.62 -16.93
CA GLY B 226 53.71 -11.00 -16.14
C GLY B 226 53.41 -12.18 -15.27
N ASN B 227 54.26 -12.42 -14.28
CA ASN B 227 54.07 -13.53 -13.36
C ASN B 227 52.89 -13.23 -12.45
N PRO B 228 51.86 -14.09 -12.42
CA PRO B 228 50.68 -13.80 -11.61
C PRO B 228 51.03 -13.80 -10.13
N PRO B 229 50.35 -12.96 -9.32
CA PRO B 229 50.67 -12.88 -7.90
C PRO B 229 50.03 -13.95 -7.04
N SER B 230 49.10 -14.74 -7.58
CA SER B 230 48.40 -15.73 -6.78
C SER B 230 48.07 -16.93 -7.67
N LYS B 231 47.14 -17.77 -7.22
CA LYS B 231 46.86 -19.03 -7.90
C LYS B 231 46.07 -18.84 -9.18
N GLU B 232 45.50 -17.66 -9.42
CA GLU B 232 44.71 -17.44 -10.63
C GLU B 232 45.61 -17.48 -11.87
N VAL B 233 45.20 -18.25 -12.86
CA VAL B 233 45.92 -18.36 -14.12
C VAL B 233 45.29 -17.38 -15.11
N PRO B 234 46.04 -16.41 -15.64
CA PRO B 234 45.43 -15.42 -16.54
C PRO B 234 44.98 -16.06 -17.85
N ALA B 235 43.89 -15.53 -18.39
CA ALA B 235 43.40 -15.92 -19.70
C ALA B 235 43.88 -14.99 -20.80
N GLY B 236 44.70 -14.00 -20.47
CA GLY B 236 45.18 -13.06 -21.46
C GLY B 236 45.98 -11.96 -20.78
N LYS B 237 46.38 -10.99 -21.59
CA LYS B 237 47.13 -9.86 -21.07
C LYS B 237 46.19 -8.78 -20.54
N TYR B 238 46.67 -8.04 -19.55
CA TYR B 238 45.94 -6.93 -18.97
C TYR B 238 46.57 -5.62 -19.42
N PRO B 239 45.85 -4.78 -20.17
CA PRO B 239 44.50 -4.98 -20.69
C PRO B 239 44.50 -5.84 -21.95
N PHE B 240 43.39 -6.51 -22.25
CA PHE B 240 43.29 -7.28 -23.49
C PHE B 240 42.95 -6.30 -24.61
N ILE B 241 43.83 -6.19 -25.59
CA ILE B 241 43.68 -5.22 -26.66
C ILE B 241 42.85 -5.83 -27.78
N VAL B 242 41.73 -5.19 -28.10
CA VAL B 242 40.84 -5.63 -29.16
C VAL B 242 40.95 -4.66 -30.33
N THR B 243 41.18 -5.19 -31.53
CA THR B 243 41.25 -4.37 -32.73
C THR B 243 39.83 -4.11 -33.22
N SER B 244 39.35 -2.89 -32.98
CA SER B 244 37.99 -2.53 -33.37
C SER B 244 37.87 -2.46 -34.89
N ASP B 245 36.63 -2.53 -35.37
CA ASP B 245 36.37 -2.44 -36.80
C ASP B 245 36.75 -1.09 -37.37
N ASP B 246 36.88 -0.07 -36.52
CA ASP B 246 37.31 1.25 -36.98
C ASP B 246 38.83 1.37 -37.04
N GLY B 247 39.57 0.33 -36.67
CA GLY B 247 41.01 0.37 -36.64
C GLY B 247 41.60 0.77 -35.31
N ARG B 248 40.79 1.17 -34.35
CA ARG B 248 41.30 1.56 -33.04
C ARG B 248 41.64 0.32 -32.21
N LYS B 249 42.39 0.54 -31.14
CA LYS B 249 42.70 -0.50 -30.16
C LYS B 249 41.97 -0.19 -28.87
N VAL B 250 41.12 -1.12 -28.43
CA VAL B 250 40.27 -0.92 -27.27
C VAL B 250 40.75 -1.84 -26.15
N PRO B 251 41.13 -1.30 -25.00
CA PRO B 251 41.43 -2.16 -23.85
C PRO B 251 40.16 -2.80 -23.29
N VAL B 252 40.29 -4.04 -22.85
CA VAL B 252 39.25 -4.75 -22.12
C VAL B 252 39.87 -5.27 -20.83
N VAL B 253 39.24 -4.96 -19.70
CA VAL B 253 39.83 -5.25 -18.40
C VAL B 253 38.85 -6.03 -17.53
N GLN B 254 39.39 -6.80 -16.61
CA GLN B 254 38.61 -7.57 -15.65
C GLN B 254 39.52 -7.94 -14.48
N ALA B 255 38.93 -8.04 -13.29
CA ALA B 255 39.67 -8.20 -12.05
C ALA B 255 39.20 -9.41 -11.27
N TYR B 256 39.04 -10.54 -11.96
CA TYR B 256 38.66 -11.83 -11.36
C TYR B 256 37.36 -11.64 -10.58
N ALA B 257 37.31 -11.93 -9.29
CA ALA B 257 36.08 -11.88 -8.52
C ALA B 257 36.41 -11.87 -7.04
N PHE B 258 35.37 -11.68 -6.22
CA PHE B 258 35.38 -11.78 -4.76
C PHE B 258 36.24 -10.72 -4.09
N GLY B 259 36.50 -9.59 -4.76
CA GLY B 259 37.28 -8.53 -4.15
C GLY B 259 38.71 -8.91 -3.84
N LYS B 260 39.19 -10.03 -4.39
CA LYS B 260 40.57 -10.43 -4.17
C LYS B 260 41.54 -9.51 -4.90
N TYR B 261 41.14 -9.00 -6.06
CA TYR B 261 41.97 -8.13 -6.87
C TYR B 261 41.28 -6.79 -7.06
N LEU B 262 42.08 -5.75 -7.23
CA LEU B 262 41.60 -4.42 -7.61
C LEU B 262 42.16 -4.10 -8.99
N GLY B 263 41.31 -4.24 -10.01
CA GLY B 263 41.75 -3.93 -11.36
C GLY B 263 42.23 -2.49 -11.47
N TYR B 264 43.44 -2.34 -11.99
CA TYR B 264 44.16 -1.07 -12.01
C TYR B 264 44.65 -0.83 -13.42
N LEU B 265 44.10 0.19 -14.09
CA LEU B 265 44.46 0.49 -15.46
C LEU B 265 44.83 1.96 -15.59
N LYS B 266 45.84 2.25 -16.39
CA LYS B 266 46.24 3.62 -16.69
C LYS B 266 46.17 3.83 -18.20
N ILE B 267 45.41 4.83 -18.61
CA ILE B 267 45.12 5.11 -20.02
C ILE B 267 45.56 6.53 -20.33
N GLU B 268 46.15 6.73 -21.50
CA GLU B 268 46.56 8.05 -21.96
C GLU B 268 45.61 8.50 -23.08
N PHE B 269 44.97 9.64 -22.87
CA PHE B 269 44.05 10.22 -23.85
C PHE B 269 44.66 11.51 -24.40
N ASP B 270 44.48 11.73 -25.69
CA ASP B 270 44.88 13.00 -26.29
C ASP B 270 43.73 14.00 -26.19
N GLU B 271 43.89 15.12 -26.90
CA GLU B 271 42.83 16.13 -26.93
C GLU B 271 41.57 15.62 -27.61
N ARG B 272 41.69 14.69 -28.56
CA ARG B 272 40.54 14.17 -29.27
C ARG B 272 39.87 13.01 -28.57
N GLY B 273 40.40 12.56 -27.43
CA GLY B 273 39.80 11.47 -26.68
C GLY B 273 40.23 10.08 -27.09
N ASN B 274 41.12 9.95 -28.07
CA ASN B 274 41.61 8.64 -28.48
C ASN B 274 42.58 8.09 -27.45
N VAL B 275 42.75 6.77 -27.45
CA VAL B 275 43.66 6.13 -26.51
C VAL B 275 45.01 5.93 -27.19
N ILE B 276 46.06 6.50 -26.58
CA ILE B 276 47.41 6.31 -27.10
C ILE B 276 48.06 5.08 -26.49
N SER B 277 48.00 4.96 -25.17
CA SER B 277 48.61 3.84 -24.47
C SER B 277 47.71 3.44 -23.31
N SER B 278 47.83 2.18 -22.90
CA SER B 278 47.08 1.67 -21.76
C SER B 278 47.87 0.51 -21.15
N HIS B 279 48.04 0.57 -19.84
CA HIS B 279 48.84 -0.44 -19.16
C HIS B 279 48.39 -0.56 -17.72
N GLY B 280 48.67 -1.71 -17.12
CA GLY B 280 48.36 -1.90 -15.72
C GLY B 280 48.26 -3.37 -15.38
N ASN B 281 47.92 -3.63 -14.13
CA ASN B 281 47.74 -4.98 -13.62
C ASN B 281 46.82 -4.92 -12.43
N PRO B 282 46.00 -5.95 -12.21
CA PRO B 282 45.17 -5.98 -10.98
C PRO B 282 46.05 -6.05 -9.74
N ILE B 283 45.58 -5.42 -8.68
CA ILE B 283 46.34 -5.37 -7.42
C ILE B 283 45.80 -6.43 -6.48
N LEU B 284 46.67 -7.35 -6.07
CA LEU B 284 46.27 -8.38 -5.12
C LEU B 284 46.13 -7.76 -3.73
N LEU B 285 44.92 -7.77 -3.20
CA LEU B 285 44.67 -7.19 -1.89
C LEU B 285 44.97 -8.23 -0.81
N ASN B 286 46.26 -8.50 -0.64
CA ASN B 286 46.69 -9.48 0.34
C ASN B 286 47.08 -8.77 1.64
N SER B 287 47.62 -9.55 2.59
CA SER B 287 47.84 -9.09 3.94
C SER B 287 48.84 -7.94 4.04
N SER B 288 49.66 -7.72 3.01
CA SER B 288 50.60 -6.60 3.04
C SER B 288 49.88 -5.25 3.11
N ILE B 289 48.66 -5.17 2.60
CA ILE B 289 47.86 -3.96 2.64
C ILE B 289 47.03 -3.98 3.93
N PRO B 290 47.27 -3.10 4.88
CA PRO B 290 46.51 -3.12 6.12
C PRO B 290 45.05 -2.77 5.90
N GLU B 291 44.19 -3.38 6.71
CA GLU B 291 42.77 -3.05 6.68
C GLU B 291 42.54 -1.70 7.36
N ASP B 292 41.63 -0.91 6.79
CA ASP B 292 41.36 0.41 7.35
C ASP B 292 40.67 0.26 8.71
N PRO B 293 41.20 0.87 9.77
CA PRO B 293 40.60 0.68 11.09
C PRO B 293 39.16 1.14 11.19
N SER B 294 38.79 2.23 10.51
CA SER B 294 37.41 2.72 10.61
C SER B 294 36.44 1.78 9.90
N ILE B 295 36.80 1.31 8.71
CA ILE B 295 35.93 0.39 7.99
C ILE B 295 35.85 -0.94 8.71
N LYS B 296 36.96 -1.38 9.32
CA LYS B 296 36.94 -2.61 10.10
C LYS B 296 36.04 -2.47 11.32
N ALA B 297 36.09 -1.30 11.98
CA ALA B 297 35.20 -1.06 13.11
C ALA B 297 33.74 -1.05 12.67
N ASP B 298 33.46 -0.46 11.50
CA ASP B 298 32.10 -0.47 10.98
C ASP B 298 31.64 -1.90 10.66
N ILE B 299 32.53 -2.71 10.10
CA ILE B 299 32.18 -4.10 9.81
C ILE B 299 31.90 -4.86 11.10
N ASN B 300 32.71 -4.62 12.14
CA ASN B 300 32.47 -5.26 13.43
C ASN B 300 31.15 -4.80 14.04
N LYS B 301 30.81 -3.52 13.87
CA LYS B 301 29.53 -3.02 14.35
C LYS B 301 28.37 -3.71 13.63
N TRP B 302 28.51 -3.91 12.32
CA TRP B 302 27.45 -4.56 11.56
C TRP B 302 27.40 -6.06 11.83
N ARG B 303 28.48 -6.64 12.31
CA ARG B 303 28.50 -8.06 12.62
C ARG B 303 27.62 -8.42 13.81
N ILE B 304 27.18 -7.41 14.58
CA ILE B 304 26.30 -7.67 15.72
C ILE B 304 24.99 -8.28 15.26
N LYS B 305 24.41 -7.73 14.19
CA LYS B 305 23.17 -8.29 13.67
C LYS B 305 23.36 -9.69 13.11
N LEU B 306 24.51 -9.96 12.49
CA LEU B 306 24.79 -11.32 12.04
C LEU B 306 24.87 -12.28 13.21
N ASP B 307 25.53 -11.87 14.29
CA ASP B 307 25.60 -12.73 15.48
C ASP B 307 24.23 -12.96 16.08
N ASN B 308 23.38 -11.93 16.11
CA ASN B 308 22.02 -12.10 16.59
C ASN B 308 21.23 -13.06 15.69
N TYR B 309 21.40 -12.92 14.37
CA TYR B 309 20.71 -13.77 13.41
C TYR B 309 21.20 -15.20 13.50
N SER B 310 22.42 -15.41 14.00
CA SER B 310 22.94 -16.76 14.15
C SER B 310 22.07 -17.63 15.06
N THR B 311 21.39 -17.01 16.02
CA THR B 311 20.49 -17.73 16.91
C THR B 311 19.04 -17.71 16.44
N GLN B 312 18.75 -17.05 15.33
CA GLN B 312 17.40 -16.98 14.80
C GLN B 312 17.02 -18.30 14.12
N GLU B 313 15.73 -18.60 14.15
CA GLU B 313 15.23 -19.83 13.53
C GLU B 313 15.04 -19.64 12.04
N LEU B 314 15.84 -20.35 11.23
CA LEU B 314 15.70 -20.30 9.79
C LEU B 314 14.45 -21.02 9.31
N GLY B 315 14.12 -22.14 9.95
CA GLY B 315 12.98 -22.92 9.54
C GLY B 315 12.79 -24.09 10.48
N LYS B 316 12.02 -25.07 10.03
CA LYS B 316 11.73 -26.25 10.81
C LYS B 316 12.02 -27.50 9.99
N THR B 317 12.28 -28.60 10.70
CA THR B 317 12.47 -29.91 10.09
C THR B 317 11.54 -30.91 10.75
N ILE B 318 10.81 -31.66 9.92
CA ILE B 318 9.96 -32.72 10.43
C ILE B 318 10.76 -33.88 10.98
N VAL B 319 11.87 -34.23 10.34
CA VAL B 319 12.61 -35.45 10.63
C VAL B 319 13.97 -35.12 11.23
N TYR B 320 14.58 -36.12 11.83
CA TYR B 320 15.90 -35.97 12.43
C TYR B 320 16.97 -35.90 11.36
N LEU B 321 17.75 -34.82 11.36
CA LEU B 321 18.82 -34.63 10.38
C LEU B 321 20.04 -35.39 10.88
N ASP B 322 20.26 -36.59 10.35
CA ASP B 322 21.32 -37.48 10.82
C ASP B 322 22.64 -37.10 10.15
N GLY B 323 23.36 -36.20 10.83
CA GLY B 323 24.66 -35.77 10.35
C GLY B 323 25.81 -36.40 11.10
N SER B 324 25.54 -37.48 11.83
CA SER B 324 26.57 -38.14 12.61
C SER B 324 27.61 -38.80 11.71
N SER B 325 28.83 -38.90 12.22
CA SER B 325 29.92 -39.50 11.45
C SER B 325 29.67 -40.97 11.17
N GLN B 326 28.97 -41.66 12.07
CA GLN B 326 28.69 -43.08 11.87
C GLN B 326 27.69 -43.32 10.75
N SER B 327 27.04 -42.26 10.24
CA SER B 327 26.05 -42.39 9.17
C SER B 327 26.54 -41.73 7.90
N CYS B 328 27.01 -40.49 7.97
CA CYS B 328 27.37 -39.75 6.77
C CYS B 328 28.73 -40.15 6.21
N ARG B 329 29.48 -40.99 6.91
CA ARG B 329 30.76 -41.48 6.43
C ARG B 329 30.75 -42.98 6.16
N PHE B 330 29.60 -43.62 6.26
CA PHE B 330 29.48 -45.05 5.99
C PHE B 330 28.39 -45.33 4.97
N ARG B 331 27.34 -44.53 5.03
CA ARG B 331 26.18 -44.80 4.15
C ARG B 331 25.53 -43.51 3.71
N GLU B 332 24.44 -43.63 2.97
CA GLU B 332 23.66 -42.46 2.60
C GLU B 332 22.95 -41.90 3.82
N CYS B 333 23.15 -40.62 4.09
CA CYS B 333 22.51 -39.95 5.21
C CYS B 333 21.68 -38.79 4.70
N ASN B 334 20.51 -38.60 5.31
CA ASN B 334 19.58 -37.58 4.84
C ASN B 334 20.14 -36.16 4.99
N MET B 335 21.09 -35.95 5.89
CA MET B 335 21.76 -34.65 5.96
C MET B 335 22.57 -34.39 4.69
N GLY B 336 23.28 -35.40 4.20
CA GLY B 336 24.01 -35.23 2.96
C GLY B 336 23.09 -34.97 1.77
N ASN B 337 21.96 -35.67 1.73
CA ASN B 337 20.96 -35.42 0.69
C ASN B 337 20.43 -33.99 0.79
N LEU B 338 20.16 -33.53 2.01
CA LEU B 338 19.69 -32.17 2.21
C LEU B 338 20.71 -31.15 1.72
N ILE B 339 21.98 -31.39 2.01
CA ILE B 339 23.02 -30.43 1.61
C ILE B 339 23.20 -30.44 0.09
N CYS B 340 23.15 -31.62 -0.54
CA CYS B 340 23.24 -31.67 -1.99
C CYS B 340 22.04 -30.99 -2.65
N ASP B 341 20.84 -31.22 -2.12
CA ASP B 341 19.67 -30.52 -2.63
C ASP B 341 19.80 -29.02 -2.45
N ALA B 342 20.36 -28.58 -1.33
CA ALA B 342 20.61 -27.16 -1.11
C ALA B 342 21.56 -26.60 -2.16
N MET B 343 22.66 -27.31 -2.43
CA MET B 343 23.61 -26.83 -3.42
C MET B 343 22.96 -26.73 -4.79
N ILE B 344 22.27 -27.78 -5.22
CA ILE B 344 21.69 -27.82 -6.55
C ILE B 344 20.61 -26.76 -6.70
N ASN B 345 19.75 -26.63 -5.69
CA ASN B 345 18.66 -25.65 -5.77
C ASN B 345 19.21 -24.23 -5.74
N ASN B 346 20.24 -23.97 -4.93
CA ASN B 346 20.85 -22.64 -4.90
C ASN B 346 21.48 -22.31 -6.25
N ASN B 347 22.16 -23.29 -6.86
CA ASN B 347 22.79 -23.04 -8.16
C ASN B 347 21.74 -22.82 -9.25
N LEU B 348 20.64 -23.58 -9.22
CA LEU B 348 19.63 -23.47 -10.27
C LEU B 348 18.76 -22.23 -10.11
N ARG B 349 18.50 -21.80 -8.88
CA ARG B 349 17.70 -20.59 -8.67
C ARG B 349 18.42 -19.37 -9.21
N HIS B 350 19.70 -19.19 -8.84
CA HIS B 350 20.51 -18.10 -9.34
C HIS B 350 21.88 -18.64 -9.72
N THR B 351 22.21 -18.55 -11.01
CA THR B 351 23.44 -19.11 -11.53
C THR B 351 24.39 -17.98 -11.94
N ASP B 352 25.68 -18.19 -11.70
CA ASP B 352 26.68 -17.19 -12.10
C ASP B 352 26.75 -17.06 -13.62
N GLU B 353 26.74 -18.18 -14.34
CA GLU B 353 26.82 -18.17 -15.79
C GLU B 353 25.87 -19.21 -16.36
N MET B 354 25.49 -19.01 -17.62
CA MET B 354 24.67 -19.98 -18.33
C MET B 354 25.38 -21.31 -18.52
N PHE B 355 26.70 -21.34 -18.36
CA PHE B 355 27.43 -22.61 -18.43
C PHE B 355 27.00 -23.57 -17.33
N TRP B 356 26.60 -23.04 -16.17
CA TRP B 356 26.25 -23.86 -15.02
C TRP B 356 24.76 -23.88 -14.73
N ASN B 357 23.91 -23.40 -15.63
CA ASN B 357 22.50 -23.22 -15.31
C ASN B 357 21.70 -24.52 -15.36
N HIS B 358 22.30 -25.62 -15.79
CA HIS B 358 21.61 -26.90 -15.87
C HIS B 358 22.23 -27.96 -14.98
N VAL B 359 23.09 -27.57 -14.04
CA VAL B 359 23.80 -28.54 -13.20
C VAL B 359 22.82 -29.19 -12.24
N SER B 360 22.78 -30.53 -12.25
CA SER B 360 21.94 -31.28 -11.33
C SER B 360 22.71 -32.33 -10.55
N MET B 361 24.04 -32.32 -10.65
CA MET B 361 24.88 -33.31 -10.00
C MET B 361 25.65 -32.66 -8.86
N CYS B 362 25.68 -33.34 -7.71
CA CYS B 362 26.30 -32.83 -6.50
C CYS B 362 27.07 -33.95 -5.82
N ILE B 363 28.29 -33.67 -5.41
CA ILE B 363 29.01 -34.57 -4.52
C ILE B 363 29.49 -33.77 -3.32
N LEU B 364 29.57 -34.44 -2.17
CA LEU B 364 29.96 -33.79 -0.92
C LEU B 364 30.62 -34.82 -0.03
N ASN B 365 31.86 -34.56 0.38
CA ASN B 365 32.58 -35.53 1.20
C ASN B 365 31.88 -35.71 2.55
N GLY B 366 31.94 -36.93 3.06
CA GLY B 366 31.29 -37.24 4.32
C GLY B 366 31.99 -36.63 5.52
N GLY B 367 33.25 -36.25 5.36
CA GLY B 367 33.96 -35.55 6.41
C GLY B 367 33.56 -34.10 6.55
N GLY B 368 32.81 -33.57 5.58
CA GLY B 368 32.30 -32.21 5.67
C GLY B 368 31.08 -32.06 6.56
N ILE B 369 30.46 -33.16 6.96
CA ILE B 369 29.34 -33.14 7.88
C ILE B 369 29.83 -33.61 9.24
N ARG B 370 29.68 -32.76 10.26
CA ARG B 370 30.25 -33.02 11.56
C ARG B 370 29.24 -33.34 12.65
N SER B 371 28.16 -32.57 12.75
CA SER B 371 27.19 -32.76 13.83
C SER B 371 25.81 -32.90 13.22
N PRO B 372 24.92 -33.63 13.87
CA PRO B 372 23.53 -33.71 13.40
C PRO B 372 22.69 -32.56 13.89
N ILE B 373 21.44 -32.47 13.42
CA ILE B 373 20.48 -31.50 13.90
C ILE B 373 19.28 -32.24 14.48
N ASP B 374 18.94 -31.91 15.72
CA ASP B 374 17.85 -32.58 16.43
C ASP B 374 16.53 -31.90 16.14
N GLU B 375 15.51 -32.70 15.85
CA GLU B 375 14.16 -32.19 15.62
C GLU B 375 13.34 -32.11 16.91
N ARG B 376 13.89 -32.58 18.04
CA ARG B 376 13.16 -32.53 19.30
C ARG B 376 13.08 -31.11 19.85
N ASN B 377 13.88 -30.18 19.35
CA ASN B 377 13.83 -28.80 19.80
C ASN B 377 12.76 -28.04 19.02
N ASN B 378 11.52 -28.53 19.08
CA ASN B 378 10.40 -27.96 18.33
C ASN B 378 10.67 -28.00 16.83
N GLY B 379 11.62 -28.84 16.42
CA GLY B 379 12.00 -28.96 15.03
C GLY B 379 12.79 -27.80 14.47
N THR B 380 13.11 -26.80 15.29
CA THR B 380 13.75 -25.60 14.78
C THR B 380 15.18 -25.88 14.32
N ILE B 381 15.57 -25.22 13.23
CA ILE B 381 16.94 -25.21 12.75
C ILE B 381 17.42 -23.78 12.82
N THR B 382 18.59 -23.57 13.43
CA THR B 382 19.18 -22.25 13.56
C THR B 382 20.50 -22.19 12.82
N TRP B 383 21.01 -20.98 12.63
CA TRP B 383 22.29 -20.79 11.97
C TRP B 383 23.41 -21.42 12.77
N GLU B 384 23.29 -21.44 14.11
CA GLU B 384 24.31 -22.08 14.94
C GLU B 384 24.39 -23.58 14.69
N ASN B 385 23.24 -24.24 14.54
CA ASN B 385 23.25 -25.68 14.24
C ASN B 385 23.92 -25.94 12.89
N LEU B 386 23.61 -25.12 11.89
CA LEU B 386 24.23 -25.26 10.58
C LEU B 386 25.74 -25.01 10.65
N ALA B 387 26.17 -24.05 11.47
CA ALA B 387 27.59 -23.85 11.69
C ALA B 387 28.24 -25.06 12.35
N ALA B 388 27.54 -25.71 13.27
CA ALA B 388 28.02 -26.96 13.83
C ALA B 388 28.13 -28.05 12.77
N VAL B 389 27.19 -28.09 11.83
CA VAL B 389 27.25 -29.08 10.75
C VAL B 389 28.40 -28.78 9.79
N LEU B 390 28.57 -27.51 9.44
CA LEU B 390 29.58 -27.07 8.46
C LEU B 390 30.44 -25.99 9.09
N PRO B 391 31.43 -26.38 9.90
CA PRO B 391 32.22 -25.36 10.62
C PRO B 391 33.41 -24.82 9.84
N PHE B 392 33.81 -25.46 8.74
CA PHE B 392 35.02 -25.04 8.04
C PHE B 392 34.84 -23.75 7.25
N GLY B 393 33.60 -23.34 7.01
CA GLY B 393 33.36 -22.09 6.30
C GLY B 393 33.83 -22.10 4.87
N GLY B 394 33.68 -23.22 4.17
CA GLY B 394 34.10 -23.30 2.78
C GLY B 394 33.06 -22.72 1.85
N THR B 395 33.19 -23.07 0.57
CA THR B 395 32.27 -22.66 -0.47
C THR B 395 31.84 -23.87 -1.27
N PHE B 396 30.76 -23.69 -2.04
CA PHE B 396 30.25 -24.73 -2.93
C PHE B 396 30.58 -24.33 -4.37
N ASP B 397 31.58 -25.01 -4.94
CA ASP B 397 32.14 -24.65 -6.23
C ASP B 397 31.52 -25.49 -7.34
N LEU B 398 31.54 -24.95 -8.56
CA LEU B 398 31.08 -25.66 -9.74
C LEU B 398 32.30 -26.12 -10.53
N VAL B 399 32.31 -27.40 -10.90
CA VAL B 399 33.50 -28.02 -11.48
C VAL B 399 33.07 -28.91 -12.64
N GLN B 400 33.81 -28.83 -13.75
CA GLN B 400 33.55 -29.64 -14.92
C GLN B 400 34.58 -30.76 -15.00
N LEU B 401 34.11 -32.00 -15.08
CA LEU B 401 34.97 -33.17 -15.11
C LEU B 401 34.65 -34.04 -16.31
N LYS B 402 35.48 -35.04 -16.52
CA LYS B 402 35.15 -36.11 -17.44
C LYS B 402 34.48 -37.24 -16.69
N GLY B 403 33.90 -38.18 -17.44
CA GLY B 403 33.29 -39.34 -16.81
C GLY B 403 34.31 -40.18 -16.06
N SER B 404 35.50 -40.33 -16.63
CA SER B 404 36.54 -41.11 -15.98
C SER B 404 36.96 -40.47 -14.66
N THR B 405 37.08 -39.14 -14.62
CA THR B 405 37.45 -38.45 -13.40
C THR B 405 36.39 -38.67 -12.32
N LEU B 406 35.12 -38.56 -12.69
CA LEU B 406 34.04 -38.75 -11.72
C LEU B 406 34.00 -40.18 -11.21
N LYS B 407 34.16 -41.16 -12.10
CA LYS B 407 34.15 -42.55 -11.65
C LYS B 407 35.34 -42.87 -10.77
N LYS B 408 36.50 -42.28 -11.07
CA LYS B 408 37.66 -42.48 -10.21
C LYS B 408 37.50 -41.81 -8.86
N ALA B 409 36.84 -40.65 -8.83
CA ALA B 409 36.52 -40.01 -7.54
C ALA B 409 35.59 -40.90 -6.72
N PHE B 410 34.60 -41.51 -7.38
CA PHE B 410 33.68 -42.39 -6.66
C PHE B 410 34.37 -43.67 -6.20
N GLU B 411 35.32 -44.18 -7.01
CA GLU B 411 36.11 -45.32 -6.58
C GLU B 411 36.96 -44.98 -5.36
N HIS B 412 37.55 -43.78 -5.35
CA HIS B 412 38.34 -43.34 -4.21
C HIS B 412 37.47 -43.18 -2.97
N SER B 413 36.22 -42.75 -3.15
CA SER B 413 35.33 -42.54 -2.02
C SER B 413 35.11 -43.83 -1.21
N VAL B 414 35.24 -45.00 -1.84
CA VAL B 414 35.13 -46.27 -1.16
C VAL B 414 36.41 -47.10 -1.29
N HIS B 415 37.55 -46.42 -1.50
CA HIS B 415 38.83 -47.13 -1.60
C HIS B 415 39.25 -47.75 -0.29
N ARG B 416 38.95 -47.10 0.85
CA ARG B 416 39.34 -47.59 2.16
C ARG B 416 38.12 -47.68 3.08
N TYR B 417 37.03 -48.28 2.60
CA TYR B 417 35.81 -48.37 3.37
C TYR B 417 36.02 -49.22 4.62
N GLY B 418 35.29 -48.89 5.68
CA GLY B 418 35.41 -49.60 6.95
C GLY B 418 36.35 -48.97 7.95
N GLN B 419 37.12 -47.96 7.55
CA GLN B 419 38.05 -47.29 8.45
C GLN B 419 37.52 -45.95 8.95
N SER B 420 36.23 -45.68 8.78
CA SER B 420 35.57 -44.45 9.21
C SER B 420 36.14 -43.21 8.55
N THR B 421 36.82 -43.35 7.42
CA THR B 421 37.38 -42.21 6.72
C THR B 421 36.28 -41.34 6.13
N GLY B 422 36.58 -40.05 5.94
CA GLY B 422 35.61 -39.10 5.50
C GLY B 422 35.54 -38.87 4.00
N GLU B 423 36.06 -39.80 3.19
CA GLU B 423 36.00 -39.63 1.75
C GLU B 423 34.70 -40.14 1.14
N PHE B 424 33.81 -40.73 1.95
CA PHE B 424 32.56 -41.27 1.43
C PHE B 424 31.67 -40.13 0.95
N LEU B 425 31.30 -40.14 -0.32
CA LEU B 425 30.63 -39.01 -0.94
C LEU B 425 29.11 -39.16 -0.83
N GLN B 426 28.48 -38.23 -0.12
CA GLN B 426 27.05 -38.02 -0.29
C GLN B 426 26.79 -37.38 -1.64
N VAL B 427 25.72 -37.83 -2.29
CA VAL B 427 25.48 -37.50 -3.69
C VAL B 427 24.10 -36.90 -3.87
N GLY B 428 23.94 -36.17 -4.97
CA GLY B 428 22.65 -35.65 -5.36
C GLY B 428 22.56 -35.61 -6.86
N GLY B 429 21.46 -36.15 -7.38
CA GLY B 429 21.34 -36.27 -8.82
C GLY B 429 22.26 -37.33 -9.36
N ILE B 430 22.69 -38.23 -8.48
CA ILE B 430 23.56 -39.36 -8.81
C ILE B 430 23.04 -40.59 -8.10
N HIS B 431 22.95 -41.71 -8.83
CA HIS B 431 22.63 -43.00 -8.24
C HIS B 431 23.87 -43.89 -8.36
N VAL B 432 24.51 -44.17 -7.24
CA VAL B 432 25.72 -44.97 -7.21
C VAL B 432 25.46 -46.23 -6.40
N VAL B 433 25.93 -47.36 -6.93
CA VAL B 433 25.85 -48.65 -6.27
C VAL B 433 27.24 -49.24 -6.21
N TYR B 434 27.70 -49.53 -5.00
CA TYR B 434 29.02 -50.07 -4.74
C TYR B 434 28.93 -51.56 -4.45
N ASP B 435 29.94 -52.31 -4.88
CA ASP B 435 30.12 -53.71 -4.50
C ASP B 435 31.43 -53.79 -3.72
N LEU B 436 31.31 -53.76 -2.38
CA LEU B 436 32.47 -53.71 -1.51
C LEU B 436 33.35 -54.95 -1.62
N SER B 437 32.81 -56.08 -2.09
CA SER B 437 33.60 -57.28 -2.21
C SER B 437 34.69 -57.16 -3.27
N ARG B 438 34.48 -56.37 -4.31
CA ARG B 438 35.45 -56.20 -5.37
C ARG B 438 36.65 -55.39 -4.87
N LYS B 439 37.75 -55.49 -5.61
CA LYS B 439 38.96 -54.77 -5.24
C LYS B 439 38.77 -53.27 -5.46
N PRO B 440 39.52 -52.43 -4.75
CA PRO B 440 39.44 -50.99 -4.98
C PRO B 440 39.81 -50.64 -6.41
N GLY B 441 39.15 -49.62 -6.96
CA GLY B 441 39.25 -49.29 -8.36
C GLY B 441 38.22 -49.97 -9.25
N ASP B 442 37.46 -50.92 -8.70
CA ASP B 442 36.36 -51.55 -9.42
C ASP B 442 35.13 -51.73 -8.53
N ARG B 443 35.10 -51.06 -7.38
CA ARG B 443 33.99 -51.21 -6.44
C ARG B 443 32.73 -50.47 -6.88
N VAL B 444 32.85 -49.46 -7.74
CA VAL B 444 31.68 -48.75 -8.23
C VAL B 444 31.07 -49.56 -9.37
N VAL B 445 30.10 -50.41 -9.05
CA VAL B 445 29.52 -51.28 -10.07
C VAL B 445 28.36 -50.62 -10.80
N LYS B 446 27.75 -49.58 -10.24
CA LYS B 446 26.74 -48.83 -10.99
C LYS B 446 26.88 -47.35 -10.69
N LEU B 447 26.81 -46.52 -11.74
CA LEU B 447 26.94 -45.08 -11.58
C LEU B 447 26.08 -44.41 -12.64
N ASP B 448 24.87 -44.02 -12.27
CA ASP B 448 23.96 -43.33 -13.16
C ASP B 448 23.88 -41.86 -12.75
N VAL B 449 23.84 -40.97 -13.75
CA VAL B 449 23.84 -39.53 -13.53
C VAL B 449 22.68 -38.92 -14.29
N LEU B 450 22.24 -37.76 -13.82
CA LEU B 450 21.08 -37.09 -14.40
C LEU B 450 21.49 -36.40 -15.70
N CYS B 451 20.88 -36.81 -16.81
CA CYS B 451 21.18 -36.17 -18.09
C CYS B 451 20.68 -34.74 -18.12
N THR B 452 21.45 -33.87 -18.78
CA THR B 452 21.13 -32.45 -18.84
C THR B 452 20.78 -32.01 -20.25
N LYS B 453 21.49 -32.56 -21.25
CA LYS B 453 21.15 -32.29 -22.64
C LYS B 453 19.81 -32.91 -23.02
N CYS B 454 19.39 -33.97 -22.34
CA CYS B 454 18.09 -34.57 -22.56
C CYS B 454 16.97 -33.61 -22.17
N ARG B 455 15.85 -33.72 -22.90
CA ARG B 455 14.70 -32.85 -22.62
C ARG B 455 14.10 -33.14 -21.25
N VAL B 456 13.95 -34.41 -20.91
CA VAL B 456 13.41 -34.84 -19.62
C VAL B 456 14.55 -35.49 -18.85
N PRO B 457 15.00 -34.92 -17.73
CA PRO B 457 16.14 -35.50 -17.00
C PRO B 457 15.83 -36.89 -16.47
N SER B 458 16.73 -37.81 -16.73
CA SER B 458 16.63 -39.19 -16.24
C SER B 458 18.03 -39.71 -16.01
N TYR B 459 18.12 -40.74 -15.18
CA TYR B 459 19.43 -41.27 -14.78
C TYR B 459 19.94 -42.21 -15.86
N ASP B 460 20.98 -41.77 -16.56
CA ASP B 460 21.65 -42.52 -17.62
C ASP B 460 23.03 -42.96 -17.15
N PRO B 461 23.55 -44.07 -17.64
CA PRO B 461 24.87 -44.53 -17.18
C PRO B 461 25.97 -43.55 -17.54
N LEU B 462 27.03 -43.54 -16.73
CA LEU B 462 28.16 -42.65 -16.99
C LEU B 462 28.86 -43.03 -18.27
N LYS B 463 29.33 -42.01 -18.99
CA LYS B 463 30.19 -42.19 -20.15
C LYS B 463 31.57 -41.65 -19.82
N MET B 464 32.62 -42.43 -20.05
CA MET B 464 33.94 -41.96 -19.59
C MET B 464 34.50 -40.83 -20.47
N ASP B 465 34.14 -40.74 -21.76
CA ASP B 465 34.61 -39.62 -22.56
C ASP B 465 33.67 -38.44 -22.55
N GLU B 466 32.51 -38.54 -21.90
CA GLU B 466 31.61 -37.41 -21.83
C GLU B 466 32.05 -36.45 -20.73
N VAL B 467 31.50 -35.24 -20.77
CA VAL B 467 31.90 -34.16 -19.89
C VAL B 467 30.70 -33.76 -19.05
N TYR B 468 30.88 -33.73 -17.73
CA TYR B 468 29.79 -33.51 -16.79
C TYR B 468 30.11 -32.36 -15.85
N LYS B 469 29.10 -31.55 -15.56
CA LYS B 469 29.22 -30.44 -14.64
C LYS B 469 28.62 -30.84 -13.30
N VAL B 470 29.36 -30.61 -12.21
CA VAL B 470 28.97 -31.10 -10.90
C VAL B 470 29.39 -30.07 -9.85
N ILE B 471 28.57 -29.93 -8.82
CA ILE B 471 28.85 -29.02 -7.71
C ILE B 471 29.50 -29.81 -6.58
N LEU B 472 30.63 -29.30 -6.11
CA LEU B 472 31.51 -29.89 -5.12
C LEU B 472 31.71 -28.92 -3.97
N PRO B 473 32.18 -29.39 -2.82
CA PRO B 473 32.77 -28.46 -1.86
C PRO B 473 34.10 -27.95 -2.38
N ASN B 474 34.49 -26.74 -1.95
CA ASN B 474 35.80 -26.23 -2.31
C ASN B 474 36.91 -27.08 -1.71
N PHE B 475 36.59 -27.82 -0.65
CA PHE B 475 37.54 -28.76 -0.09
C PHE B 475 37.87 -29.87 -1.07
N LEU B 476 36.86 -30.37 -1.79
CA LEU B 476 37.08 -31.41 -2.77
C LEU B 476 37.75 -30.88 -4.04
N ALA B 477 37.32 -29.71 -4.50
CA ALA B 477 37.89 -29.15 -5.73
C ALA B 477 39.38 -28.83 -5.56
N ASN B 478 39.78 -28.52 -4.35
CA ASN B 478 41.18 -28.17 -4.10
C ASN B 478 41.84 -29.42 -3.54
N GLY B 479 41.44 -30.60 -3.98
CA GLY B 479 41.99 -31.83 -3.37
C GLY B 479 41.18 -32.28 -2.18
N GLY B 480 41.66 -32.10 -0.95
CA GLY B 480 40.90 -32.45 0.24
C GLY B 480 41.22 -33.81 0.80
N ASP B 481 40.19 -34.58 1.13
CA ASP B 481 40.36 -35.93 1.65
C ASP B 481 40.76 -36.87 0.52
N GLY B 482 42.03 -36.86 0.14
CA GLY B 482 42.45 -37.50 -1.09
C GLY B 482 41.91 -36.72 -2.27
N PHE B 483 41.26 -37.41 -3.21
CA PHE B 483 40.62 -36.78 -4.36
C PHE B 483 41.60 -35.91 -5.14
N GLN B 484 42.83 -36.40 -5.31
CA GLN B 484 43.80 -35.68 -6.13
C GLN B 484 43.46 -35.79 -7.61
N MET B 485 42.77 -36.86 -8.01
CA MET B 485 42.39 -37.03 -9.41
C MET B 485 41.46 -35.91 -9.87
N ILE B 486 40.57 -35.46 -8.98
CA ILE B 486 39.71 -34.32 -9.31
C ILE B 486 40.57 -33.11 -9.63
N LYS B 487 41.35 -32.64 -8.66
CA LYS B 487 42.17 -31.44 -8.83
C LYS B 487 43.06 -31.54 -10.07
N ASP B 488 43.61 -32.73 -10.33
CA ASP B 488 44.46 -32.90 -11.50
C ASP B 488 43.68 -32.82 -12.80
N GLU B 489 42.45 -33.34 -12.83
CA GLU B 489 41.73 -33.50 -14.09
C GLU B 489 40.49 -32.62 -14.18
N LEU B 490 40.48 -31.45 -13.53
CA LEU B 490 39.43 -30.48 -13.77
C LEU B 490 39.51 -29.92 -15.19
N LEU B 491 38.34 -29.66 -15.77
CA LEU B 491 38.27 -28.97 -17.06
C LEU B 491 37.89 -27.51 -16.90
N ARG B 492 37.08 -27.18 -15.89
CA ARG B 492 36.72 -25.81 -15.59
C ARG B 492 36.30 -25.72 -14.13
N HIS B 493 36.60 -24.57 -13.51
CA HIS B 493 36.37 -24.40 -12.08
C HIS B 493 35.81 -23.01 -11.85
N ASP B 494 34.80 -22.91 -10.99
CA ASP B 494 34.25 -21.63 -10.57
C ASP B 494 33.91 -21.69 -9.10
N SER B 495 34.38 -20.72 -8.33
CA SER B 495 34.05 -20.66 -6.92
C SER B 495 32.60 -20.24 -6.74
N GLY B 496 31.99 -20.66 -5.65
CA GLY B 496 30.59 -20.40 -5.42
C GLY B 496 30.28 -19.78 -4.07
N ASP B 497 29.01 -19.85 -3.67
CA ASP B 497 28.57 -19.24 -2.44
C ASP B 497 29.07 -20.05 -1.24
N GLN B 498 28.98 -19.42 -0.06
CA GLN B 498 29.43 -20.08 1.16
C GLN B 498 28.53 -21.27 1.48
N ASP B 499 29.09 -22.25 2.20
CA ASP B 499 28.37 -23.49 2.46
C ASP B 499 27.16 -23.27 3.36
N ILE B 500 27.40 -22.73 4.56
CA ILE B 500 26.31 -22.50 5.50
C ILE B 500 25.32 -21.49 4.93
N ASN B 501 25.80 -20.51 4.18
CA ASN B 501 24.90 -19.60 3.48
C ASN B 501 23.94 -20.34 2.57
N VAL B 502 24.47 -21.24 1.75
CA VAL B 502 23.63 -21.99 0.80
C VAL B 502 22.61 -22.84 1.55
N VAL B 503 23.07 -23.58 2.56
CA VAL B 503 22.18 -24.46 3.29
C VAL B 503 21.09 -23.66 4.01
N SER B 504 21.47 -22.55 4.63
CA SER B 504 20.51 -21.73 5.35
C SER B 504 19.49 -21.11 4.40
N THR B 505 19.93 -20.66 3.23
CA THR B 505 18.98 -20.10 2.27
C THR B 505 18.01 -21.17 1.78
N TYR B 506 18.50 -22.38 1.52
CA TYR B 506 17.62 -23.46 1.10
C TYR B 506 16.62 -23.81 2.18
N ILE B 507 17.06 -23.83 3.44
CA ILE B 507 16.15 -24.12 4.55
C ILE B 507 15.15 -22.98 4.73
N SER B 508 15.55 -21.75 4.48
CA SER B 508 14.61 -20.64 4.53
C SER B 508 13.54 -20.76 3.45
N LYS B 509 13.94 -21.14 2.23
CA LYS B 509 12.96 -21.37 1.19
C LYS B 509 12.07 -22.57 1.51
N MET B 510 12.70 -23.69 1.86
CA MET B 510 11.99 -24.88 2.37
C MET B 510 11.68 -24.67 3.86
N LYS B 511 10.60 -23.92 4.11
CA LYS B 511 10.23 -23.58 5.47
C LYS B 511 10.12 -24.82 6.35
N VAL B 512 9.66 -25.93 5.78
CA VAL B 512 9.72 -27.24 6.43
C VAL B 512 10.47 -28.19 5.50
N ILE B 513 11.53 -28.80 6.02
CA ILE B 513 12.33 -29.73 5.25
C ILE B 513 12.08 -31.13 5.77
N TYR B 514 12.22 -32.11 4.88
CA TYR B 514 12.01 -33.50 5.27
C TYR B 514 12.84 -34.43 4.40
N PRO B 515 14.16 -34.29 4.37
CA PRO B 515 14.98 -35.16 3.52
C PRO B 515 14.94 -36.60 4.03
N ALA B 516 15.05 -37.54 3.11
CA ALA B 516 15.00 -38.96 3.41
C ALA B 516 16.13 -39.70 2.72
N VAL B 517 16.36 -40.93 3.17
CA VAL B 517 17.31 -41.83 2.51
C VAL B 517 16.60 -42.44 1.31
N GLU B 518 16.81 -41.85 0.14
CA GLU B 518 16.04 -42.20 -1.05
C GLU B 518 16.69 -43.28 -1.92
N GLY B 519 17.83 -43.83 -1.50
CA GLY B 519 18.51 -44.81 -2.31
C GLY B 519 19.49 -44.26 -3.32
N ARG B 520 19.93 -43.01 -3.14
CA ARG B 520 20.94 -42.45 -4.04
C ARG B 520 22.25 -43.23 -3.95
N ILE B 521 22.58 -43.77 -2.79
CA ILE B 521 23.75 -44.61 -2.59
C ILE B 521 23.27 -45.96 -2.09
N LYS B 522 23.67 -47.03 -2.79
CA LYS B 522 23.29 -48.38 -2.44
C LYS B 522 24.51 -49.28 -2.46
N PHE B 523 24.36 -50.46 -1.85
CA PHE B 523 25.42 -51.46 -1.82
C PHE B 523 24.87 -52.79 -2.32
N SER B 524 25.60 -53.41 -3.23
CA SER B 524 25.18 -54.69 -3.80
C SER B 524 25.59 -55.85 -2.90
N ASP C 1 -56.78 8.70 1.47
CA ASP C 1 -55.48 8.60 2.12
C ASP C 1 -55.63 8.09 3.56
N ILE C 2 -54.69 7.24 3.97
CA ILE C 2 -54.68 6.68 5.33
C ILE C 2 -53.94 7.68 6.21
N GLN C 3 -54.70 8.54 6.90
CA GLN C 3 -54.08 9.49 7.82
C GLN C 3 -53.38 8.76 8.96
N MET C 4 -52.26 9.31 9.40
CA MET C 4 -51.40 8.62 10.37
C MET C 4 -51.06 9.58 11.51
N THR C 5 -51.26 9.12 12.74
CA THR C 5 -51.02 9.91 13.93
C THR C 5 -49.86 9.31 14.71
N GLN C 6 -49.04 10.16 15.32
CA GLN C 6 -47.89 9.70 16.08
C GLN C 6 -47.85 10.41 17.42
N SER C 7 -47.63 9.64 18.49
CA SER C 7 -47.59 10.16 19.84
C SER C 7 -46.35 9.65 20.56
N PRO C 8 -45.73 10.49 21.40
CA PRO C 8 -46.00 11.91 21.62
C PRO C 8 -45.33 12.75 20.55
N SER C 9 -45.66 14.05 20.44
CA SER C 9 -44.94 14.90 19.49
C SER C 9 -43.48 15.04 19.86
N SER C 10 -43.16 15.02 21.16
CA SER C 10 -41.79 15.05 21.63
C SER C 10 -41.73 14.38 22.99
N VAL C 11 -40.61 13.71 23.26
CA VAL C 11 -40.41 12.99 24.51
C VAL C 11 -39.04 13.34 25.07
N SER C 12 -38.97 13.55 26.38
CA SER C 12 -37.73 13.83 27.07
C SER C 12 -37.17 12.54 27.63
N ALA C 13 -35.90 12.27 27.34
CA ALA C 13 -35.28 11.01 27.74
C ALA C 13 -33.80 11.21 28.00
N SER C 14 -33.29 10.47 28.98
CA SER C 14 -31.87 10.42 29.28
C SER C 14 -31.27 9.11 28.79
N VAL C 15 -29.96 8.98 28.96
CA VAL C 15 -29.29 7.75 28.53
C VAL C 15 -29.70 6.62 29.45
N GLY C 16 -30.13 5.51 28.85
CA GLY C 16 -30.64 4.38 29.59
C GLY C 16 -32.13 4.37 29.82
N ASP C 17 -32.84 5.42 29.42
CA ASP C 17 -34.26 5.50 29.65
C ASP C 17 -35.02 4.89 28.46
N ARG C 18 -35.99 4.03 28.79
CA ARG C 18 -36.79 3.33 27.79
C ARG C 18 -37.77 4.31 27.16
N VAL C 19 -37.82 4.34 25.83
CA VAL C 19 -38.63 5.29 25.08
C VAL C 19 -39.66 4.53 24.27
N THR C 20 -40.90 4.99 24.31
CA THR C 20 -42.01 4.35 23.61
C THR C 20 -42.70 5.37 22.72
N ILE C 21 -42.84 5.03 21.43
CA ILE C 21 -43.51 5.89 20.45
C ILE C 21 -44.64 5.09 19.83
N THR C 22 -45.84 5.66 19.85
CA THR C 22 -47.03 4.99 19.34
C THR C 22 -47.47 5.61 18.02
N CYS C 23 -47.71 4.76 17.02
CA CYS C 23 -48.24 5.18 15.74
C CYS C 23 -49.63 4.56 15.56
N ARG C 24 -50.62 5.36 15.22
CA ARG C 24 -51.99 4.88 15.03
C ARG C 24 -52.48 5.24 13.63
N ALA C 25 -52.99 4.28 12.86
CA ALA C 25 -53.49 4.47 11.51
C ALA C 25 -54.97 4.80 11.53
N THR C 26 -55.45 5.35 10.41
CA THR C 26 -56.88 5.59 10.26
C THR C 26 -57.65 4.29 10.05
N GLN C 27 -57.09 3.39 9.23
CA GLN C 27 -57.69 2.09 8.98
C GLN C 27 -56.64 1.02 9.16
N GLY C 28 -57.08 -0.23 9.26
CA GLY C 28 -56.17 -1.35 9.42
C GLY C 28 -55.18 -1.47 8.28
N ILE C 29 -53.88 -1.49 8.60
CA ILE C 29 -52.84 -1.57 7.59
C ILE C 29 -52.05 -2.85 7.80
N SER C 30 -52.67 -3.84 8.47
CA SER C 30 -52.06 -5.15 8.69
C SER C 30 -50.73 -5.02 9.41
N ARG C 31 -49.60 -5.37 8.83
CA ARG C 31 -48.33 -5.13 9.56
C ARG C 31 -47.37 -4.38 8.66
N ARG C 32 -47.89 -3.58 7.75
CA ARG C 32 -47.11 -2.77 6.82
C ARG C 32 -46.81 -1.39 7.41
N LEU C 33 -45.79 -1.36 8.27
CA LEU C 33 -45.39 -0.14 8.95
C LEU C 33 -43.87 -0.04 8.89
N ALA C 34 -43.36 1.16 8.66
CA ALA C 34 -41.93 1.42 8.69
C ALA C 34 -41.62 2.53 9.68
N TRP C 35 -40.52 2.35 10.41
CA TRP C 35 -40.01 3.32 11.35
C TRP C 35 -38.66 3.83 10.86
N TYR C 36 -38.54 5.15 10.78
CA TYR C 36 -37.35 5.85 10.30
C TYR C 36 -36.79 6.74 11.39
N GLN C 37 -35.47 6.90 11.36
CA GLN C 37 -34.77 7.82 12.25
C GLN C 37 -34.03 8.86 11.41
N GLN C 38 -34.25 10.13 11.73
CA GLN C 38 -33.62 11.24 11.04
C GLN C 38 -32.87 12.12 12.02
N LYS C 39 -31.58 12.30 11.77
CA LYS C 39 -30.75 13.30 12.43
C LYS C 39 -30.92 14.64 11.73
N PRO C 40 -30.65 15.75 12.42
CA PRO C 40 -30.69 17.06 11.76
C PRO C 40 -29.67 17.14 10.63
N GLY C 41 -30.15 17.57 9.46
CA GLY C 41 -29.28 17.74 8.32
C GLY C 41 -28.90 16.48 7.58
N LYS C 42 -29.50 15.35 7.91
CA LYS C 42 -29.19 14.07 7.27
C LYS C 42 -30.47 13.42 6.76
N ALA C 43 -30.31 12.59 5.74
CA ALA C 43 -31.45 11.87 5.18
C ALA C 43 -31.99 10.86 6.18
N PRO C 44 -33.28 10.53 6.10
CA PRO C 44 -33.84 9.53 7.02
C PRO C 44 -33.23 8.15 6.79
N LYS C 45 -33.13 7.39 7.88
CA LYS C 45 -32.57 6.05 7.86
C LYS C 45 -33.65 5.07 8.30
N LEU C 46 -33.86 4.04 7.49
CA LEU C 46 -34.87 3.03 7.80
C LEU C 46 -34.39 2.17 8.96
N LEU C 47 -35.12 2.21 10.07
CA LEU C 47 -34.86 1.35 11.22
C LEU C 47 -35.67 0.07 11.17
N ILE C 48 -36.98 0.18 10.96
CA ILE C 48 -37.88 -0.97 10.93
C ILE C 48 -38.65 -0.91 9.63
N TYR C 49 -38.69 -2.02 8.89
CA TYR C 49 -39.37 -2.02 7.60
C TYR C 49 -40.68 -2.79 7.64
N ALA C 50 -40.72 -3.95 8.29
CA ALA C 50 -42.01 -4.48 8.68
C ALA C 50 -42.43 -3.81 10.00
N ALA C 51 -43.50 -4.32 10.60
CA ALA C 51 -43.89 -3.75 11.89
C ALA C 51 -42.87 -4.09 12.97
N SER C 52 -42.07 -5.14 12.80
CA SER C 52 -41.10 -5.55 13.79
C SER C 52 -39.76 -6.02 13.23
N SER C 53 -39.56 -5.93 11.92
CA SER C 53 -38.33 -6.44 11.31
C SER C 53 -37.25 -5.35 11.34
N LEU C 54 -36.10 -5.69 11.91
CA LEU C 54 -35.01 -4.72 12.04
C LEU C 54 -34.20 -4.65 10.75
N GLN C 55 -33.89 -3.42 10.34
CA GLN C 55 -33.00 -3.21 9.21
C GLN C 55 -31.57 -3.62 9.59
N SER C 56 -30.83 -4.13 8.61
CA SER C 56 -29.46 -4.55 8.85
C SER C 56 -28.62 -3.37 9.32
N GLY C 57 -27.81 -3.62 10.35
CA GLY C 57 -26.98 -2.58 10.93
C GLY C 57 -27.65 -1.77 12.02
N VAL C 58 -28.94 -1.95 12.25
CA VAL C 58 -29.64 -1.21 13.30
C VAL C 58 -29.45 -1.95 14.63
N PRO C 59 -29.13 -1.25 15.72
CA PRO C 59 -28.93 -1.94 17.00
C PRO C 59 -30.19 -2.66 17.45
N SER C 60 -30.00 -3.77 18.17
CA SER C 60 -31.11 -4.55 18.67
C SER C 60 -31.93 -3.83 19.73
N ARG C 61 -31.41 -2.73 20.28
CA ARG C 61 -32.18 -1.93 21.24
C ARG C 61 -33.42 -1.31 20.62
N PHE C 62 -33.45 -1.13 19.29
CA PHE C 62 -34.66 -0.71 18.61
C PHE C 62 -35.55 -1.92 18.38
N SER C 63 -36.82 -1.81 18.79
CA SER C 63 -37.78 -2.88 18.61
C SER C 63 -39.07 -2.32 18.06
N GLY C 64 -39.71 -3.06 17.17
CA GLY C 64 -41.02 -2.72 16.66
C GLY C 64 -42.04 -3.73 17.16
N SER C 65 -43.28 -3.28 17.27
CA SER C 65 -44.37 -4.15 17.69
C SER C 65 -45.68 -3.55 17.22
N GLY C 66 -46.76 -4.31 17.39
CA GLY C 66 -48.08 -3.84 17.02
C GLY C 66 -48.51 -4.36 15.67
N SER C 67 -49.81 -4.20 15.40
CA SER C 67 -50.41 -4.74 14.19
C SER C 67 -51.78 -4.12 14.02
N GLY C 68 -52.28 -4.17 12.79
CA GLY C 68 -53.58 -3.60 12.49
C GLY C 68 -53.56 -2.09 12.49
N THR C 69 -54.15 -1.49 13.53
CA THR C 69 -54.27 -0.05 13.63
C THR C 69 -53.23 0.60 14.53
N ASP C 70 -52.67 -0.14 15.50
CA ASP C 70 -51.75 0.42 16.48
C ASP C 70 -50.40 -0.24 16.36
N PHE C 71 -49.34 0.57 16.33
CA PHE C 71 -47.97 0.09 16.26
C PHE C 71 -47.12 0.86 17.27
N THR C 72 -46.01 0.26 17.65
CA THR C 72 -45.17 0.79 18.71
C THR C 72 -43.70 0.62 18.36
N LEU C 73 -42.91 1.64 18.65
CA LEU C 73 -41.46 1.59 18.54
C LEU C 73 -40.87 1.80 19.93
N THR C 74 -40.00 0.89 20.35
CA THR C 74 -39.41 0.91 21.67
C THR C 74 -37.89 0.98 21.57
N ILE C 75 -37.31 1.94 22.28
CA ILE C 75 -35.86 2.06 22.42
C ILE C 75 -35.52 1.80 23.88
N SER C 76 -35.01 0.60 24.16
CA SER C 76 -34.56 0.22 25.49
C SER C 76 -33.09 0.55 25.63
N SER C 77 -32.71 1.14 26.77
CA SER C 77 -31.35 1.61 27.01
C SER C 77 -30.94 2.63 25.94
N LEU C 78 -31.62 3.77 25.96
CA LEU C 78 -31.36 4.83 25.00
C LEU C 78 -29.91 5.30 25.08
N GLN C 79 -29.34 5.59 23.91
CA GLN C 79 -27.96 6.00 23.77
C GLN C 79 -27.89 7.40 23.16
N PRO C 80 -26.75 8.09 23.32
CA PRO C 80 -26.65 9.44 22.74
C PRO C 80 -26.86 9.50 21.24
N GLU C 81 -26.59 8.41 20.52
CA GLU C 81 -26.81 8.39 19.07
C GLU C 81 -28.27 8.24 18.70
N ASP C 82 -29.16 8.05 19.67
CA ASP C 82 -30.58 7.85 19.40
C ASP C 82 -31.41 9.09 19.62
N PHE C 83 -30.79 10.24 19.86
CA PHE C 83 -31.53 11.49 20.03
C PHE C 83 -31.79 12.09 18.66
N ALA C 84 -32.92 11.72 18.05
CA ALA C 84 -33.24 12.12 16.70
C ALA C 84 -34.75 12.23 16.57
N THR C 85 -35.22 12.40 15.35
CA THR C 85 -36.65 12.39 15.07
C THR C 85 -37.04 11.05 14.47
N TYR C 86 -38.17 10.53 14.91
CA TYR C 86 -38.63 9.20 14.49
C TYR C 86 -39.97 9.32 13.79
N TYR C 87 -40.07 8.69 12.63
CA TYR C 87 -41.27 8.75 11.79
C TYR C 87 -41.82 7.35 11.55
N CYS C 88 -43.14 7.23 11.60
CA CYS C 88 -43.77 6.02 11.11
C CYS C 88 -44.35 6.27 9.72
N GLN C 89 -44.50 5.20 8.96
CA GLN C 89 -44.97 5.31 7.58
C GLN C 89 -45.74 4.05 7.24
N GLN C 90 -47.00 4.22 6.84
CA GLN C 90 -47.79 3.08 6.40
C GLN C 90 -47.42 2.72 4.97
N ALA C 91 -47.25 1.42 4.74
CA ALA C 91 -46.86 0.91 3.43
C ALA C 91 -47.97 0.04 2.83
N ASN C 92 -49.22 0.39 3.12
CA ASN C 92 -50.36 -0.41 2.66
C ASN C 92 -50.58 -0.23 1.16
N SER C 93 -50.84 1.00 0.73
CA SER C 93 -51.07 1.30 -0.68
C SER C 93 -50.86 2.77 -0.90
N PHE C 94 -50.69 3.15 -2.17
CA PHE C 94 -50.51 4.55 -2.51
C PHE C 94 -51.78 5.33 -2.18
N PRO C 95 -51.67 6.53 -1.57
CA PRO C 95 -50.44 7.22 -1.15
C PRO C 95 -49.80 6.64 0.11
N LEU C 96 -48.47 6.72 0.22
CA LEU C 96 -47.75 6.14 1.36
C LEU C 96 -47.44 7.25 2.38
N THR C 97 -48.47 7.59 3.15
CA THR C 97 -48.36 8.72 4.07
C THR C 97 -47.35 8.46 5.17
N PHE C 98 -46.74 9.54 5.66
CA PHE C 98 -45.84 9.50 6.80
C PHE C 98 -46.55 10.01 8.04
N GLY C 99 -45.98 9.68 9.20
CA GLY C 99 -46.49 10.20 10.44
C GLY C 99 -45.93 11.57 10.77
N GLY C 100 -46.47 12.17 11.82
CA GLY C 100 -46.05 13.50 12.22
C GLY C 100 -44.60 13.60 12.66
N GLY C 101 -44.07 12.55 13.28
CA GLY C 101 -42.72 12.60 13.79
C GLY C 101 -42.70 12.75 15.30
N THR C 102 -41.62 12.25 15.90
CA THR C 102 -41.44 12.29 17.35
C THR C 102 -39.98 12.60 17.65
N LYS C 103 -39.72 13.77 18.23
CA LYS C 103 -38.37 14.19 18.57
C LYS C 103 -38.02 13.64 19.94
N VAL C 104 -36.94 12.87 20.01
CA VAL C 104 -36.41 12.37 21.28
C VAL C 104 -35.19 13.22 21.60
N GLU C 105 -35.28 13.99 22.68
CA GLU C 105 -34.25 14.96 23.02
C GLU C 105 -33.73 14.72 24.43
N ILE C 106 -32.49 15.16 24.66
CA ILE C 106 -31.78 14.83 25.89
C ILE C 106 -32.44 15.55 27.07
N LYS C 107 -32.84 14.77 28.07
CA LYS C 107 -33.41 15.34 29.28
C LYS C 107 -32.30 15.85 30.20
N ARG C 108 -32.55 17.00 30.81
CA ARG C 108 -31.63 17.59 31.76
C ARG C 108 -32.42 18.39 32.78
N THR C 109 -31.71 18.95 33.75
CA THR C 109 -32.39 19.74 34.78
C THR C 109 -32.90 21.05 34.19
N VAL C 110 -33.82 21.69 34.92
CA VAL C 110 -34.40 22.94 34.44
C VAL C 110 -33.33 24.02 34.42
N ALA C 111 -33.49 24.98 33.50
CA ALA C 111 -32.55 26.08 33.35
C ALA C 111 -33.33 27.33 33.02
N ALA C 112 -33.24 28.33 33.89
CA ALA C 112 -33.92 29.60 33.64
C ALA C 112 -33.27 30.32 32.47
N PRO C 113 -34.07 30.92 31.59
CA PRO C 113 -33.50 31.63 30.43
C PRO C 113 -32.78 32.90 30.85
N SER C 114 -31.76 33.27 30.08
CA SER C 114 -31.13 34.57 30.21
C SER C 114 -31.75 35.51 29.18
N VAL C 115 -32.43 36.55 29.65
CA VAL C 115 -33.21 37.42 28.79
C VAL C 115 -32.40 38.66 28.47
N PHE C 116 -32.16 38.88 27.17
CA PHE C 116 -31.53 40.09 26.68
C PHE C 116 -32.45 40.77 25.68
N ILE C 117 -32.39 42.10 25.63
CA ILE C 117 -33.15 42.87 24.66
C ILE C 117 -32.18 43.70 23.84
N PHE C 118 -32.44 43.79 22.54
CA PHE C 118 -31.64 44.56 21.61
C PHE C 118 -32.55 45.55 20.89
N PRO C 119 -32.38 46.85 21.11
CA PRO C 119 -33.17 47.84 20.38
C PRO C 119 -32.75 47.90 18.92
N PRO C 120 -33.56 48.50 18.06
CA PRO C 120 -33.20 48.56 16.64
C PRO C 120 -31.90 49.33 16.44
N SER C 121 -31.08 48.82 15.52
CA SER C 121 -29.86 49.52 15.15
C SER C 121 -30.19 50.80 14.41
N ASP C 122 -29.34 51.82 14.58
CA ASP C 122 -29.56 53.08 13.87
C ASP C 122 -29.42 52.90 12.36
N GLU C 123 -28.68 51.87 11.93
CA GLU C 123 -28.52 51.62 10.51
C GLU C 123 -29.86 51.28 9.84
N GLN C 124 -30.59 50.31 10.40
CA GLN C 124 -31.89 49.98 9.83
C GLN C 124 -32.92 51.06 10.06
N LEU C 125 -32.79 51.83 11.15
CA LEU C 125 -33.64 53.00 11.33
C LEU C 125 -33.45 53.99 10.20
N LYS C 126 -32.19 54.20 9.78
CA LYS C 126 -31.92 54.98 8.58
C LYS C 126 -32.41 54.27 7.32
N SER C 127 -32.52 52.95 7.34
CA SER C 127 -33.03 52.18 6.20
C SER C 127 -34.55 52.09 6.18
N GLY C 128 -35.23 52.63 7.19
CA GLY C 128 -36.68 52.70 7.17
C GLY C 128 -37.41 51.59 7.91
N THR C 129 -36.71 50.75 8.67
CA THR C 129 -37.34 49.67 9.42
C THR C 129 -36.74 49.59 10.81
N ALA C 130 -37.46 48.96 11.73
CA ALA C 130 -37.01 48.79 13.11
C ALA C 130 -37.20 47.32 13.48
N SER C 131 -36.15 46.71 14.03
CA SER C 131 -36.19 45.33 14.47
C SER C 131 -35.73 45.26 15.92
N VAL C 132 -36.62 44.86 16.82
CA VAL C 132 -36.31 44.72 18.23
C VAL C 132 -36.17 43.24 18.52
N VAL C 133 -35.04 42.85 19.10
CA VAL C 133 -34.72 41.44 19.31
C VAL C 133 -34.79 41.12 20.80
N CYS C 134 -35.33 39.95 21.12
CA CYS C 134 -35.38 39.45 22.49
C CYS C 134 -34.79 38.05 22.50
N LEU C 135 -33.69 37.87 23.22
CA LEU C 135 -32.93 36.63 23.21
C LEU C 135 -33.06 35.93 24.55
N LEU C 136 -33.51 34.67 24.52
CA LEU C 136 -33.54 33.80 25.68
C LEU C 136 -32.40 32.80 25.53
N ASN C 137 -31.42 32.90 26.40
CA ASN C 137 -30.18 32.15 26.28
C ASN C 137 -30.16 31.01 27.29
N ASN C 138 -29.94 29.80 26.79
CA ASN C 138 -29.63 28.62 27.60
C ASN C 138 -30.73 28.32 28.63
N PHE C 139 -31.89 27.98 28.10
CA PHE C 139 -33.03 27.59 28.92
C PHE C 139 -33.44 26.16 28.62
N TYR C 140 -34.08 25.52 29.60
CA TYR C 140 -34.61 24.17 29.45
C TYR C 140 -35.76 24.03 30.43
N PRO C 141 -36.88 23.40 30.03
CA PRO C 141 -37.17 22.77 28.74
C PRO C 141 -37.50 23.77 27.63
N ARG C 142 -37.81 23.25 26.44
CA ARG C 142 -38.08 24.08 25.27
C ARG C 142 -39.31 24.95 25.44
N GLU C 143 -40.22 24.60 26.36
CA GLU C 143 -41.48 25.30 26.49
C GLU C 143 -41.30 26.67 27.15
N ALA C 144 -41.06 27.69 26.34
CA ALA C 144 -40.95 29.06 26.82
C ALA C 144 -41.89 29.97 26.04
N LYS C 145 -42.40 30.99 26.73
CA LYS C 145 -43.38 31.90 26.15
C LYS C 145 -42.85 33.32 26.18
N VAL C 146 -43.00 34.02 25.07
CA VAL C 146 -42.51 35.39 24.90
C VAL C 146 -43.67 36.28 24.47
N GLN C 147 -43.81 37.44 25.11
CA GLN C 147 -44.82 38.42 24.78
C GLN C 147 -44.13 39.77 24.59
N TRP C 148 -44.72 40.60 23.73
CA TRP C 148 -44.21 41.94 23.48
C TRP C 148 -45.18 42.96 24.03
N LYS C 149 -44.74 43.73 25.02
CA LYS C 149 -45.54 44.75 25.67
C LYS C 149 -44.94 46.11 25.36
N VAL C 150 -45.47 46.77 24.33
CA VAL C 150 -45.02 48.09 23.92
C VAL C 150 -45.98 49.11 24.50
N ASP C 151 -45.46 50.02 25.33
CA ASP C 151 -46.27 50.97 26.09
C ASP C 151 -47.32 50.25 26.92
N ASN C 152 -46.90 49.12 27.50
CA ASN C 152 -47.76 48.26 28.31
C ASN C 152 -48.95 47.74 27.50
N ALA C 153 -48.80 47.68 26.18
CA ALA C 153 -49.83 47.13 25.31
C ALA C 153 -49.28 45.89 24.62
N LEU C 154 -49.99 44.78 24.74
CA LEU C 154 -49.52 43.52 24.17
C LEU C 154 -49.75 43.49 22.66
N GLN C 155 -48.72 43.02 21.95
CA GLN C 155 -48.81 42.85 20.48
C GLN C 155 -48.92 41.37 20.15
N SER C 156 -50.07 40.92 19.61
CA SER C 156 -50.19 39.53 19.17
C SER C 156 -49.39 39.25 17.92
N GLY C 157 -49.46 40.14 16.93
CA GLY C 157 -48.72 39.97 15.70
C GLY C 157 -47.40 40.71 15.72
N ASN C 158 -46.85 40.91 14.52
CA ASN C 158 -45.60 41.62 14.29
C ASN C 158 -44.41 40.99 14.98
N SER C 159 -44.50 39.71 15.34
CA SER C 159 -43.44 39.02 16.05
C SER C 159 -43.18 37.66 15.41
N GLN C 160 -41.91 37.27 15.36
CA GLN C 160 -41.52 35.96 14.86
C GLN C 160 -40.51 35.35 15.83
N GLU C 161 -40.45 34.03 15.86
CA GLU C 161 -39.62 33.33 16.83
C GLU C 161 -38.76 32.28 16.14
N SER C 162 -37.49 32.21 16.55
CA SER C 162 -36.56 31.20 16.09
C SER C 162 -35.98 30.49 17.30
N VAL C 163 -35.85 29.18 17.21
CA VAL C 163 -35.33 28.37 18.31
C VAL C 163 -34.26 27.44 17.77
N THR C 164 -33.10 27.44 18.42
CA THR C 164 -32.03 26.53 18.05
C THR C 164 -32.34 25.12 18.52
N GLU C 165 -31.59 24.15 17.99
CA GLU C 165 -31.62 22.80 18.52
C GLU C 165 -30.95 22.77 19.88
N GLN C 166 -30.90 21.61 20.52
CA GLN C 166 -30.24 21.51 21.81
C GLN C 166 -28.75 21.80 21.67
N ASP C 167 -28.18 22.43 22.69
CA ASP C 167 -26.75 22.73 22.69
C ASP C 167 -25.94 21.43 22.67
N SER C 168 -24.77 21.48 22.02
CA SER C 168 -23.93 20.30 21.96
C SER C 168 -23.46 19.86 23.33
N LYS C 169 -23.10 20.81 24.20
CA LYS C 169 -22.62 20.49 25.53
C LYS C 169 -23.71 20.66 26.59
N ASP C 170 -24.29 21.85 26.67
CA ASP C 170 -25.26 22.15 27.71
C ASP C 170 -26.61 21.47 27.47
N SER C 171 -26.89 21.04 26.24
CA SER C 171 -28.18 20.49 25.82
C SER C 171 -29.34 21.41 26.15
N THR C 172 -29.13 22.72 26.10
CA THR C 172 -30.20 23.68 26.35
C THR C 172 -30.67 24.32 25.05
N TYR C 173 -31.67 25.19 25.18
CA TYR C 173 -32.24 25.86 24.03
C TYR C 173 -31.98 27.36 24.08
N SER C 174 -32.02 27.98 22.92
CA SER C 174 -31.97 29.43 22.80
C SER C 174 -33.09 29.89 21.87
N LEU C 175 -33.67 31.04 22.19
CA LEU C 175 -34.80 31.58 21.45
C LEU C 175 -34.49 33.02 21.06
N SER C 176 -34.93 33.41 19.87
CA SER C 176 -34.82 34.78 19.41
C SER C 176 -36.18 35.21 18.90
N SER C 177 -36.77 36.22 19.54
CA SER C 177 -38.05 36.77 19.16
C SER C 177 -37.82 38.15 18.55
N THR C 178 -38.22 38.33 17.29
CA THR C 178 -38.01 39.56 16.55
C THR C 178 -39.35 40.27 16.39
N LEU C 179 -39.39 41.54 16.79
CA LEU C 179 -40.53 42.41 16.58
C LEU C 179 -40.16 43.41 15.49
N THR C 180 -40.90 43.39 14.39
CA THR C 180 -40.60 44.21 13.22
C THR C 180 -41.63 45.32 13.11
N LEU C 181 -41.15 46.56 12.96
CA LEU C 181 -42.01 47.72 12.85
C LEU C 181 -41.47 48.65 11.78
N SER C 182 -42.35 49.53 11.29
CA SER C 182 -41.91 50.60 10.42
C SER C 182 -41.12 51.63 11.23
N LYS C 183 -40.25 52.38 10.56
CA LYS C 183 -39.46 53.40 11.24
C LYS C 183 -40.37 54.46 11.86
N ALA C 184 -41.40 54.89 11.13
CA ALA C 184 -42.36 55.84 11.68
C ALA C 184 -43.16 55.28 12.84
N ASP C 185 -43.56 54.00 12.77
CA ASP C 185 -44.28 53.38 13.87
C ASP C 185 -43.41 53.29 15.12
N TYR C 186 -42.13 52.95 14.94
CA TYR C 186 -41.22 52.86 16.08
C TYR C 186 -40.92 54.23 16.67
N GLU C 187 -41.15 55.30 15.92
CA GLU C 187 -40.88 56.64 16.40
C GLU C 187 -41.92 57.14 17.40
N LYS C 188 -43.03 56.41 17.57
CA LYS C 188 -44.12 56.88 18.45
C LYS C 188 -43.92 56.39 19.88
N HIS C 189 -43.86 55.07 20.07
CA HIS C 189 -43.80 54.51 21.40
C HIS C 189 -42.38 54.59 21.96
N LYS C 190 -42.24 54.24 23.24
CA LYS C 190 -40.95 54.34 23.91
C LYS C 190 -40.57 53.07 24.67
N VAL C 191 -41.57 52.34 25.19
CA VAL C 191 -41.26 51.28 26.14
C VAL C 191 -40.62 50.09 25.45
N TYR C 192 -41.34 49.42 24.56
CA TYR C 192 -40.84 48.29 23.78
C TYR C 192 -40.25 47.22 24.70
N ALA C 193 -41.13 46.63 25.52
CA ALA C 193 -40.71 45.64 26.51
C ALA C 193 -40.93 44.22 26.00
N CYS C 194 -40.06 43.32 26.44
CA CYS C 194 -40.18 41.89 26.16
C CYS C 194 -40.38 41.15 27.48
N GLU C 195 -41.48 40.42 27.59
CA GLU C 195 -41.83 39.68 28.80
C GLU C 195 -41.69 38.19 28.51
N VAL C 196 -41.01 37.47 29.39
CA VAL C 196 -40.69 36.07 29.19
C VAL C 196 -41.26 35.28 30.36
N THR C 197 -42.01 34.23 30.05
CA THR C 197 -42.54 33.30 31.03
C THR C 197 -42.02 31.91 30.73
N HIS C 198 -41.38 31.29 31.72
CA HIS C 198 -40.82 29.96 31.55
C HIS C 198 -40.96 29.22 32.87
N GLN C 199 -41.08 27.89 32.79
CA GLN C 199 -41.31 27.09 33.98
C GLN C 199 -40.13 27.10 34.93
N GLY C 200 -38.94 27.49 34.45
CA GLY C 200 -37.78 27.61 35.32
C GLY C 200 -37.71 28.92 36.08
N LEU C 201 -38.68 29.79 35.91
CA LEU C 201 -38.71 31.10 36.57
C LEU C 201 -39.91 31.17 37.51
N SER C 202 -39.68 31.71 38.71
CA SER C 202 -40.78 31.90 39.65
C SER C 202 -41.71 33.02 39.20
N SER C 203 -41.18 34.03 38.53
CA SER C 203 -41.97 35.14 38.02
C SER C 203 -41.48 35.48 36.62
N PRO C 204 -42.35 36.04 35.78
CA PRO C 204 -41.91 36.44 34.43
C PRO C 204 -40.84 37.51 34.49
N VAL C 205 -39.96 37.49 33.51
CA VAL C 205 -38.83 38.43 33.43
C VAL C 205 -39.10 39.41 32.31
N THR C 206 -39.07 40.70 32.63
CA THR C 206 -39.33 41.76 31.66
C THR C 206 -38.06 42.56 31.41
N LYS C 207 -37.72 42.71 30.14
CA LYS C 207 -36.56 43.48 29.73
C LYS C 207 -36.99 44.60 28.78
N SER C 208 -36.44 45.79 29.00
CA SER C 208 -36.82 46.94 28.21
C SER C 208 -35.61 47.87 28.05
N PHE C 209 -35.64 48.68 27.00
CA PHE C 209 -34.64 49.72 26.81
C PHE C 209 -35.20 51.12 26.88
N ASN C 210 -36.52 51.30 26.82
CA ASN C 210 -37.19 52.57 27.09
C ASN C 210 -36.65 53.70 26.21
N ARG C 211 -36.48 53.42 24.91
CA ARG C 211 -36.01 54.44 23.98
C ARG C 211 -36.70 54.29 22.63
N GLU D 1 -22.56 1.10 -1.73
CA GLU D 1 -22.70 0.76 -3.14
C GLU D 1 -23.97 1.34 -3.72
N VAL D 2 -25.09 1.09 -3.05
CA VAL D 2 -26.38 1.62 -3.49
C VAL D 2 -26.38 3.13 -3.28
N GLN D 3 -26.54 3.87 -4.36
CA GLN D 3 -26.41 5.33 -4.32
C GLN D 3 -27.47 5.97 -5.19
N LEU D 4 -28.08 7.05 -4.68
CA LEU D 4 -29.04 7.85 -5.41
C LEU D 4 -28.59 9.29 -5.40
N VAL D 5 -28.57 9.93 -6.56
CA VAL D 5 -28.10 11.30 -6.71
C VAL D 5 -29.20 12.13 -7.34
N GLU D 6 -29.67 13.15 -6.64
CA GLU D 6 -30.67 14.05 -7.18
C GLU D 6 -30.03 15.19 -7.96
N SER D 7 -30.81 15.80 -8.84
CA SER D 7 -30.36 16.94 -9.63
C SER D 7 -31.58 17.63 -10.21
N GLY D 8 -31.36 18.85 -10.72
CA GLY D 8 -32.41 19.62 -11.33
C GLY D 8 -33.15 20.56 -10.41
N GLY D 9 -32.94 20.46 -9.11
CA GLY D 9 -33.58 21.38 -8.18
C GLY D 9 -32.97 22.76 -8.23
N GLY D 10 -33.74 23.74 -7.81
CA GLY D 10 -33.27 25.11 -7.82
C GLY D 10 -34.38 26.08 -7.55
N LEU D 11 -34.16 27.33 -7.92
CA LEU D 11 -35.12 28.39 -7.68
C LEU D 11 -36.16 28.42 -8.78
N VAL D 12 -37.44 28.41 -8.40
CA VAL D 12 -38.55 28.39 -9.34
C VAL D 12 -39.46 29.57 -9.03
N GLN D 13 -39.87 30.28 -10.08
CA GLN D 13 -40.91 31.27 -9.91
C GLN D 13 -42.25 30.58 -9.66
N PRO D 14 -43.13 31.16 -8.87
CA PRO D 14 -44.44 30.53 -8.65
C PRO D 14 -45.21 30.40 -9.95
N GLY D 15 -45.90 29.26 -10.09
CA GLY D 15 -46.66 28.95 -11.28
C GLY D 15 -45.87 28.31 -12.39
N ARG D 16 -44.56 28.12 -12.22
CA ARG D 16 -43.71 27.57 -13.25
C ARG D 16 -43.48 26.08 -13.02
N SER D 17 -42.61 25.49 -13.83
CA SER D 17 -42.40 24.05 -13.84
C SER D 17 -40.93 23.74 -13.64
N LEU D 18 -40.65 22.52 -13.16
CA LEU D 18 -39.27 22.11 -12.93
C LEU D 18 -39.22 20.59 -12.88
N ARG D 19 -38.20 20.03 -13.53
CA ARG D 19 -38.05 18.58 -13.63
C ARG D 19 -36.88 18.12 -12.78
N LEU D 20 -37.18 17.41 -11.69
CA LEU D 20 -36.16 16.78 -10.89
C LEU D 20 -35.75 15.45 -11.50
N SER D 21 -34.46 15.14 -11.40
CA SER D 21 -33.91 13.89 -11.89
C SER D 21 -33.15 13.20 -10.76
N CYS D 22 -33.09 11.87 -10.84
CA CYS D 22 -32.40 11.07 -9.85
C CYS D 22 -31.69 9.92 -10.55
N ALA D 23 -30.36 9.94 -10.50
CA ALA D 23 -29.53 8.88 -11.07
C ALA D 23 -29.28 7.83 -10.00
N ALA D 24 -29.48 6.57 -10.37
CA ALA D 24 -29.33 5.45 -9.45
C ALA D 24 -28.13 4.59 -9.84
N SER D 25 -27.44 4.07 -8.82
CA SER D 25 -26.29 3.21 -9.05
C SER D 25 -26.22 2.18 -7.93
N GLY D 26 -25.55 1.07 -8.22
CA GLY D 26 -25.32 0.04 -7.22
C GLY D 26 -26.46 -0.94 -7.00
N PHE D 27 -27.55 -0.82 -7.75
CA PHE D 27 -28.66 -1.74 -7.61
C PHE D 27 -29.43 -1.79 -8.92
N THR D 28 -30.22 -2.85 -9.08
CA THR D 28 -31.07 -3.01 -10.27
C THR D 28 -32.22 -2.02 -10.17
N PHE D 29 -32.16 -0.95 -10.97
CA PHE D 29 -33.15 0.11 -10.89
C PHE D 29 -34.54 -0.37 -11.26
N ASP D 30 -34.64 -1.28 -12.22
CA ASP D 30 -35.92 -1.78 -12.70
C ASP D 30 -36.48 -2.90 -11.84
N ASP D 31 -36.01 -3.05 -10.60
CA ASP D 31 -36.52 -4.06 -9.69
C ASP D 31 -37.25 -3.47 -8.50
N PHE D 32 -37.13 -2.16 -8.28
CA PHE D 32 -37.64 -1.51 -7.08
C PHE D 32 -38.57 -0.36 -7.45
N ALA D 33 -39.62 -0.19 -6.68
CA ALA D 33 -40.43 1.02 -6.78
C ALA D 33 -39.65 2.21 -6.25
N MET D 34 -39.79 3.35 -6.91
CA MET D 34 -39.04 4.55 -6.55
C MET D 34 -40.00 5.64 -6.10
N HIS D 35 -39.57 6.40 -5.09
CA HIS D 35 -40.43 7.38 -4.45
C HIS D 35 -39.76 8.74 -4.43
N TRP D 36 -40.58 9.77 -4.50
CA TRP D 36 -40.17 11.15 -4.24
C TRP D 36 -40.80 11.58 -2.94
N VAL D 37 -39.96 12.12 -2.03
CA VAL D 37 -40.37 12.47 -0.68
C VAL D 37 -39.94 13.90 -0.38
N ARG D 38 -40.86 14.70 0.13
CA ARG D 38 -40.59 16.07 0.53
C ARG D 38 -40.00 16.14 1.92
N GLN D 39 -39.36 17.29 2.19
CA GLN D 39 -39.16 17.76 3.56
C GLN D 39 -39.02 19.28 3.49
N ALA D 40 -40.06 19.99 3.89
CA ALA D 40 -39.97 21.44 3.94
C ALA D 40 -39.13 21.85 5.15
N PRO D 41 -38.48 23.02 5.08
CA PRO D 41 -37.63 23.46 6.20
C PRO D 41 -38.35 23.50 7.54
N GLY D 42 -37.90 22.67 8.48
CA GLY D 42 -38.44 22.69 9.83
C GLY D 42 -39.60 21.76 10.10
N LYS D 43 -40.04 21.06 9.05
CA LYS D 43 -41.22 20.17 9.12
C LYS D 43 -40.79 18.73 8.84
N GLY D 44 -41.70 17.78 9.02
CA GLY D 44 -41.33 16.39 8.83
C GLY D 44 -41.45 15.90 7.39
N LEU D 45 -41.36 14.58 7.25
CA LEU D 45 -41.37 13.96 5.94
C LEU D 45 -42.76 13.95 5.34
N GLU D 46 -42.85 14.15 4.03
CA GLU D 46 -44.10 14.09 3.30
C GLU D 46 -43.88 13.28 2.03
N TRP D 47 -44.69 12.24 1.85
CA TRP D 47 -44.57 11.43 0.65
C TRP D 47 -45.19 12.16 -0.53
N VAL D 48 -44.40 12.36 -1.59
CA VAL D 48 -44.86 13.11 -2.75
C VAL D 48 -45.43 12.15 -3.77
N SER D 49 -44.60 11.21 -4.24
CA SER D 49 -45.03 10.38 -5.36
C SER D 49 -44.30 9.05 -5.32
N GLY D 50 -44.85 8.08 -6.05
CA GLY D 50 -44.27 6.76 -6.11
C GLY D 50 -44.60 6.09 -7.42
N ILE D 51 -43.64 5.34 -7.93
CA ILE D 51 -43.77 4.68 -9.23
C ILE D 51 -43.27 3.24 -9.10
N SER D 52 -43.97 2.32 -9.76
CA SER D 52 -43.60 0.91 -9.78
C SER D 52 -42.43 0.68 -10.73
N TRP D 53 -41.90 -0.54 -10.75
CA TRP D 53 -40.75 -0.83 -11.60
C TRP D 53 -41.08 -0.67 -13.08
N ASN D 54 -42.32 -0.94 -13.47
CA ASN D 54 -42.73 -0.88 -14.87
C ASN D 54 -43.67 0.28 -15.16
N SER D 55 -43.77 1.25 -14.24
CA SER D 55 -44.64 2.42 -14.36
C SER D 55 -46.11 2.04 -14.48
N GLY D 56 -46.47 0.79 -14.17
CA GLY D 56 -47.87 0.39 -14.27
C GLY D 56 -48.74 0.88 -13.14
N ASN D 57 -48.14 1.16 -11.99
CA ASN D 57 -48.87 1.65 -10.83
C ASN D 57 -48.18 2.90 -10.31
N ILE D 58 -48.88 4.03 -10.40
CA ILE D 58 -48.33 5.34 -10.07
C ILE D 58 -49.23 5.99 -9.04
N GLY D 59 -48.62 6.54 -7.97
CA GLY D 59 -49.38 7.18 -6.94
C GLY D 59 -48.83 8.56 -6.61
N TYR D 60 -49.73 9.47 -6.30
CA TYR D 60 -49.40 10.83 -5.92
C TYR D 60 -50.06 11.17 -4.60
N ALA D 61 -49.43 12.06 -3.85
CA ALA D 61 -50.09 12.65 -2.69
C ALA D 61 -51.22 13.55 -3.15
N ASP D 62 -52.22 13.72 -2.29
CA ASP D 62 -53.38 14.53 -2.64
C ASP D 62 -53.01 16.00 -2.83
N SER D 63 -51.85 16.43 -2.32
CA SER D 63 -51.43 17.81 -2.49
C SER D 63 -50.67 18.05 -3.78
N VAL D 64 -50.22 16.98 -4.46
CA VAL D 64 -49.44 17.12 -5.68
C VAL D 64 -50.18 16.47 -6.85
N LYS D 65 -51.31 15.82 -6.55
CA LYS D 65 -52.05 15.11 -7.57
C LYS D 65 -52.63 16.09 -8.58
N GLY D 66 -52.46 15.77 -9.86
CA GLY D 66 -52.88 16.65 -10.94
C GLY D 66 -51.88 17.69 -11.35
N ARG D 67 -50.77 17.83 -10.62
CA ARG D 67 -49.71 18.78 -10.95
C ARG D 67 -48.38 18.10 -11.21
N PHE D 68 -47.96 17.19 -10.32
CA PHE D 68 -46.70 16.50 -10.48
C PHE D 68 -46.89 15.26 -11.34
N THR D 69 -45.83 14.86 -12.02
CA THR D 69 -45.83 13.66 -12.85
C THR D 69 -44.54 12.90 -12.60
N ILE D 70 -44.65 11.70 -12.05
CA ILE D 70 -43.48 10.86 -11.82
C ILE D 70 -43.30 9.95 -13.03
N SER D 71 -42.04 9.67 -13.36
CA SER D 71 -41.71 8.81 -14.48
C SER D 71 -40.34 8.21 -14.22
N ARG D 72 -39.98 7.21 -15.03
CA ARG D 72 -38.70 6.56 -14.86
C ARG D 72 -38.22 6.03 -16.20
N ASP D 73 -36.90 6.05 -16.36
CA ASP D 73 -36.23 5.44 -17.50
C ASP D 73 -35.34 4.34 -16.96
N ASN D 74 -35.75 3.08 -17.17
CA ASN D 74 -34.96 1.96 -16.68
C ASN D 74 -33.71 1.72 -17.50
N ALA D 75 -33.71 2.13 -18.78
CA ALA D 75 -32.51 2.05 -19.60
C ALA D 75 -31.40 2.96 -19.09
N LYS D 76 -31.75 4.17 -18.65
CA LYS D 76 -30.78 5.13 -18.12
C LYS D 76 -30.73 5.13 -16.60
N ASN D 77 -31.47 4.23 -15.94
CA ASN D 77 -31.48 4.13 -14.48
C ASN D 77 -31.79 5.46 -13.83
N SER D 78 -32.80 6.15 -14.36
CA SER D 78 -33.12 7.51 -13.93
C SER D 78 -34.57 7.60 -13.50
N LEU D 79 -34.82 8.46 -12.52
CA LEU D 79 -36.15 8.79 -12.05
C LEU D 79 -36.41 10.27 -12.30
N TYR D 80 -37.61 10.60 -12.75
CA TYR D 80 -37.96 11.96 -13.09
C TYR D 80 -39.23 12.38 -12.37
N LEU D 81 -39.26 13.64 -11.94
CA LEU D 81 -40.44 14.24 -11.31
C LEU D 81 -40.66 15.59 -11.96
N GLN D 82 -41.66 15.67 -12.84
CA GLN D 82 -42.02 16.92 -13.49
C GLN D 82 -43.06 17.63 -12.62
N MET D 83 -42.63 18.70 -11.96
CA MET D 83 -43.48 19.49 -11.09
C MET D 83 -44.05 20.67 -11.88
N ASN D 84 -45.37 20.78 -11.90
CA ASN D 84 -46.06 21.79 -12.69
C ASN D 84 -46.93 22.63 -11.77
N SER D 85 -47.18 23.87 -12.20
CA SER D 85 -48.03 24.81 -11.48
C SER D 85 -47.58 24.96 -10.04
N LEU D 86 -46.29 25.19 -9.86
CA LEU D 86 -45.70 25.21 -8.54
C LEU D 86 -46.20 26.40 -7.72
N ARG D 87 -46.02 26.29 -6.41
CA ARG D 87 -46.44 27.32 -5.46
C ARG D 87 -45.49 27.31 -4.28
N ALA D 88 -45.68 28.26 -3.37
CA ALA D 88 -44.77 28.41 -2.24
C ALA D 88 -44.82 27.22 -1.30
N GLU D 89 -45.87 26.39 -1.40
CA GLU D 89 -46.00 25.25 -0.50
C GLU D 89 -45.08 24.10 -0.87
N ASP D 90 -44.50 24.12 -2.07
CA ASP D 90 -43.62 23.05 -2.52
C ASP D 90 -42.15 23.33 -2.25
N THR D 91 -41.82 24.43 -1.56
CA THR D 91 -40.45 24.72 -1.19
C THR D 91 -39.94 23.66 -0.21
N ALA D 92 -39.09 22.76 -0.67
CA ALA D 92 -38.67 21.65 0.19
C ALA D 92 -37.45 20.97 -0.41
N LEU D 93 -36.80 20.17 0.43
CA LEU D 93 -35.77 19.25 -0.04
C LEU D 93 -36.44 17.97 -0.48
N TYR D 94 -36.21 17.57 -1.73
CA TYR D 94 -36.82 16.39 -2.32
C TYR D 94 -35.80 15.27 -2.36
N TYR D 95 -36.16 14.13 -1.79
CA TYR D 95 -35.37 12.92 -1.83
C TYR D 95 -35.98 11.94 -2.83
N CYS D 96 -35.13 11.35 -3.66
CA CYS D 96 -35.50 10.14 -4.35
C CYS D 96 -35.09 8.95 -3.50
N ALA D 97 -36.03 8.05 -3.26
CA ALA D 97 -35.83 6.95 -2.33
C ALA D 97 -36.16 5.63 -3.03
N LYS D 98 -35.42 4.60 -2.68
CA LYS D 98 -35.58 3.28 -3.24
C LYS D 98 -36.32 2.39 -2.24
N ASP D 99 -37.40 1.77 -2.70
CA ASP D 99 -38.17 0.90 -1.83
C ASP D 99 -37.35 -0.32 -1.42
N LYS D 100 -37.49 -0.73 -0.16
CA LYS D 100 -36.77 -1.91 0.31
C LYS D 100 -37.25 -3.18 -0.37
N SER D 101 -38.54 -3.28 -0.65
CA SER D 101 -39.08 -4.51 -1.22
C SER D 101 -38.57 -4.71 -2.64
N GLY D 102 -38.07 -5.92 -2.91
CA GLY D 102 -37.77 -6.32 -4.26
C GLY D 102 -38.95 -6.90 -5.00
N SER D 103 -40.10 -7.01 -4.33
CA SER D 103 -41.35 -7.52 -4.85
C SER D 103 -42.23 -6.38 -5.32
N PRO D 104 -42.71 -6.41 -6.56
CA PRO D 104 -43.61 -5.34 -7.03
C PRO D 104 -44.91 -5.26 -6.27
N TYR D 105 -45.30 -6.31 -5.54
CA TYR D 105 -46.60 -6.41 -4.92
C TYR D 105 -46.65 -5.87 -3.50
N TYR D 106 -45.52 -5.46 -2.93
CA TYR D 106 -45.47 -5.02 -1.54
C TYR D 106 -44.59 -3.80 -1.41
N TYR D 107 -44.78 -3.06 -0.32
CA TYR D 107 -43.93 -1.94 0.05
C TYR D 107 -43.38 -2.19 1.44
N TYR D 108 -42.06 -2.06 1.59
CA TYR D 108 -41.39 -2.28 2.86
C TYR D 108 -40.70 -1.00 3.34
N GLY D 109 -41.29 0.15 3.03
CA GLY D 109 -40.63 1.40 3.31
C GLY D 109 -39.54 1.69 2.30
N MET D 110 -38.70 2.67 2.64
CA MET D 110 -37.62 3.13 1.79
C MET D 110 -36.31 2.99 2.54
N ASP D 111 -35.38 2.22 1.98
CA ASP D 111 -34.13 1.91 2.68
C ASP D 111 -32.94 2.70 2.16
N VAL D 112 -33.02 3.27 0.96
CA VAL D 112 -31.94 4.04 0.37
C VAL D 112 -32.47 5.41 0.00
N TRP D 113 -31.86 6.45 0.56
CA TRP D 113 -32.27 7.83 0.32
C TRP D 113 -31.11 8.58 -0.31
N GLY D 114 -31.43 9.53 -1.18
CA GLY D 114 -30.43 10.40 -1.74
C GLY D 114 -30.07 11.54 -0.80
N GLN D 115 -29.16 12.39 -1.26
CA GLN D 115 -28.79 13.55 -0.47
C GLN D 115 -29.88 14.62 -0.49
N GLY D 116 -30.80 14.55 -1.42
CA GLY D 116 -31.86 15.54 -1.55
C GLY D 116 -31.46 16.72 -2.40
N THR D 117 -32.44 17.27 -3.10
CA THR D 117 -32.26 18.46 -3.91
C THR D 117 -33.28 19.51 -3.48
N MET D 118 -32.82 20.75 -3.28
CA MET D 118 -33.68 21.77 -2.72
C MET D 118 -34.42 22.51 -3.84
N VAL D 119 -35.74 22.58 -3.72
CA VAL D 119 -36.58 23.33 -4.64
C VAL D 119 -37.18 24.49 -3.86
N THR D 120 -36.91 25.70 -4.32
CA THR D 120 -37.34 26.94 -3.66
C THR D 120 -38.24 27.69 -4.61
N VAL D 121 -39.56 27.50 -4.47
CA VAL D 121 -40.55 28.18 -5.28
C VAL D 121 -40.86 29.52 -4.61
N SER D 122 -40.26 30.59 -5.11
CA SER D 122 -40.47 31.92 -4.54
C SER D 122 -40.26 32.96 -5.63
N SER D 123 -41.08 34.00 -5.59
CA SER D 123 -40.98 35.10 -6.55
C SER D 123 -39.92 36.13 -6.16
N ALA D 124 -39.38 36.04 -4.95
CA ALA D 124 -38.38 37.00 -4.51
C ALA D 124 -37.07 36.81 -5.26
N SER D 125 -36.48 37.91 -5.70
CA SER D 125 -35.19 37.83 -6.39
C SER D 125 -34.06 37.58 -5.41
N THR D 126 -32.94 37.10 -5.94
CA THR D 126 -31.76 36.87 -5.12
C THR D 126 -31.24 38.21 -4.60
N LYS D 127 -31.23 38.37 -3.28
CA LYS D 127 -30.89 39.64 -2.65
C LYS D 127 -29.81 39.40 -1.61
N GLY D 128 -28.92 40.38 -1.47
CA GLY D 128 -27.85 40.30 -0.50
C GLY D 128 -28.30 40.74 0.87
N PRO D 129 -27.82 40.05 1.91
CA PRO D 129 -28.29 40.34 3.26
C PRO D 129 -27.84 41.70 3.75
N SER D 130 -28.67 42.32 4.59
CA SER D 130 -28.28 43.50 5.34
C SER D 130 -27.93 43.06 6.75
N VAL D 131 -26.70 43.33 7.18
CA VAL D 131 -26.22 42.90 8.48
C VAL D 131 -26.23 44.09 9.43
N PHE D 132 -26.97 43.97 10.52
CA PHE D 132 -27.08 45.02 11.51
C PHE D 132 -26.54 44.56 12.85
N PRO D 133 -26.08 45.47 13.69
CA PRO D 133 -25.55 45.07 15.00
C PRO D 133 -26.62 45.06 16.08
N LEU D 134 -26.57 44.02 16.91
CA LEU D 134 -27.35 43.93 18.15
C LEU D 134 -26.37 44.19 19.28
N ALA D 135 -26.33 45.43 19.75
CA ALA D 135 -25.32 45.84 20.71
C ALA D 135 -25.67 45.32 22.11
N PRO D 136 -24.68 45.00 22.93
CA PRO D 136 -24.96 44.60 24.31
C PRO D 136 -25.36 45.79 25.16
N SER D 137 -26.13 45.51 26.20
CA SER D 137 -26.62 46.54 27.11
C SER D 137 -25.48 47.14 27.92
N GLY D 144 -22.51 40.03 34.81
CA GLY D 144 -21.76 38.81 34.57
C GLY D 144 -21.33 38.66 33.13
N THR D 145 -22.30 38.44 32.25
CA THR D 145 -22.05 38.32 30.82
C THR D 145 -23.08 39.15 30.05
N ALA D 146 -22.70 39.59 28.86
CA ALA D 146 -23.55 40.37 27.98
C ALA D 146 -23.72 39.63 26.66
N ALA D 147 -24.92 39.73 26.09
CA ALA D 147 -25.17 39.14 24.79
C ALA D 147 -25.04 40.20 23.71
N LEU D 148 -24.42 39.81 22.59
CA LEU D 148 -24.22 40.72 21.47
C LEU D 148 -24.30 39.91 20.19
N GLY D 149 -24.88 40.49 19.15
CA GLY D 149 -25.11 39.68 17.98
C GLY D 149 -25.18 40.49 16.71
N CYS D 150 -25.47 39.78 15.61
CA CYS D 150 -25.70 40.41 14.32
C CYS D 150 -26.98 39.87 13.71
N LEU D 151 -27.77 40.78 13.15
CA LEU D 151 -29.04 40.47 12.51
C LEU D 151 -28.84 40.48 11.00
N VAL D 152 -28.97 39.30 10.39
CA VAL D 152 -28.81 39.10 8.95
C VAL D 152 -30.19 39.15 8.29
N LYS D 153 -30.64 40.33 7.89
CA LYS D 153 -32.02 40.54 7.51
C LYS D 153 -32.17 40.75 6.01
N ASP D 154 -33.30 40.29 5.48
CA ASP D 154 -33.76 40.57 4.11
C ASP D 154 -32.75 40.10 3.07
N TYR D 155 -32.59 38.78 3.02
CA TYR D 155 -31.75 38.16 2.00
C TYR D 155 -32.52 37.02 1.35
N PHE D 156 -31.95 36.49 0.27
CA PHE D 156 -32.55 35.41 -0.49
C PHE D 156 -31.52 34.87 -1.47
N PRO D 157 -31.41 33.55 -1.62
CA PRO D 157 -32.16 32.48 -0.93
C PRO D 157 -31.67 32.17 0.47
N GLU D 158 -32.10 31.03 1.01
CA GLU D 158 -31.89 30.71 2.41
C GLU D 158 -30.42 30.62 2.86
N PRO D 159 -29.51 29.95 2.15
CA PRO D 159 -28.20 29.66 2.74
C PRO D 159 -27.35 30.91 2.96
N VAL D 160 -27.09 31.21 4.23
CA VAL D 160 -26.07 32.17 4.63
C VAL D 160 -25.23 31.52 5.73
N THR D 161 -23.95 31.89 5.77
CA THR D 161 -23.05 31.40 6.81
C THR D 161 -22.64 32.57 7.69
N VAL D 162 -22.82 32.43 8.99
CA VAL D 162 -22.48 33.47 9.96
C VAL D 162 -21.39 32.94 10.87
N SER D 163 -20.27 33.65 10.92
CA SER D 163 -19.15 33.30 11.79
C SER D 163 -18.78 34.52 12.62
N TRP D 164 -18.00 34.28 13.67
CA TRP D 164 -17.59 35.33 14.59
C TRP D 164 -16.08 35.34 14.72
N ASN D 165 -15.46 36.48 14.42
CA ASN D 165 -14.01 36.66 14.52
C ASN D 165 -13.27 35.60 13.72
N SER D 166 -13.82 35.27 12.55
CA SER D 166 -13.27 34.30 11.61
C SER D 166 -13.06 32.93 12.23
N GLY D 167 -13.96 32.50 13.12
CA GLY D 167 -13.83 31.23 13.81
C GLY D 167 -13.22 31.33 15.19
N ALA D 168 -12.67 32.48 15.56
CA ALA D 168 -12.09 32.63 16.90
C ALA D 168 -13.14 32.52 17.99
N LEU D 169 -14.39 32.85 17.70
CA LEU D 169 -15.50 32.67 18.62
C LEU D 169 -16.35 31.51 18.15
N THR D 170 -16.27 30.39 18.88
CA THR D 170 -17.10 29.23 18.59
C THR D 170 -17.87 28.84 19.84
N SER D 171 -17.46 29.39 20.98
CA SER D 171 -18.16 29.13 22.24
C SER D 171 -19.17 30.23 22.51
N GLY D 172 -20.41 29.84 22.78
CA GLY D 172 -21.50 30.78 22.95
C GLY D 172 -22.14 31.24 21.65
N VAL D 173 -21.72 30.70 20.51
CA VAL D 173 -22.29 31.09 19.23
C VAL D 173 -23.64 30.39 19.06
N HIS D 174 -24.71 31.18 19.07
CA HIS D 174 -26.05 30.68 18.82
C HIS D 174 -26.57 31.33 17.54
N THR D 175 -26.53 30.60 16.44
CA THR D 175 -27.06 31.05 15.17
C THR D 175 -28.41 30.41 14.96
N PHE D 176 -29.46 31.22 14.94
CA PHE D 176 -30.82 30.72 14.86
C PHE D 176 -31.21 30.40 13.41
N PRO D 177 -32.11 29.45 13.21
CA PRO D 177 -32.56 29.13 11.86
C PRO D 177 -33.29 30.30 11.22
N ALA D 178 -33.15 30.43 9.91
CA ALA D 178 -33.74 31.53 9.18
C ALA D 178 -35.26 31.42 9.17
N VAL D 179 -35.93 32.57 9.19
CA VAL D 179 -37.39 32.65 9.13
C VAL D 179 -37.77 33.35 7.84
N LEU D 180 -38.70 32.76 7.09
CA LEU D 180 -39.20 33.35 5.86
C LEU D 180 -40.21 34.43 6.21
N GLN D 181 -39.88 35.67 5.90
CA GLN D 181 -40.71 36.81 6.26
C GLN D 181 -41.93 36.91 5.34
N SER D 182 -42.83 37.83 5.68
CA SER D 182 -44.03 38.04 4.88
C SER D 182 -43.71 38.62 3.51
N SER D 183 -42.51 39.18 3.32
CA SER D 183 -42.12 39.75 2.05
C SER D 183 -41.39 38.75 1.15
N GLY D 184 -41.27 37.49 1.58
CA GLY D 184 -40.56 36.49 0.81
C GLY D 184 -39.07 36.45 1.03
N LEU D 185 -38.53 37.35 1.84
CA LEU D 185 -37.10 37.38 2.13
C LEU D 185 -36.84 36.71 3.47
N TYR D 186 -35.66 36.12 3.60
CA TYR D 186 -35.28 35.43 4.82
C TYR D 186 -34.62 36.38 5.81
N SER D 187 -34.87 36.12 7.09
CA SER D 187 -34.26 36.87 8.17
C SER D 187 -33.57 35.88 9.11
N LEU D 188 -32.51 36.35 9.75
CA LEU D 188 -31.69 35.49 10.60
C LEU D 188 -31.04 36.36 11.67
N SER D 189 -30.60 35.73 12.75
CA SER D 189 -29.81 36.41 13.76
C SER D 189 -28.85 35.42 14.39
N SER D 190 -27.65 35.89 14.70
CA SER D 190 -26.68 35.11 15.45
C SER D 190 -26.21 35.92 16.65
N VAL D 191 -26.11 35.26 17.79
CA VAL D 191 -25.74 35.93 19.03
C VAL D 191 -24.56 35.20 19.66
N VAL D 192 -23.84 35.91 20.53
CA VAL D 192 -22.80 35.35 21.37
C VAL D 192 -22.93 35.99 22.75
N THR D 193 -22.83 35.16 23.79
CA THR D 193 -22.74 35.64 25.16
C THR D 193 -21.27 35.69 25.56
N VAL D 194 -20.82 36.85 26.00
CA VAL D 194 -19.40 37.05 26.30
C VAL D 194 -19.25 37.82 27.60
N PRO D 195 -18.14 37.62 28.30
CA PRO D 195 -17.92 38.35 29.55
C PRO D 195 -17.98 39.85 29.35
N SER D 196 -18.62 40.53 30.30
CA SER D 196 -18.87 41.97 30.16
C SER D 196 -17.58 42.77 30.16
N SER D 197 -16.53 42.28 30.83
CA SER D 197 -15.25 42.99 30.82
C SER D 197 -14.53 42.87 29.48
N SER D 198 -14.92 41.91 28.65
CA SER D 198 -14.29 41.74 27.34
C SER D 198 -14.86 42.70 26.30
N LEU D 199 -15.93 43.42 26.63
CA LEU D 199 -16.54 44.33 25.67
C LEU D 199 -15.65 45.53 25.38
N GLY D 200 -14.90 46.02 26.37
CA GLY D 200 -14.09 47.20 26.18
C GLY D 200 -12.76 46.99 25.49
N THR D 201 -12.27 45.75 25.41
CA THR D 201 -10.97 45.50 24.81
C THR D 201 -11.08 44.59 23.60
N GLN D 202 -11.90 43.54 23.70
CA GLN D 202 -12.00 42.58 22.60
C GLN D 202 -12.95 43.09 21.53
N THR D 203 -12.50 43.04 20.28
CA THR D 203 -13.33 43.44 19.16
C THR D 203 -14.14 42.25 18.67
N TYR D 204 -15.45 42.43 18.57
CA TYR D 204 -16.37 41.38 18.14
C TYR D 204 -16.85 41.70 16.74
N ILE D 205 -16.69 40.75 15.82
CA ILE D 205 -16.97 40.95 14.41
C ILE D 205 -17.83 39.80 13.92
N CYS D 206 -18.95 40.13 13.28
CA CYS D 206 -19.82 39.14 12.65
C CYS D 206 -19.53 39.13 11.15
N ASN D 207 -19.15 37.97 10.63
CA ASN D 207 -18.91 37.78 9.22
C ASN D 207 -20.08 37.01 8.62
N VAL D 208 -20.72 37.58 7.61
CA VAL D 208 -21.86 36.98 6.93
C VAL D 208 -21.47 36.71 5.49
N ASN D 209 -21.64 35.46 5.06
CA ASN D 209 -21.34 35.05 3.69
C ASN D 209 -22.63 34.57 3.04
N HIS D 210 -22.97 35.18 1.91
CA HIS D 210 -24.09 34.79 1.07
C HIS D 210 -23.52 34.40 -0.29
N LYS D 211 -23.25 33.12 -0.46
CA LYS D 211 -22.74 32.63 -1.74
C LYS D 211 -23.66 32.88 -2.92
N PRO D 212 -24.99 32.70 -2.82
CA PRO D 212 -25.84 32.97 -3.99
C PRO D 212 -25.75 34.39 -4.52
N SER D 213 -25.52 35.38 -3.66
CA SER D 213 -25.32 36.75 -4.10
C SER D 213 -23.87 37.17 -4.09
N ASN D 214 -22.95 36.25 -3.75
CA ASN D 214 -21.52 36.54 -3.65
C ASN D 214 -21.26 37.75 -2.76
N THR D 215 -21.93 37.81 -1.61
CA THR D 215 -21.84 38.96 -0.71
C THR D 215 -21.15 38.54 0.58
N LYS D 216 -20.08 39.24 0.94
CA LYS D 216 -19.40 39.05 2.21
C LYS D 216 -19.45 40.35 2.98
N VAL D 217 -20.05 40.31 4.17
CA VAL D 217 -20.23 41.49 5.00
C VAL D 217 -19.55 41.24 6.34
N ASP D 218 -18.80 42.23 6.82
CA ASP D 218 -18.11 42.15 8.10
C ASP D 218 -18.55 43.32 8.96
N LYS D 219 -19.37 43.04 9.98
CA LYS D 219 -19.92 44.09 10.84
C LYS D 219 -19.23 44.01 12.20
N ARG D 220 -18.66 45.14 12.63
CA ARG D 220 -18.03 45.22 13.94
C ARG D 220 -19.08 45.63 14.96
N VAL D 221 -19.43 44.72 15.85
CA VAL D 221 -20.42 45.01 16.89
C VAL D 221 -19.72 45.54 18.12
N GLU D 222 -20.18 46.68 18.62
CA GLU D 222 -19.58 47.33 19.77
C GLU D 222 -20.66 47.59 20.80
N PRO D 223 -20.23 48.14 21.95
CA PRO D 223 -21.17 48.47 23.00
C PRO D 223 -22.19 49.52 22.57
N LYS D 224 -21.76 50.54 21.84
CA LYS D 224 -22.63 51.60 21.32
C LYS D 224 -23.44 52.25 22.43
N ASP E 1 44.07 36.77 -6.56
CA ASP E 1 42.72 36.24 -6.38
C ASP E 1 41.91 36.36 -7.67
N ILE E 2 41.07 35.36 -7.92
CA ILE E 2 40.25 35.31 -9.13
C ILE E 2 38.89 35.89 -8.78
N GLN E 3 38.73 37.21 -8.93
CA GLN E 3 37.45 37.84 -8.66
C GLN E 3 36.41 37.39 -9.69
N MET E 4 35.20 37.13 -9.21
CA MET E 4 34.13 36.60 -10.03
C MET E 4 32.90 37.50 -9.93
N THR E 5 32.38 37.89 -11.09
CA THR E 5 31.21 38.77 -11.18
C THR E 5 30.02 37.97 -11.68
N GLN E 6 28.88 38.14 -11.03
CA GLN E 6 27.65 37.43 -11.38
C GLN E 6 26.59 38.43 -11.81
N SER E 7 25.94 38.15 -12.94
CA SER E 7 24.92 39.02 -13.50
C SER E 7 23.65 38.22 -13.75
N PRO E 8 22.48 38.82 -13.55
CA PRO E 8 22.24 40.14 -12.97
C PRO E 8 22.27 40.11 -11.45
N SER E 9 22.31 41.26 -10.78
CA SER E 9 22.24 41.26 -9.33
C SER E 9 20.91 40.74 -8.82
N SER E 10 19.84 40.91 -9.61
CA SER E 10 18.52 40.42 -9.25
C SER E 10 17.71 40.20 -10.52
N VAL E 11 17.00 39.08 -10.56
CA VAL E 11 16.16 38.73 -11.71
C VAL E 11 14.76 38.43 -11.21
N SER E 12 13.76 39.05 -11.82
CA SER E 12 12.36 38.81 -11.50
C SER E 12 11.74 37.96 -12.60
N ALA E 13 11.33 36.74 -12.25
CA ALA E 13 10.82 35.80 -13.23
C ALA E 13 9.52 35.19 -12.72
N SER E 14 8.67 34.79 -13.66
CA SER E 14 7.41 34.14 -13.37
C SER E 14 7.58 32.63 -13.44
N VAL E 15 6.70 31.91 -12.75
CA VAL E 15 6.73 30.46 -12.73
C VAL E 15 6.47 29.92 -14.12
N GLY E 16 7.40 29.12 -14.63
CA GLY E 16 7.28 28.54 -15.96
C GLY E 16 8.23 29.11 -16.98
N ASP E 17 8.85 30.26 -16.71
CA ASP E 17 9.77 30.86 -17.67
C ASP E 17 11.20 30.36 -17.47
N ARG E 18 12.09 30.85 -18.31
CA ARG E 18 13.50 30.47 -18.29
C ARG E 18 14.32 31.60 -17.68
N VAL E 19 15.19 31.26 -16.74
CA VAL E 19 16.04 32.22 -16.05
C VAL E 19 17.49 31.93 -16.44
N THR E 20 18.19 32.97 -16.89
CA THR E 20 19.60 32.84 -17.30
C THR E 20 20.46 33.72 -16.38
N ILE E 21 21.47 33.11 -15.77
CA ILE E 21 22.40 33.80 -14.89
C ILE E 21 23.81 33.59 -15.43
N THR E 22 24.56 34.67 -15.59
CA THR E 22 25.90 34.61 -16.17
C THR E 22 26.93 34.87 -15.07
N CYS E 23 28.06 34.18 -15.16
CA CYS E 23 29.15 34.35 -14.22
C CYS E 23 30.46 34.45 -14.99
N ARG E 24 31.25 35.48 -14.69
CA ARG E 24 32.49 35.73 -15.41
C ARG E 24 33.62 35.91 -14.41
N ALA E 25 34.71 35.17 -14.61
CA ALA E 25 35.88 35.29 -13.75
C ALA E 25 36.84 36.32 -14.31
N THR E 26 37.86 36.64 -13.51
CA THR E 26 38.92 37.53 -13.98
C THR E 26 39.97 36.81 -14.80
N GLN E 27 39.96 35.48 -14.80
CA GLN E 27 40.91 34.69 -15.57
C GLN E 27 40.27 33.35 -15.88
N GLY E 28 40.82 32.67 -16.89
CA GLY E 28 40.29 31.37 -17.25
C GLY E 28 40.41 30.37 -16.11
N ILE E 29 39.31 29.68 -15.81
CA ILE E 29 39.30 28.69 -14.74
C ILE E 29 38.79 27.37 -15.30
N SER E 30 38.98 27.15 -16.60
CA SER E 30 38.55 25.93 -17.27
C SER E 30 37.06 25.69 -17.04
N ARG E 31 36.67 24.54 -16.51
CA ARG E 31 35.26 24.31 -16.16
C ARG E 31 35.19 24.11 -14.65
N ARG E 32 36.06 24.75 -13.90
CA ARG E 32 36.07 24.66 -12.42
C ARG E 32 35.12 25.73 -11.87
N LEU E 33 33.83 25.52 -12.04
CA LEU E 33 32.83 26.48 -11.58
C LEU E 33 31.69 25.70 -10.94
N ALA E 34 31.15 26.23 -9.86
CA ALA E 34 30.05 25.61 -9.13
C ALA E 34 28.92 26.61 -8.93
N TRP E 35 27.69 26.09 -8.94
CA TRP E 35 26.50 26.88 -8.70
C TRP E 35 25.79 26.34 -7.45
N TYR E 36 25.53 27.24 -6.51
CA TYR E 36 24.84 26.96 -5.27
C TYR E 36 23.51 27.71 -5.24
N GLN E 37 22.54 27.11 -4.55
CA GLN E 37 21.23 27.72 -4.31
C GLN E 37 20.98 27.78 -2.81
N GLN E 38 20.60 28.96 -2.33
CA GLN E 38 20.36 29.17 -0.91
C GLN E 38 19.03 29.88 -0.71
N LYS E 39 18.20 29.32 0.16
CA LYS E 39 16.94 29.79 0.71
C LYS E 39 17.19 30.69 1.91
N PRO E 40 16.25 31.58 2.25
CA PRO E 40 16.43 32.41 3.44
C PRO E 40 16.48 31.56 4.71
N GLY E 41 17.47 31.81 5.54
CA GLY E 41 17.59 31.11 6.80
C GLY E 41 18.00 29.66 6.68
N LYS E 42 18.63 29.25 5.58
CA LYS E 42 19.05 27.88 5.38
C LYS E 42 20.45 27.85 4.78
N ALA E 43 21.17 26.76 5.04
CA ALA E 43 22.50 26.61 4.49
C ALA E 43 22.45 26.43 2.99
N PRO E 44 23.43 26.94 2.26
CA PRO E 44 23.43 26.78 0.80
C PRO E 44 23.56 25.32 0.40
N LYS E 45 22.95 24.98 -0.73
CA LYS E 45 22.97 23.63 -1.27
C LYS E 45 23.64 23.66 -2.63
N LEU E 46 24.41 22.60 -2.92
CA LEU E 46 25.13 22.53 -4.19
C LEU E 46 24.22 22.03 -5.29
N LEU E 47 24.07 22.84 -6.33
CA LEU E 47 23.32 22.46 -7.52
C LEU E 47 24.22 21.94 -8.63
N ILE E 48 25.28 22.67 -8.95
CA ILE E 48 26.23 22.29 -9.98
C ILE E 48 27.62 22.32 -9.35
N TYR E 49 28.39 21.25 -9.54
CA TYR E 49 29.73 21.21 -8.95
C TYR E 49 30.85 21.35 -9.96
N ALA E 50 30.65 20.90 -11.20
CA ALA E 50 31.53 21.24 -12.31
C ALA E 50 30.64 21.77 -13.43
N ALA E 51 31.21 22.59 -14.30
CA ALA E 51 30.44 23.18 -15.38
C ALA E 51 29.70 22.11 -16.17
N SER E 52 28.37 22.19 -16.14
CA SER E 52 27.41 21.29 -16.79
C SER E 52 27.29 19.94 -16.09
N SER E 53 27.61 19.85 -14.80
CA SER E 53 27.52 18.60 -14.06
C SER E 53 26.50 18.77 -12.94
N LEU E 54 25.34 18.12 -13.10
CA LEU E 54 24.27 18.25 -12.14
C LEU E 54 24.57 17.47 -10.87
N GLN E 55 24.21 18.05 -9.72
CA GLN E 55 24.41 17.37 -8.45
C GLN E 55 23.34 16.30 -8.23
N SER E 56 23.72 15.24 -7.53
CA SER E 56 22.79 14.17 -7.23
C SER E 56 21.62 14.69 -6.41
N GLY E 57 20.41 14.28 -6.78
CA GLY E 57 19.22 14.74 -6.12
C GLY E 57 18.70 16.09 -6.56
N VAL E 58 19.32 16.70 -7.56
CA VAL E 58 18.93 18.00 -8.08
C VAL E 58 18.20 17.78 -9.41
N PRO E 59 17.08 18.45 -9.66
CA PRO E 59 16.35 18.24 -10.91
C PRO E 59 17.19 18.62 -12.12
N SER E 60 16.90 17.95 -13.25
CA SER E 60 17.53 18.27 -14.52
C SER E 60 17.03 19.63 -15.03
N ARG E 61 16.16 20.27 -14.26
CA ARG E 61 15.67 21.62 -14.64
C ARG E 61 16.85 22.59 -14.68
N PHE E 62 17.70 22.57 -13.66
CA PHE E 62 18.87 23.42 -13.68
C PHE E 62 19.90 22.85 -14.66
N SER E 63 20.50 23.74 -15.46
CA SER E 63 21.50 23.31 -16.42
C SER E 63 22.68 24.26 -16.37
N GLY E 64 23.88 23.70 -16.23
CA GLY E 64 25.09 24.49 -16.30
C GLY E 64 25.72 24.42 -17.68
N SER E 65 26.41 25.50 -18.05
CA SER E 65 27.10 25.55 -19.33
C SER E 65 28.22 26.56 -19.23
N GLY E 66 29.10 26.55 -20.22
CA GLY E 66 30.18 27.51 -20.28
C GLY E 66 31.53 26.89 -19.96
N SER E 67 32.57 27.66 -20.20
CA SER E 67 33.93 27.19 -20.02
C SER E 67 34.87 28.38 -20.10
N GLY E 68 36.09 28.18 -19.61
CA GLY E 68 37.06 29.25 -19.59
C GLY E 68 36.70 30.37 -18.64
N THR E 69 36.28 31.51 -19.18
CA THR E 69 35.96 32.67 -18.37
C THR E 69 34.47 32.89 -18.18
N ASP E 70 33.63 32.40 -19.08
CA ASP E 70 32.19 32.65 -19.03
C ASP E 70 31.45 31.36 -18.72
N PHE E 71 30.52 31.45 -17.76
CA PHE E 71 29.69 30.33 -17.36
C PHE E 71 28.25 30.81 -17.24
N THR E 72 27.32 29.86 -17.33
CA THR E 72 25.90 30.20 -17.36
C THR E 72 25.09 29.12 -16.65
N LEU E 73 24.16 29.56 -15.81
CA LEU E 73 23.18 28.69 -15.18
C LEU E 73 21.82 29.03 -15.74
N THR E 74 21.11 28.02 -16.25
CA THR E 74 19.81 28.19 -16.85
C THR E 74 18.78 27.36 -16.08
N ILE E 75 17.74 28.03 -15.61
CA ILE E 75 16.61 27.39 -14.95
C ILE E 75 15.42 27.51 -15.89
N SER E 76 15.21 26.47 -16.71
CA SER E 76 14.10 26.42 -17.65
C SER E 76 12.87 25.88 -16.95
N SER E 77 11.71 26.47 -17.22
CA SER E 77 10.44 26.09 -16.61
C SER E 77 10.52 26.22 -15.09
N LEU E 78 10.69 27.49 -14.67
CA LEU E 78 10.84 27.82 -13.25
C LEU E 78 9.65 27.31 -12.44
N GLN E 79 9.90 27.05 -11.17
CA GLN E 79 8.91 26.55 -10.24
C GLN E 79 8.98 27.35 -8.94
N PRO E 80 7.93 27.34 -8.13
CA PRO E 80 7.94 28.14 -6.89
C PRO E 80 9.07 27.80 -5.94
N GLU E 81 9.61 26.59 -6.00
CA GLU E 81 10.69 26.19 -5.12
C GLU E 81 12.05 26.71 -5.57
N ASP E 82 12.14 27.37 -6.72
CA ASP E 82 13.40 27.86 -7.25
C ASP E 82 13.61 29.34 -7.01
N PHE E 83 12.81 29.98 -6.17
CA PHE E 83 12.98 31.40 -5.88
C PHE E 83 13.93 31.53 -4.70
N ALA E 84 15.23 31.65 -5.01
CA ALA E 84 16.27 31.69 -3.99
C ALA E 84 17.43 32.50 -4.54
N THR E 85 18.55 32.46 -3.81
CA THR E 85 19.76 33.15 -4.22
C THR E 85 20.76 32.16 -4.77
N TYR E 86 21.27 32.42 -5.97
CA TYR E 86 22.20 31.52 -6.64
C TYR E 86 23.58 32.17 -6.67
N TYR E 87 24.60 31.39 -6.30
CA TYR E 87 25.98 31.86 -6.26
C TYR E 87 26.85 31.01 -7.18
N CYS E 88 27.75 31.66 -7.90
CA CYS E 88 28.80 30.94 -8.61
C CYS E 88 30.10 31.03 -7.83
N GLN E 89 30.83 29.91 -7.81
CA GLN E 89 32.08 29.81 -7.06
C GLN E 89 33.13 29.16 -7.93
N GLN E 90 34.29 29.80 -8.04
CA GLN E 90 35.39 29.21 -8.78
C GLN E 90 36.15 28.23 -7.89
N ALA E 91 36.37 27.02 -8.41
CA ALA E 91 37.09 25.98 -7.70
C ALA E 91 38.46 25.73 -8.31
N ASN E 92 39.02 26.75 -8.98
CA ASN E 92 40.29 26.60 -9.67
C ASN E 92 41.44 26.42 -8.70
N SER E 93 41.67 27.40 -7.84
CA SER E 93 42.76 27.33 -6.87
C SER E 93 42.44 28.24 -5.70
N PHE E 94 43.14 28.01 -4.59
CA PHE E 94 42.95 28.83 -3.41
C PHE E 94 43.38 30.26 -3.71
N PRO E 95 42.62 31.27 -3.27
CA PRO E 95 41.34 31.19 -2.53
C PRO E 95 40.16 30.85 -3.43
N LEU E 96 39.19 30.09 -2.93
CA LEU E 96 38.00 29.71 -3.70
C LEU E 96 36.91 30.77 -3.51
N THR E 97 37.06 31.85 -4.27
CA THR E 97 36.15 32.98 -4.14
C THR E 97 34.74 32.62 -4.61
N PHE E 98 33.74 33.21 -3.97
CA PHE E 98 32.36 33.09 -4.39
C PHE E 98 31.97 34.29 -5.24
N GLY E 99 30.73 34.26 -5.73
CA GLY E 99 30.19 35.35 -6.50
C GLY E 99 29.33 36.27 -5.66
N GLY E 100 28.83 37.32 -6.31
CA GLY E 100 27.97 38.27 -5.62
C GLY E 100 26.58 37.76 -5.33
N GLY E 101 26.11 36.75 -6.05
CA GLY E 101 24.78 36.24 -5.84
C GLY E 101 23.78 36.83 -6.83
N THR E 102 22.71 36.06 -7.08
CA THR E 102 21.65 36.46 -7.98
C THR E 102 20.33 35.96 -7.41
N LYS E 103 19.45 36.89 -7.03
CA LYS E 103 18.18 36.54 -6.43
C LYS E 103 17.12 36.34 -7.51
N VAL E 104 16.45 35.19 -7.48
CA VAL E 104 15.32 34.91 -8.36
C VAL E 104 14.05 35.20 -7.58
N GLU E 105 13.21 36.08 -8.12
CA GLU E 105 12.04 36.60 -7.43
C GLU E 105 10.79 36.35 -8.26
N ILE E 106 9.65 36.27 -7.58
CA ILE E 106 8.38 36.05 -8.27
C ILE E 106 7.95 37.33 -8.97
N LYS E 107 7.54 37.22 -10.22
CA LYS E 107 7.11 38.41 -10.98
C LYS E 107 5.61 38.61 -10.79
N ARG E 108 5.21 39.77 -10.31
CA ARG E 108 3.82 40.14 -10.10
C ARG E 108 3.60 41.54 -10.66
N THR E 109 2.35 41.98 -10.66
CA THR E 109 2.01 43.27 -11.22
C THR E 109 2.53 44.40 -10.35
N VAL E 110 2.69 45.59 -10.96
CA VAL E 110 3.21 46.74 -10.23
C VAL E 110 2.20 47.19 -9.19
N ALA E 111 2.67 47.42 -7.96
CA ALA E 111 1.83 47.83 -6.86
C ALA E 111 2.38 49.11 -6.26
N ALA E 112 1.50 50.10 -6.06
CA ALA E 112 1.91 51.35 -5.47
C ALA E 112 2.19 51.17 -3.97
N PRO E 113 3.15 51.90 -3.42
CA PRO E 113 3.44 51.76 -1.99
C PRO E 113 2.42 52.47 -1.13
N SER E 114 1.93 51.79 -0.10
CA SER E 114 1.07 52.42 0.89
C SER E 114 1.94 53.09 1.93
N VAL E 115 1.90 54.42 2.00
CA VAL E 115 2.81 55.21 2.81
C VAL E 115 2.13 55.60 4.11
N PHE E 116 2.80 55.36 5.23
CA PHE E 116 2.34 55.75 6.55
C PHE E 116 3.47 56.43 7.30
N ILE E 117 3.11 57.39 8.16
CA ILE E 117 4.08 58.14 8.95
C ILE E 117 3.93 57.75 10.41
N PHE E 118 5.02 57.86 11.16
CA PHE E 118 5.03 57.62 12.59
C PHE E 118 5.94 58.61 13.29
N PRO E 119 5.40 59.63 13.94
CA PRO E 119 6.25 60.60 14.65
C PRO E 119 6.79 59.99 15.93
N PRO E 120 7.85 60.57 16.51
CA PRO E 120 8.42 60.02 17.75
C PRO E 120 7.52 60.23 18.95
N SER E 131 12.64 60.12 16.49
CA SER E 131 12.80 59.10 15.46
C SER E 131 11.51 58.90 14.67
N VAL E 132 11.42 59.56 13.52
CA VAL E 132 10.26 59.43 12.64
C VAL E 132 10.46 58.19 11.77
N VAL E 133 9.36 57.50 11.51
CA VAL E 133 9.37 56.27 10.72
C VAL E 133 8.46 56.44 9.52
N CYS E 134 8.97 56.11 8.34
CA CYS E 134 8.19 56.13 7.10
C CYS E 134 8.04 54.69 6.63
N LEU E 135 6.79 54.22 6.52
CA LEU E 135 6.50 52.83 6.23
C LEU E 135 5.83 52.70 4.87
N LEU E 136 6.37 51.84 4.02
CA LEU E 136 5.83 51.53 2.72
C LEU E 136 5.32 50.10 2.73
N ASN E 137 4.06 49.92 2.36
CA ASN E 137 3.41 48.62 2.41
C ASN E 137 3.02 48.16 1.01
N ASN E 138 3.29 46.88 0.75
CA ASN E 138 2.76 46.17 -0.41
C ASN E 138 3.10 46.88 -1.72
N PHE E 139 4.37 47.21 -1.92
CA PHE E 139 4.79 47.79 -3.18
C PHE E 139 5.54 46.76 -4.02
N TYR E 140 5.65 47.04 -5.31
CA TYR E 140 6.40 46.22 -6.24
C TYR E 140 6.68 47.05 -7.48
N PRO E 141 7.89 47.02 -8.03
CA PRO E 141 9.06 46.21 -7.62
C PRO E 141 9.79 46.74 -6.40
N ARG E 142 10.87 46.07 -6.01
CA ARG E 142 11.60 46.41 -4.79
C ARG E 142 12.30 47.76 -4.88
N GLU E 143 12.48 48.31 -6.08
CA GLU E 143 13.27 49.52 -6.25
C GLU E 143 12.47 50.78 -5.94
N ALA E 144 12.29 51.09 -4.66
CA ALA E 144 11.68 52.35 -4.27
C ALA E 144 12.74 53.30 -3.73
N LYS E 145 12.36 54.57 -3.59
CA LYS E 145 13.27 55.57 -3.04
C LYS E 145 12.52 56.45 -2.05
N VAL E 146 13.17 56.71 -0.91
CA VAL E 146 12.58 57.44 0.20
C VAL E 146 13.50 58.58 0.60
N GLN E 147 12.92 59.77 0.79
CA GLN E 147 13.66 60.95 1.22
C GLN E 147 12.92 61.60 2.38
N TRP E 148 13.67 62.37 3.18
CA TRP E 148 13.14 63.02 4.37
C TRP E 148 12.91 64.52 4.17
N LYS E 149 13.84 65.22 3.51
CA LYS E 149 13.70 66.66 3.25
C LYS E 149 13.45 67.43 4.54
N VAL E 150 14.19 67.10 5.60
CA VAL E 150 14.03 67.78 6.89
C VAL E 150 14.55 69.20 6.81
N GLN E 155 16.49 65.08 5.03
CA GLN E 155 17.85 65.10 5.58
C GLN E 155 18.72 64.06 4.87
N SER E 156 20.01 64.38 4.72
CA SER E 156 20.97 63.51 4.08
C SER E 156 21.65 62.64 5.13
N GLY E 157 21.61 61.33 4.94
CA GLY E 157 22.19 60.43 5.92
C GLY E 157 21.33 60.34 7.16
N ASN E 158 21.91 59.74 8.21
CA ASN E 158 21.25 59.56 9.50
C ASN E 158 19.92 58.82 9.36
N SER E 159 19.88 57.83 8.45
CA SER E 159 18.67 57.06 8.22
C SER E 159 19.05 55.63 7.86
N GLN E 160 18.15 54.70 8.17
CA GLN E 160 18.33 53.29 7.87
C GLN E 160 17.06 52.74 7.24
N GLU E 161 17.24 51.99 6.16
CA GLU E 161 16.11 51.42 5.41
C GLU E 161 16.14 49.90 5.56
N SER E 162 15.03 49.34 6.03
CA SER E 162 14.88 47.90 6.18
C SER E 162 13.76 47.42 5.27
N VAL E 163 14.07 46.51 4.37
CA VAL E 163 13.11 45.98 3.41
C VAL E 163 12.92 44.49 3.66
N THR E 164 11.67 44.08 3.84
CA THR E 164 11.37 42.67 4.04
C THR E 164 11.58 41.89 2.74
N GLU E 165 11.71 40.58 2.89
CA GLU E 165 11.75 39.72 1.72
C GLU E 165 10.35 39.65 1.09
N GLN E 166 10.31 39.06 -0.10
CA GLN E 166 9.05 38.95 -0.83
C GLN E 166 8.06 38.11 -0.04
N ASP E 167 6.83 38.61 0.07
CA ASP E 167 5.81 37.94 0.88
C ASP E 167 5.44 36.59 0.26
N SER E 168 5.10 35.63 1.12
CA SER E 168 4.75 34.30 0.64
C SER E 168 3.47 34.31 -0.19
N LYS E 169 2.48 35.09 0.24
CA LYS E 169 1.19 35.09 -0.44
C LYS E 169 1.06 36.25 -1.43
N ASP E 170 1.21 37.49 -0.95
CA ASP E 170 1.03 38.65 -1.81
C ASP E 170 2.20 38.90 -2.73
N SER E 171 3.34 38.26 -2.48
CA SER E 171 4.58 38.42 -3.26
C SER E 171 4.98 39.88 -3.45
N THR E 172 4.66 40.72 -2.46
CA THR E 172 5.03 42.13 -2.53
C THR E 172 6.23 42.39 -1.62
N TYR E 173 6.57 43.67 -1.48
CA TYR E 173 7.68 44.11 -0.64
C TYR E 173 7.22 45.23 0.28
N SER E 174 7.80 45.25 1.48
CA SER E 174 7.52 46.29 2.46
C SER E 174 8.84 46.91 2.91
N LEU E 175 8.80 48.22 3.18
CA LEU E 175 10.00 48.97 3.53
C LEU E 175 9.71 49.83 4.74
N SER E 176 10.74 50.07 5.56
CA SER E 176 10.65 50.97 6.69
C SER E 176 11.92 51.80 6.75
N SER E 177 11.77 53.12 6.64
CA SER E 177 12.90 54.04 6.72
C SER E 177 12.83 54.79 8.05
N THR E 178 13.94 54.78 8.77
CA THR E 178 14.02 55.40 10.09
C THR E 178 15.05 56.51 10.06
N LEU E 179 14.69 57.68 10.57
CA LEU E 179 15.60 58.81 10.61
C LEU E 179 16.38 58.83 11.92
N VAL E 191 8.82 69.69 10.25
CA VAL E 191 7.71 68.98 9.63
C VAL E 191 8.04 67.51 9.47
N TYR E 192 9.25 67.23 8.98
CA TYR E 192 9.73 65.86 8.77
C TYR E 192 8.78 65.09 7.85
N ALA E 193 8.55 65.64 6.65
CA ALA E 193 7.62 65.04 5.71
C ALA E 193 8.34 64.03 4.83
N CYS E 194 7.95 62.76 4.94
CA CYS E 194 8.53 61.70 4.12
C CYS E 194 8.01 61.80 2.68
N GLU E 195 8.93 61.73 1.73
CA GLU E 195 8.62 61.71 0.31
C GLU E 195 9.06 60.38 -0.28
N VAL E 196 8.17 59.75 -1.05
CA VAL E 196 8.43 58.45 -1.64
C VAL E 196 8.25 58.54 -3.15
N THR E 197 9.26 58.06 -3.89
CA THR E 197 9.14 57.92 -5.33
C THR E 197 9.34 56.47 -5.71
N HIS E 198 8.45 55.99 -6.59
CA HIS E 198 8.41 54.59 -6.99
C HIS E 198 7.68 54.51 -8.32
N GLN E 199 8.06 53.51 -9.13
CA GLN E 199 7.50 53.41 -10.48
C GLN E 199 6.02 53.10 -10.49
N GLY E 200 5.44 52.69 -9.36
CA GLY E 200 4.01 52.45 -9.28
C GLY E 200 3.17 53.69 -9.02
N LEU E 201 3.80 54.86 -8.95
CA LEU E 201 3.07 56.10 -8.71
C LEU E 201 3.00 56.95 -9.97
N PRO E 204 5.21 60.25 -6.80
CA PRO E 204 5.76 60.83 -5.58
C PRO E 204 4.69 61.16 -4.54
N VAL E 205 4.70 60.44 -3.42
CA VAL E 205 3.75 60.65 -2.34
C VAL E 205 4.49 61.26 -1.16
N THR E 206 4.03 62.42 -0.70
CA THR E 206 4.63 63.13 0.42
C THR E 206 3.61 63.20 1.55
N LYS E 207 4.02 62.76 2.74
CA LYS E 207 3.11 62.76 3.88
C LYS E 207 3.91 63.04 5.15
N SER E 208 3.27 63.69 6.10
CA SER E 208 3.88 64.01 7.39
C SER E 208 2.93 63.69 8.54
N GLU F 1 22.73 10.96 7.37
CA GLU F 1 24.02 10.32 7.13
C GLU F 1 25.16 11.30 7.37
N VAL F 2 25.59 11.99 6.30
CA VAL F 2 26.65 12.98 6.42
C VAL F 2 26.14 14.16 7.25
N GLN F 3 26.99 14.68 8.14
CA GLN F 3 26.57 15.72 9.05
C GLN F 3 27.80 16.45 9.58
N LEU F 4 27.65 17.75 9.76
CA LEU F 4 28.70 18.61 10.28
C LEU F 4 28.11 19.55 11.33
N VAL F 5 28.66 19.49 12.54
CA VAL F 5 28.12 20.24 13.68
C VAL F 5 29.14 21.28 14.08
N GLU F 6 28.71 22.55 14.13
CA GLU F 6 29.60 23.64 14.48
C GLU F 6 29.37 24.11 15.90
N SER F 7 30.44 24.57 16.54
CA SER F 7 30.38 25.04 17.91
C SER F 7 31.49 26.06 18.14
N GLY F 8 31.38 26.80 19.23
CA GLY F 8 32.36 27.77 19.61
C GLY F 8 32.04 29.19 19.20
N GLY F 9 30.99 29.41 18.42
CA GLY F 9 30.63 30.76 18.02
C GLY F 9 29.81 31.46 19.10
N GLY F 10 30.01 32.76 19.22
CA GLY F 10 29.29 33.54 20.19
C GLY F 10 29.81 34.96 20.27
N LEU F 11 29.35 35.67 21.28
CA LEU F 11 29.77 37.05 21.49
C LEU F 11 31.25 37.11 21.86
N VAL F 12 31.95 38.10 21.29
CA VAL F 12 33.36 38.32 21.56
C VAL F 12 33.68 39.78 21.29
N GLN F 13 34.62 40.32 22.06
CA GLN F 13 35.00 41.71 21.89
C GLN F 13 35.98 41.86 20.73
N PRO F 14 36.01 43.03 20.08
CA PRO F 14 37.02 43.27 19.05
C PRO F 14 38.43 43.17 19.61
N GLY F 15 39.33 42.59 18.82
CA GLY F 15 40.69 42.36 19.24
C GLY F 15 40.91 41.08 20.02
N ARG F 16 39.84 40.35 20.36
CA ARG F 16 39.97 39.10 21.08
C ARG F 16 40.06 37.94 20.09
N SER F 17 39.92 36.71 20.59
CA SER F 17 40.08 35.53 19.76
C SER F 17 38.97 34.53 20.06
N LEU F 18 38.66 33.71 19.07
CA LEU F 18 37.72 32.61 19.20
C LEU F 18 38.31 31.36 18.56
N ARG F 19 37.66 30.23 18.78
CA ARG F 19 38.09 28.97 18.19
C ARG F 19 36.85 28.18 17.80
N LEU F 20 36.46 28.25 16.53
CA LEU F 20 35.34 27.48 16.04
C LEU F 20 35.73 26.04 15.79
N SER F 21 34.89 25.12 16.23
CA SER F 21 35.11 23.70 16.04
C SER F 21 33.97 23.12 15.21
N CYS F 22 34.30 22.09 14.43
CA CYS F 22 33.35 21.45 13.55
C CYS F 22 33.57 19.94 13.61
N ALA F 23 32.55 19.22 14.08
CA ALA F 23 32.60 17.77 14.21
C ALA F 23 31.94 17.14 12.99
N ALA F 24 32.61 16.16 12.40
CA ALA F 24 32.12 15.43 11.23
C ALA F 24 31.71 14.03 11.67
N SER F 25 30.57 13.57 11.17
CA SER F 25 30.00 12.31 11.63
C SER F 25 29.95 11.22 10.56
N GLY F 26 29.33 11.49 9.42
CA GLY F 26 29.00 10.42 8.50
C GLY F 26 29.79 10.33 7.21
N PHE F 27 31.09 10.63 7.26
CA PHE F 27 31.93 10.47 6.08
C PHE F 27 33.38 10.35 6.52
N THR F 28 34.23 9.90 5.59
CA THR F 28 35.66 9.77 5.82
C THR F 28 36.27 11.16 5.88
N PHE F 29 36.55 11.62 7.10
CA PHE F 29 36.99 13.00 7.29
C PHE F 29 38.35 13.26 6.65
N ASP F 30 39.28 12.33 6.76
CA ASP F 30 40.65 12.53 6.28
C ASP F 30 40.78 12.36 4.77
N ASP F 31 39.68 12.37 4.03
CA ASP F 31 39.73 12.25 2.58
C ASP F 31 39.31 13.51 1.85
N PHE F 32 38.64 14.43 2.52
CA PHE F 32 38.05 15.61 1.89
C PHE F 32 38.67 16.89 2.43
N ALA F 33 39.00 17.80 1.52
CA ALA F 33 39.38 19.15 1.93
C ALA F 33 38.20 19.83 2.62
N MET F 34 38.49 20.55 3.70
CA MET F 34 37.46 21.08 4.56
C MET F 34 37.57 22.59 4.59
N HIS F 35 36.43 23.28 4.43
CA HIS F 35 36.42 24.72 4.24
C HIS F 35 35.62 25.41 5.32
N TRP F 36 36.05 26.62 5.67
CA TRP F 36 35.30 27.53 6.51
C TRP F 36 34.78 28.65 5.63
N VAL F 37 33.46 28.85 5.64
CA VAL F 37 32.77 29.84 4.83
C VAL F 37 32.06 30.80 5.78
N ARG F 38 31.82 32.02 5.30
CA ARG F 38 31.34 33.11 6.14
C ARG F 38 30.25 33.86 5.41
N GLN F 39 29.11 34.06 6.09
CA GLN F 39 27.98 34.78 5.50
C GLN F 39 27.54 35.86 6.48
N ALA F 40 27.76 37.12 6.12
CA ALA F 40 27.31 38.21 6.95
C ALA F 40 25.79 38.28 6.96
N PRO F 41 25.19 38.80 8.03
CA PRO F 41 23.72 38.91 8.07
C PRO F 41 23.17 39.75 6.93
N GLY F 42 22.40 39.12 6.05
CA GLY F 42 21.86 39.79 4.89
C GLY F 42 22.78 39.91 3.70
N LYS F 43 23.99 39.37 3.78
CA LYS F 43 24.98 39.46 2.72
C LYS F 43 25.19 38.08 2.09
N GLY F 44 26.13 38.02 1.15
CA GLY F 44 26.40 36.80 0.42
C GLY F 44 27.44 35.92 1.11
N LEU F 45 27.80 34.85 0.42
CA LEU F 45 28.78 33.91 0.92
C LEU F 45 30.19 34.45 0.72
N GLU F 46 31.11 34.06 1.60
CA GLU F 46 32.50 34.48 1.53
C GLU F 46 33.38 33.36 2.08
N TRP F 47 34.03 32.63 1.18
CA TRP F 47 34.97 31.59 1.56
C TRP F 47 36.17 32.22 2.26
N VAL F 48 36.38 31.85 3.53
CA VAL F 48 37.44 32.46 4.32
C VAL F 48 38.62 31.51 4.52
N SER F 49 38.39 30.20 4.54
CA SER F 49 39.54 29.32 4.75
C SER F 49 39.28 27.94 4.17
N GLY F 50 40.37 27.22 3.95
CA GLY F 50 40.28 25.85 3.47
C GLY F 50 41.56 25.10 3.78
N ILE F 51 41.41 23.81 4.08
CA ILE F 51 42.54 22.96 4.43
C ILE F 51 42.43 21.66 3.67
N SER F 52 43.57 21.10 3.29
CA SER F 52 43.60 19.83 2.58
C SER F 52 43.48 18.67 3.57
N TRP F 53 43.44 17.45 3.03
CA TRP F 53 43.25 16.28 3.87
C TRP F 53 44.42 16.07 4.82
N ASN F 54 45.64 16.29 4.36
CA ASN F 54 46.83 16.13 5.18
C ASN F 54 47.36 17.46 5.70
N SER F 55 46.58 18.54 5.59
CA SER F 55 46.93 19.88 6.03
C SER F 55 48.13 20.46 5.29
N GLY F 56 48.58 19.80 4.23
CA GLY F 56 49.69 20.33 3.46
C GLY F 56 49.33 21.61 2.73
N ASN F 57 48.15 21.67 2.13
CA ASN F 57 47.68 22.83 1.41
C ASN F 57 46.66 23.58 2.26
N ILE F 58 47.01 24.80 2.66
CA ILE F 58 46.16 25.64 3.49
C ILE F 58 45.98 26.97 2.79
N GLY F 59 44.72 27.42 2.68
CA GLY F 59 44.42 28.66 2.01
C GLY F 59 43.51 29.53 2.84
N TYR F 60 43.78 30.83 2.80
CA TYR F 60 42.96 31.82 3.50
C TYR F 60 42.55 32.90 2.51
N ALA F 61 41.39 33.51 2.76
CA ALA F 61 41.01 34.69 2.01
C ALA F 61 41.93 35.85 2.36
N ASP F 62 42.04 36.80 1.44
CA ASP F 62 42.94 37.94 1.65
C ASP F 62 42.53 38.78 2.86
N SER F 63 41.25 38.75 3.24
CA SER F 63 40.80 39.55 4.36
C SER F 63 41.04 38.88 5.71
N VAL F 64 41.37 37.59 5.72
CA VAL F 64 41.57 36.87 6.98
C VAL F 64 43.00 36.35 7.06
N LYS F 65 43.77 36.57 6.00
CA LYS F 65 45.15 36.08 5.99
C LYS F 65 45.99 36.86 6.99
N GLY F 66 46.81 36.14 7.76
CA GLY F 66 47.59 36.74 8.82
C GLY F 66 46.91 36.82 10.16
N ARG F 67 45.60 36.52 10.22
CA ARG F 67 44.85 36.53 11.46
C ARG F 67 44.26 35.16 11.79
N PHE F 68 43.61 34.52 10.84
CA PHE F 68 42.95 33.25 11.08
C PHE F 68 43.95 32.10 10.93
N THR F 69 43.55 30.94 11.44
CA THR F 69 44.37 29.75 11.34
C THR F 69 43.44 28.54 11.28
N ILE F 70 43.43 27.85 10.14
CA ILE F 70 42.65 26.64 10.01
C ILE F 70 43.52 25.44 10.36
N SER F 71 42.89 24.42 10.92
CA SER F 71 43.58 23.18 11.30
C SER F 71 42.56 22.07 11.34
N ARG F 72 43.06 20.84 11.44
CA ARG F 72 42.17 19.69 11.50
C ARG F 72 42.83 18.57 12.30
N ASP F 73 41.99 17.80 12.98
CA ASP F 73 42.41 16.59 13.68
C ASP F 73 41.66 15.43 13.03
N ASN F 74 42.37 14.65 12.23
CA ASN F 74 41.75 13.52 11.54
C ASN F 74 41.38 12.41 12.52
N ALA F 75 42.19 12.22 13.57
CA ALA F 75 41.87 11.21 14.58
C ALA F 75 40.56 11.52 15.30
N LYS F 76 40.25 12.80 15.51
CA LYS F 76 39.00 13.21 16.13
C LYS F 76 37.95 13.62 15.12
N ASN F 77 38.26 13.55 13.82
CA ASN F 77 37.33 13.93 12.76
C ASN F 77 36.79 15.34 12.97
N SER F 78 37.69 16.27 13.27
CA SER F 78 37.30 17.62 13.66
C SER F 78 38.08 18.65 12.87
N LEU F 79 37.46 19.81 12.67
CA LEU F 79 38.05 20.94 11.98
C LEU F 79 38.01 22.15 12.90
N TYR F 80 39.11 22.90 12.94
CA TYR F 80 39.23 24.05 13.83
C TYR F 80 39.58 25.29 13.04
N LEU F 81 39.03 26.42 13.49
CA LEU F 81 39.36 27.74 12.96
C LEU F 81 39.64 28.65 14.15
N GLN F 82 40.92 28.94 14.37
CA GLN F 82 41.30 29.94 15.35
C GLN F 82 41.22 31.32 14.72
N MET F 83 40.55 32.25 15.40
CA MET F 83 40.27 33.59 14.88
C MET F 83 40.85 34.61 15.87
N ASN F 84 42.00 35.16 15.51
CA ASN F 84 42.68 36.13 16.35
C ASN F 84 42.52 37.55 15.77
N SER F 85 42.62 38.53 16.66
CA SER F 85 42.54 39.95 16.30
C SER F 85 41.26 40.24 15.52
N LEU F 86 40.14 39.79 16.07
CA LEU F 86 38.86 39.92 15.40
C LEU F 86 38.43 41.38 15.31
N ARG F 87 37.50 41.65 14.40
CA ARG F 87 37.00 42.99 14.15
C ARG F 87 35.49 42.94 13.96
N ALA F 88 34.88 44.12 13.87
CA ALA F 88 33.44 44.21 13.68
C ALA F 88 33.02 43.74 12.29
N GLU F 89 33.98 43.55 11.39
CA GLU F 89 33.66 43.05 10.05
C GLU F 89 33.69 41.52 9.99
N ASP F 90 34.01 40.85 11.09
CA ASP F 90 34.09 39.40 11.12
C ASP F 90 32.86 38.75 11.73
N THR F 91 31.84 39.52 12.11
CA THR F 91 30.62 38.94 12.66
C THR F 91 29.76 38.41 11.53
N ALA F 92 29.45 37.11 11.58
CA ALA F 92 28.71 36.46 10.52
C ALA F 92 28.40 35.03 10.94
N LEU F 93 27.62 34.35 10.10
CA LEU F 93 27.40 32.93 10.29
C LEU F 93 28.49 32.14 9.58
N TYR F 94 29.17 31.27 10.32
CA TYR F 94 30.27 30.47 9.80
C TYR F 94 29.77 29.07 9.49
N TYR F 95 30.02 28.63 8.27
CA TYR F 95 29.64 27.31 7.80
C TYR F 95 30.89 26.44 7.68
N CYS F 96 30.82 25.24 8.24
CA CYS F 96 31.84 24.23 8.02
C CYS F 96 31.44 23.33 6.87
N ALA F 97 32.08 23.52 5.71
CA ALA F 97 31.65 22.89 4.48
C ALA F 97 32.64 21.83 4.05
N LYS F 98 32.12 20.73 3.50
CA LYS F 98 32.93 19.62 3.04
C LYS F 98 33.02 19.66 1.51
N ASP F 99 34.23 19.56 0.99
CA ASP F 99 34.42 19.58 -0.46
C ASP F 99 33.84 18.33 -1.09
N LYS F 100 33.21 18.50 -2.25
CA LYS F 100 32.60 17.38 -2.94
C LYS F 100 33.65 16.41 -3.50
N SER F 101 34.75 16.94 -4.02
CA SER F 101 35.73 16.10 -4.70
C SER F 101 36.43 15.17 -3.70
N GLY F 102 36.56 13.90 -4.08
CA GLY F 102 37.36 12.97 -3.33
C GLY F 102 38.83 12.95 -3.70
N SER F 103 39.22 13.73 -4.72
CA SER F 103 40.58 13.86 -5.20
C SER F 103 41.27 15.02 -4.51
N PRO F 104 42.41 14.80 -3.86
CA PRO F 104 43.13 15.92 -3.23
C PRO F 104 43.63 16.96 -4.23
N TYR F 105 43.67 16.63 -5.53
CA TYR F 105 44.22 17.53 -6.52
C TYR F 105 43.18 18.43 -7.19
N TYR F 106 41.92 18.33 -6.79
CA TYR F 106 40.87 19.10 -7.44
C TYR F 106 39.86 19.58 -6.39
N TYR F 107 39.11 20.62 -6.75
CA TYR F 107 38.00 21.10 -5.96
C TYR F 107 36.73 21.06 -6.81
N TYR F 108 35.69 20.44 -6.27
CA TYR F 108 34.40 20.30 -6.95
C TYR F 108 33.31 21.03 -6.17
N GLY F 109 33.62 22.23 -5.70
CA GLY F 109 32.65 22.93 -4.90
C GLY F 109 32.53 22.31 -3.52
N MET F 110 31.38 22.55 -2.90
CA MET F 110 31.11 22.13 -1.53
C MET F 110 29.70 21.57 -1.46
N ASP F 111 29.58 20.28 -1.15
CA ASP F 111 28.31 19.59 -1.23
C ASP F 111 27.60 19.46 0.11
N VAL F 112 28.33 19.47 1.22
CA VAL F 112 27.74 19.30 2.55
C VAL F 112 28.07 20.53 3.37
N TRP F 113 27.03 21.18 3.90
CA TRP F 113 27.18 22.34 4.76
C TRP F 113 26.51 22.08 6.09
N GLY F 114 27.25 22.26 7.17
CA GLY F 114 26.64 22.23 8.48
C GLY F 114 25.90 23.51 8.78
N GLN F 115 24.98 23.43 9.75
CA GLN F 115 24.25 24.63 10.18
C GLN F 115 25.26 25.61 10.76
N GLY F 116 25.15 26.87 10.37
CA GLY F 116 26.18 27.84 10.70
C GLY F 116 26.18 28.19 12.18
N THR F 117 27.35 28.62 12.64
CA THR F 117 27.50 29.15 13.99
C THR F 117 27.68 30.65 13.92
N MET F 118 26.92 31.39 14.72
CA MET F 118 26.91 32.85 14.62
C MET F 118 28.01 33.43 15.48
N VAL F 119 28.99 34.07 14.85
CA VAL F 119 30.08 34.74 15.55
C VAL F 119 29.83 36.23 15.49
N THR F 120 29.55 36.83 16.65
CA THR F 120 29.26 38.26 16.73
C THR F 120 30.40 38.95 17.44
N VAL F 121 31.01 39.93 16.78
CA VAL F 121 32.10 40.70 17.35
C VAL F 121 31.60 42.12 17.56
N SER F 122 31.47 42.53 18.82
CA SER F 122 30.99 43.86 19.15
C SER F 122 31.41 44.20 20.57
N SER F 123 31.65 45.50 20.80
CA SER F 123 31.98 45.98 22.12
C SER F 123 30.76 46.34 22.94
N ALA F 124 29.57 46.32 22.34
CA ALA F 124 28.36 46.65 23.07
C ALA F 124 27.98 45.53 24.02
N SER F 125 27.43 45.89 25.18
CA SER F 125 27.00 44.91 26.16
C SER F 125 25.56 44.50 25.90
N THR F 126 25.22 43.30 26.38
CA THR F 126 23.86 42.80 26.23
C THR F 126 22.90 43.60 27.11
N LYS F 127 21.82 44.09 26.53
CA LYS F 127 20.84 44.88 27.27
C LYS F 127 19.46 44.68 26.65
N GLY F 128 18.44 44.98 27.45
CA GLY F 128 17.07 44.79 27.05
C GLY F 128 16.61 45.75 25.97
N PRO F 129 15.64 45.32 25.17
CA PRO F 129 15.10 46.20 24.14
C PRO F 129 14.35 47.38 24.73
N SER F 130 14.32 48.48 23.97
CA SER F 130 13.47 49.62 24.31
C SER F 130 12.33 49.69 23.31
N VAL F 131 11.10 49.61 23.79
CA VAL F 131 9.92 49.51 22.94
C VAL F 131 9.23 50.87 22.88
N PHE F 132 8.94 51.34 21.68
CA PHE F 132 8.22 52.59 21.46
C PHE F 132 6.99 52.33 20.60
N PRO F 133 5.91 53.07 20.83
CA PRO F 133 4.72 52.90 19.99
C PRO F 133 4.86 53.65 18.68
N LEU F 134 4.08 53.23 17.69
CA LEU F 134 4.07 53.86 16.39
C LEU F 134 2.64 53.90 15.86
N THR F 145 -7.39 53.35 5.17
CA THR F 145 -6.54 52.33 5.75
C THR F 145 -5.56 52.94 6.75
N ALA F 146 -5.34 52.25 7.87
CA ALA F 146 -4.45 52.75 8.91
C ALA F 146 -3.48 51.65 9.32
N ALA F 147 -2.28 52.07 9.73
CA ALA F 147 -1.25 51.15 10.14
C ALA F 147 -0.74 51.54 11.52
N LEU F 148 -0.33 50.53 12.28
CA LEU F 148 0.20 50.72 13.62
C LEU F 148 1.44 49.85 13.76
N GLY F 149 2.16 50.03 14.86
CA GLY F 149 3.31 49.19 15.06
C GLY F 149 4.10 49.54 16.30
N CYS F 150 5.22 48.83 16.47
CA CYS F 150 6.13 49.06 17.58
C CYS F 150 7.57 49.07 17.06
N LEU F 151 8.36 49.97 17.65
CA LEU F 151 9.77 50.12 17.33
C LEU F 151 10.60 49.55 18.47
N VAL F 152 11.41 48.53 18.17
CA VAL F 152 12.24 47.86 19.16
C VAL F 152 13.67 48.31 18.96
N LYS F 153 14.08 49.33 19.70
CA LYS F 153 15.36 49.99 19.49
C LYS F 153 16.35 49.66 20.60
N ASP F 154 17.64 49.80 20.28
CA ASP F 154 18.75 49.67 21.22
C ASP F 154 18.79 48.31 21.90
N TYR F 155 18.54 47.23 21.18
CA TYR F 155 18.62 45.90 21.76
C TYR F 155 19.83 45.15 21.20
N PHE F 156 20.35 44.23 22.01
CA PHE F 156 21.55 43.48 21.68
C PHE F 156 21.56 42.21 22.49
N PRO F 157 21.92 41.06 21.90
CA PRO F 157 22.37 40.84 20.52
C PRO F 157 21.26 40.80 19.49
N GLU F 158 21.57 40.23 18.32
CA GLU F 158 20.63 40.23 17.20
C GLU F 158 19.30 39.51 17.47
N PRO F 159 19.26 38.29 18.02
CA PRO F 159 17.98 37.55 18.04
C PRO F 159 16.95 38.22 18.93
N VAL F 160 15.74 38.37 18.40
CA VAL F 160 14.60 38.92 19.13
C VAL F 160 13.34 38.52 18.40
N THR F 161 12.23 38.42 19.14
CA THR F 161 10.95 38.03 18.58
C THR F 161 9.90 39.09 18.87
N VAL F 162 9.08 39.41 17.87
CA VAL F 162 7.99 40.36 18.01
C VAL F 162 6.71 39.72 17.56
N SER F 163 5.66 39.82 18.38
CA SER F 163 4.36 39.25 18.07
C SER F 163 3.27 40.26 18.42
N TRP F 164 2.06 39.97 17.98
CA TRP F 164 0.92 40.83 18.26
C TRP F 164 -0.26 40.02 18.77
N VAL F 173 1.16 41.59 9.52
CA VAL F 173 2.30 41.62 10.42
C VAL F 173 3.61 41.58 9.64
N HIS F 174 4.26 42.72 9.52
CA HIS F 174 5.53 42.84 8.81
C HIS F 174 6.65 43.05 9.83
N THR F 175 7.57 42.10 9.90
CA THR F 175 8.72 42.18 10.79
C THR F 175 9.96 42.42 9.93
N PHE F 176 10.47 43.65 9.96
CA PHE F 176 11.61 44.05 9.15
C PHE F 176 12.89 43.41 9.69
N PRO F 177 13.93 43.30 8.86
CA PRO F 177 15.22 42.85 9.37
C PRO F 177 15.84 43.90 10.31
N ALA F 178 16.67 43.42 11.22
CA ALA F 178 17.33 44.31 12.16
C ALA F 178 18.45 45.10 11.48
N VAL F 179 18.73 46.28 12.03
CA VAL F 179 19.76 47.17 11.50
C VAL F 179 20.64 47.64 12.65
N LEU F 180 21.96 47.54 12.46
CA LEU F 180 22.90 47.99 13.47
C LEU F 180 22.99 49.51 13.48
N GLN F 181 22.95 50.09 14.68
CA GLN F 181 23.16 51.52 14.82
C GLN F 181 24.65 51.85 14.74
N SER F 182 24.95 53.14 14.89
CA SER F 182 26.35 53.56 15.01
C SER F 182 26.94 53.21 16.35
N SER F 183 26.10 52.88 17.34
CA SER F 183 26.56 52.50 18.67
C SER F 183 26.69 50.99 18.85
N GLY F 184 26.44 50.21 17.81
CA GLY F 184 26.54 48.77 17.91
C GLY F 184 25.30 48.06 18.42
N LEU F 185 24.22 48.79 18.66
CA LEU F 185 22.99 48.21 19.16
C LEU F 185 21.97 48.07 18.02
N TYR F 186 21.36 46.90 17.93
CA TYR F 186 20.41 46.61 16.86
C TYR F 186 19.13 47.40 17.04
N SER F 187 18.45 47.67 15.93
CA SER F 187 17.14 48.29 15.91
C SER F 187 16.19 47.45 15.09
N LEU F 188 14.89 47.62 15.32
CA LEU F 188 13.90 46.77 14.68
C LEU F 188 12.58 47.52 14.66
N SER F 189 11.71 47.14 13.72
CA SER F 189 10.37 47.70 13.65
C SER F 189 9.41 46.63 13.18
N SER F 190 8.23 46.60 13.78
CA SER F 190 7.16 45.71 13.35
C SER F 190 5.89 46.53 13.16
N VAL F 191 5.18 46.26 12.07
CA VAL F 191 4.00 47.03 11.71
C VAL F 191 2.87 46.07 11.33
N VAL F 192 1.64 46.57 11.48
CA VAL F 192 0.42 45.83 11.18
C VAL F 192 -0.59 46.80 10.60
N THR F 193 -1.56 46.25 9.86
CA THR F 193 -2.64 47.05 9.30
C THR F 193 -3.92 46.86 10.11
N VAL F 194 -4.49 47.96 10.58
CA VAL F 194 -5.70 47.90 11.39
C VAL F 194 -6.90 48.34 10.58
N ILE F 205 -1.44 44.73 20.79
CA ILE F 205 -0.35 44.93 21.74
C ILE F 205 0.91 44.26 21.24
N CYS F 206 1.99 45.03 21.13
CA CYS F 206 3.26 44.50 20.65
C CYS F 206 3.97 43.78 21.79
N ASN F 207 4.27 42.50 21.59
CA ASN F 207 4.99 41.69 22.56
C ASN F 207 6.39 41.42 22.03
N VAL F 208 7.39 41.83 22.79
CA VAL F 208 8.80 41.69 22.41
C VAL F 208 9.46 40.74 23.39
N ASN F 209 10.07 39.69 22.86
CA ASN F 209 10.78 38.69 23.65
C ASN F 209 12.24 38.68 23.23
N HIS F 210 13.14 38.92 24.19
CA HIS F 210 14.59 38.93 23.95
C HIS F 210 15.19 37.91 24.91
N LYS F 211 15.44 36.71 24.39
CA LYS F 211 15.97 35.63 25.21
C LYS F 211 17.34 35.90 25.83
N PRO F 212 18.34 36.43 25.11
CA PRO F 212 19.66 36.63 25.75
C PRO F 212 19.61 37.53 26.98
N SER F 213 18.77 38.57 26.98
CA SER F 213 18.62 39.43 28.14
C SER F 213 17.45 39.01 29.03
N ASN F 214 16.75 37.93 28.66
CA ASN F 214 15.60 37.44 29.43
C ASN F 214 14.55 38.54 29.63
N THR F 215 14.22 39.25 28.55
CA THR F 215 13.30 40.37 28.62
C THR F 215 12.02 40.03 27.87
N LYS F 216 10.88 40.46 28.43
CA LYS F 216 9.60 40.28 27.79
C LYS F 216 8.74 41.49 28.08
N VAL F 217 8.46 42.28 27.04
CA VAL F 217 7.75 43.54 27.18
C VAL F 217 6.49 43.49 26.33
N ASP F 218 5.34 43.69 26.95
CA ASP F 218 4.06 43.78 26.25
C ASP F 218 3.57 45.22 26.31
N LYS F 219 3.76 45.96 25.22
CA LYS F 219 3.43 47.38 25.18
C LYS F 219 2.26 47.59 24.24
N ARG F 220 1.21 48.25 24.73
CA ARG F 220 0.05 48.55 23.92
C ARG F 220 0.21 49.89 23.20
N VAL F 221 -0.39 49.96 22.01
CA VAL F 221 -0.31 51.18 21.21
C VAL F 221 -1.65 51.46 20.54
#